data_1X5C
#
_entry.id   1X5C
#
_entity_poly.entity_id   1
_entity_poly.type   'polypeptide(L)'
_entity_poly.pdbx_seq_one_letter_code
;GSSGSSGPVKVLVGKNFEDVAFDEKKNVFVEFYAPWCGHCKQLAPIWDKLGETYKDHENIVIAKMDSTANEVEAVKVHSF
PTLKFFPASADRTVIDYNGERTLDGFKKFLESGGQSGPSSG
;
_entity_poly.pdbx_strand_id   A
#
# COMPACT_ATOMS: atom_id res chain seq x y z
N GLY A 1 -25.63 -5.26 12.08
CA GLY A 1 -25.17 -5.40 10.71
C GLY A 1 -25.97 -6.44 9.95
N SER A 2 -26.69 -5.99 8.93
CA SER A 2 -27.51 -6.90 8.11
C SER A 2 -26.66 -7.54 7.02
N SER A 3 -26.09 -6.71 6.15
CA SER A 3 -25.27 -7.19 5.05
C SER A 3 -24.40 -6.06 4.49
N GLY A 4 -23.09 -6.15 4.76
CA GLY A 4 -22.17 -5.15 4.29
C GLY A 4 -21.37 -5.62 3.09
N SER A 5 -20.63 -4.70 2.47
CA SER A 5 -19.82 -5.02 1.30
C SER A 5 -18.40 -4.50 1.47
N SER A 6 -18.28 -3.23 1.87
CA SER A 6 -16.98 -2.61 2.06
C SER A 6 -16.00 -3.57 2.75
N GLY A 7 -14.71 -3.30 2.60
CA GLY A 7 -13.71 -4.15 3.21
C GLY A 7 -12.68 -3.36 3.98
N PRO A 8 -11.78 -4.08 4.69
CA PRO A 8 -10.73 -3.46 5.49
C PRO A 8 -9.65 -2.79 4.63
N VAL A 9 -9.16 -3.54 3.64
CA VAL A 9 -8.13 -3.03 2.74
C VAL A 9 -8.60 -3.07 1.29
N LYS A 10 -8.38 -1.97 0.57
CA LYS A 10 -8.79 -1.88 -0.83
C LYS A 10 -8.00 -2.86 -1.68
N VAL A 11 -8.65 -3.38 -2.73
CA VAL A 11 -8.01 -4.33 -3.63
C VAL A 11 -7.71 -3.69 -4.98
N LEU A 12 -6.44 -3.35 -5.20
CA LEU A 12 -6.03 -2.73 -6.45
C LEU A 12 -5.76 -3.79 -7.51
N VAL A 13 -6.09 -3.47 -8.76
CA VAL A 13 -5.89 -4.39 -9.87
C VAL A 13 -5.10 -3.72 -10.99
N GLY A 14 -4.52 -4.54 -11.86
CA GLY A 14 -3.74 -4.01 -12.97
C GLY A 14 -4.60 -3.28 -13.98
N LYS A 15 -5.91 -3.24 -13.73
CA LYS A 15 -6.85 -2.57 -14.62
C LYS A 15 -7.02 -1.11 -14.22
N ASN A 16 -7.21 -0.87 -12.92
CA ASN A 16 -7.39 0.48 -12.41
C ASN A 16 -6.47 0.74 -11.22
N PHE A 17 -5.37 0.01 -11.17
CA PHE A 17 -4.40 0.17 -10.09
C PHE A 17 -4.00 1.63 -9.92
N GLU A 18 -3.41 2.21 -10.96
CA GLU A 18 -2.99 3.60 -10.92
C GLU A 18 -4.18 4.53 -10.74
N ASP A 19 -5.34 4.09 -11.22
CA ASP A 19 -6.56 4.88 -11.13
C ASP A 19 -6.97 5.08 -9.67
N VAL A 20 -6.76 4.05 -8.86
CA VAL A 20 -7.10 4.10 -7.45
C VAL A 20 -5.87 4.37 -6.59
N ALA A 21 -4.88 3.48 -6.70
CA ALA A 21 -3.64 3.61 -5.94
C ALA A 21 -3.09 5.03 -6.04
N PHE A 22 -2.77 5.46 -7.26
CA PHE A 22 -2.24 6.79 -7.49
C PHE A 22 -3.35 7.83 -7.48
N ASP A 23 -3.64 8.37 -6.30
CA ASP A 23 -4.68 9.38 -6.15
C ASP A 23 -4.12 10.65 -5.54
N GLU A 24 -4.50 11.80 -6.11
CA GLU A 24 -4.03 13.08 -5.62
C GLU A 24 -4.58 13.37 -4.22
N LYS A 25 -3.85 14.19 -3.46
CA LYS A 25 -4.27 14.54 -2.11
C LYS A 25 -4.76 13.30 -1.35
N LYS A 26 -4.09 12.18 -1.58
CA LYS A 26 -4.46 10.94 -0.90
C LYS A 26 -3.24 10.02 -0.76
N ASN A 27 -2.92 9.66 0.48
CA ASN A 27 -1.78 8.79 0.76
C ASN A 27 -2.20 7.32 0.73
N VAL A 28 -2.06 6.69 -0.43
CA VAL A 28 -2.43 5.29 -0.59
C VAL A 28 -1.21 4.39 -0.44
N PHE A 29 -1.26 3.49 0.53
CA PHE A 29 -0.16 2.57 0.78
C PHE A 29 -0.46 1.18 0.21
N VAL A 30 0.09 0.90 -0.97
CA VAL A 30 -0.14 -0.39 -1.62
C VAL A 30 0.82 -1.44 -1.08
N GLU A 31 0.47 -2.71 -1.28
CA GLU A 31 1.29 -3.82 -0.81
C GLU A 31 1.34 -4.93 -1.85
N PHE A 32 2.48 -5.04 -2.54
CA PHE A 32 2.66 -6.06 -3.57
C PHE A 32 3.01 -7.40 -2.93
N TYR A 33 2.00 -8.26 -2.78
CA TYR A 33 2.21 -9.58 -2.19
C TYR A 33 2.18 -10.67 -3.26
N ALA A 34 2.51 -11.90 -2.85
CA ALA A 34 2.51 -13.03 -3.77
C ALA A 34 1.69 -14.18 -3.22
N PRO A 35 0.88 -14.81 -4.10
CA PRO A 35 0.04 -15.94 -3.72
C PRO A 35 0.84 -17.20 -3.42
N TRP A 36 2.14 -17.13 -3.67
CA TRP A 36 3.03 -18.26 -3.43
C TRP A 36 4.09 -17.91 -2.39
N CYS A 37 4.63 -16.70 -2.49
CA CYS A 37 5.66 -16.25 -1.56
C CYS A 37 5.23 -16.51 -0.12
N GLY A 38 5.96 -17.40 0.55
CA GLY A 38 5.64 -17.73 1.93
C GLY A 38 5.58 -16.50 2.82
N HIS A 39 6.66 -15.73 2.84
CA HIS A 39 6.72 -14.51 3.66
C HIS A 39 5.46 -13.68 3.46
N CYS A 40 4.97 -13.63 2.23
CA CYS A 40 3.77 -12.85 1.91
C CYS A 40 2.54 -13.45 2.58
N LYS A 41 2.45 -14.78 2.56
CA LYS A 41 1.32 -15.47 3.16
C LYS A 41 1.12 -15.04 4.61
N GLN A 42 2.19 -14.53 5.22
CA GLN A 42 2.14 -14.08 6.61
C GLN A 42 1.70 -12.61 6.67
N LEU A 43 1.88 -11.90 5.58
CA LEU A 43 1.52 -10.49 5.51
C LEU A 43 0.04 -10.32 5.19
N ALA A 44 -0.57 -11.39 4.69
CA ALA A 44 -1.99 -11.36 4.34
C ALA A 44 -2.82 -10.83 5.50
N PRO A 45 -2.67 -11.45 6.67
CA PRO A 45 -3.41 -11.06 7.88
C PRO A 45 -2.95 -9.70 8.42
N ILE A 46 -1.64 -9.55 8.59
CA ILE A 46 -1.07 -8.31 9.10
C ILE A 46 -1.51 -7.12 8.24
N TRP A 47 -1.55 -7.32 6.93
CA TRP A 47 -1.94 -6.27 6.01
C TRP A 47 -3.44 -5.98 6.13
N ASP A 48 -4.22 -7.01 6.40
CA ASP A 48 -5.67 -6.86 6.54
C ASP A 48 -6.02 -6.20 7.87
N LYS A 49 -5.16 -6.40 8.87
CA LYS A 49 -5.38 -5.83 10.19
C LYS A 49 -5.06 -4.34 10.20
N LEU A 50 -4.17 -3.93 9.30
CA LEU A 50 -3.77 -2.53 9.20
C LEU A 50 -4.72 -1.75 8.29
N GLY A 51 -5.19 -2.41 7.23
CA GLY A 51 -6.11 -1.77 6.32
C GLY A 51 -7.38 -1.31 6.98
N GLU A 52 -7.94 -2.16 7.85
CA GLU A 52 -9.17 -1.84 8.56
C GLU A 52 -8.97 -0.63 9.47
N THR A 53 -7.72 -0.41 9.89
CA THR A 53 -7.40 0.70 10.77
C THR A 53 -7.51 2.03 10.03
N TYR A 54 -7.15 2.03 8.75
CA TYR A 54 -7.21 3.24 7.94
C TYR A 54 -8.17 3.06 6.78
N LYS A 55 -9.21 2.25 6.99
CA LYS A 55 -10.21 2.00 5.96
C LYS A 55 -11.17 3.18 5.84
N ASP A 56 -11.35 3.91 6.92
CA ASP A 56 -12.23 5.07 6.94
C ASP A 56 -11.46 6.35 7.22
N HIS A 57 -10.16 6.32 6.95
CA HIS A 57 -9.30 7.47 7.17
C HIS A 57 -9.67 8.63 6.24
N GLU A 58 -8.89 9.70 6.29
CA GLU A 58 -9.14 10.86 5.45
C GLU A 58 -8.18 10.88 4.26
N ASN A 59 -6.90 10.73 4.54
CA ASN A 59 -5.88 10.72 3.49
C ASN A 59 -5.18 9.36 3.40
N ILE A 60 -5.16 8.65 4.53
CA ILE A 60 -4.53 7.34 4.58
C ILE A 60 -5.47 6.25 4.06
N VAL A 61 -5.10 5.66 2.93
CA VAL A 61 -5.90 4.60 2.33
C VAL A 61 -5.06 3.37 2.00
N ILE A 62 -5.24 2.31 2.78
CA ILE A 62 -4.49 1.08 2.56
C ILE A 62 -5.05 0.29 1.38
N ALA A 63 -4.17 -0.35 0.63
CA ALA A 63 -4.57 -1.14 -0.53
C ALA A 63 -3.59 -2.29 -0.77
N LYS A 64 -4.09 -3.37 -1.36
CA LYS A 64 -3.27 -4.53 -1.66
C LYS A 64 -3.40 -4.94 -3.13
N MET A 65 -2.28 -5.27 -3.76
CA MET A 65 -2.28 -5.67 -5.15
C MET A 65 -1.40 -6.91 -5.36
N ASP A 66 -1.83 -7.79 -6.26
CA ASP A 66 -1.07 -9.01 -6.55
C ASP A 66 -0.13 -8.79 -7.72
N SER A 67 1.15 -8.57 -7.41
CA SER A 67 2.15 -8.34 -8.44
C SER A 67 2.31 -9.58 -9.32
N THR A 68 1.94 -10.73 -8.79
CA THR A 68 2.03 -11.98 -9.53
C THR A 68 0.84 -12.17 -10.46
N ALA A 69 -0.21 -11.39 -10.21
CA ALA A 69 -1.42 -11.48 -11.03
C ALA A 69 -1.62 -10.20 -11.84
N ASN A 70 -0.95 -9.13 -11.43
CA ASN A 70 -1.05 -7.85 -12.12
C ASN A 70 0.32 -7.20 -12.27
N GLU A 71 0.67 -6.83 -13.50
CA GLU A 71 1.95 -6.19 -13.77
C GLU A 71 1.76 -4.78 -14.31
N VAL A 72 2.41 -3.82 -13.68
CA VAL A 72 2.31 -2.42 -14.09
C VAL A 72 3.69 -1.79 -14.22
N GLU A 73 3.87 -0.96 -15.25
CA GLU A 73 5.14 -0.29 -15.48
C GLU A 73 5.37 0.81 -14.46
N ALA A 74 4.28 1.36 -13.94
CA ALA A 74 4.36 2.42 -12.93
C ALA A 74 5.09 1.95 -11.69
N VAL A 75 5.35 0.65 -11.61
CA VAL A 75 6.04 0.06 -10.47
C VAL A 75 6.64 -1.29 -10.83
N LYS A 76 7.94 -1.42 -10.61
CA LYS A 76 8.65 -2.68 -10.90
C LYS A 76 8.98 -3.42 -9.62
N VAL A 77 8.29 -4.53 -9.38
CA VAL A 77 8.51 -5.34 -8.19
C VAL A 77 9.28 -6.61 -8.53
N HIS A 78 10.53 -6.70 -8.07
CA HIS A 78 11.36 -7.87 -8.33
C HIS A 78 11.56 -8.68 -7.05
N SER A 79 10.63 -8.53 -6.11
CA SER A 79 10.71 -9.25 -4.84
C SER A 79 9.41 -9.12 -4.06
N PHE A 80 9.28 -9.92 -3.01
CA PHE A 80 8.08 -9.89 -2.18
C PHE A 80 8.34 -10.54 -0.82
N PRO A 81 7.60 -10.09 0.20
CA PRO A 81 6.59 -9.03 0.05
C PRO A 81 7.22 -7.67 -0.24
N THR A 82 6.53 -6.86 -1.04
CA THR A 82 7.03 -5.54 -1.39
C THR A 82 5.97 -4.47 -1.10
N LEU A 83 6.35 -3.47 -0.33
CA LEU A 83 5.44 -2.38 0.03
C LEU A 83 5.89 -1.06 -0.61
N LYS A 84 4.93 -0.25 -1.02
CA LYS A 84 5.22 1.03 -1.63
C LYS A 84 4.20 2.08 -1.21
N PHE A 85 4.69 3.18 -0.64
CA PHE A 85 3.82 4.26 -0.19
C PHE A 85 3.66 5.32 -1.28
N PHE A 86 2.41 5.64 -1.62
CA PHE A 86 2.11 6.63 -2.64
C PHE A 86 1.70 7.95 -2.02
N PRO A 87 2.60 8.94 -2.06
CA PRO A 87 2.34 10.28 -1.50
C PRO A 87 1.30 11.05 -2.31
N ALA A 88 0.59 11.95 -1.63
CA ALA A 88 -0.43 12.76 -2.28
C ALA A 88 0.18 13.67 -3.34
N SER A 89 0.55 13.07 -4.47
CA SER A 89 1.16 13.83 -5.56
C SER A 89 0.47 13.51 -6.89
N ALA A 90 0.15 14.54 -7.66
CA ALA A 90 -0.51 14.37 -8.94
C ALA A 90 0.28 13.41 -9.83
N ASP A 91 1.58 13.31 -9.59
CA ASP A 91 2.44 12.43 -10.36
C ASP A 91 2.37 11.00 -9.82
N ARG A 92 3.07 10.09 -10.49
CA ARG A 92 3.09 8.69 -10.08
C ARG A 92 4.26 8.41 -9.13
N THR A 93 4.55 9.38 -8.26
CA THR A 93 5.64 9.25 -7.30
C THR A 93 5.41 8.06 -6.38
N VAL A 94 6.50 7.36 -6.05
CA VAL A 94 6.42 6.20 -5.18
C VAL A 94 7.54 6.21 -4.14
N ILE A 95 7.23 5.74 -2.93
CA ILE A 95 8.21 5.70 -1.86
C ILE A 95 8.42 4.28 -1.35
N ASP A 96 9.67 3.94 -1.05
CA ASP A 96 10.00 2.61 -0.56
C ASP A 96 9.82 2.53 0.96
N TYR A 97 9.10 1.52 1.41
CA TYR A 97 8.85 1.34 2.84
C TYR A 97 10.00 0.58 3.50
N ASN A 98 10.78 1.29 4.29
CA ASN A 98 11.92 0.68 4.98
C ASN A 98 11.69 0.65 6.49
N GLY A 99 10.53 0.15 6.89
CA GLY A 99 10.20 0.07 8.30
C GLY A 99 10.46 -1.30 8.88
N GLU A 100 9.59 -1.74 9.79
CA GLU A 100 9.74 -3.05 10.42
C GLU A 100 8.78 -4.06 9.81
N ARG A 101 7.93 -3.59 8.90
CA ARG A 101 6.96 -4.46 8.25
C ARG A 101 6.02 -5.10 9.27
N THR A 102 5.59 -4.31 10.24
CA THR A 102 4.70 -4.81 11.29
C THR A 102 3.45 -3.93 11.40
N LEU A 103 2.32 -4.57 11.69
CA LEU A 103 1.06 -3.85 11.83
C LEU A 103 1.27 -2.50 12.50
N ASP A 104 1.91 -2.52 13.67
CA ASP A 104 2.18 -1.29 14.41
C ASP A 104 3.21 -0.44 13.69
N GLY A 105 4.18 -1.08 13.06
CA GLY A 105 5.23 -0.37 12.35
C GLY A 105 4.67 0.47 11.21
N PHE A 106 3.70 -0.09 10.49
CA PHE A 106 3.08 0.62 9.37
C PHE A 106 2.47 1.95 9.82
N LYS A 107 1.72 1.89 10.92
CA LYS A 107 1.08 3.09 11.46
C LYS A 107 2.10 4.20 11.68
N LYS A 108 3.29 3.82 12.11
CA LYS A 108 4.36 4.79 12.36
C LYS A 108 4.77 5.49 11.06
N PHE A 109 4.98 4.70 10.02
CA PHE A 109 5.38 5.24 8.72
C PHE A 109 4.27 6.11 8.13
N LEU A 110 3.04 5.64 8.25
CA LEU A 110 1.89 6.38 7.73
C LEU A 110 1.64 7.64 8.55
N GLU A 111 1.29 7.44 9.82
CA GLU A 111 1.02 8.56 10.72
C GLU A 111 1.98 9.70 10.47
N SER A 112 3.23 9.37 10.14
CA SER A 112 4.25 10.38 9.89
C SER A 112 3.97 11.10 8.57
N GLY A 113 3.55 10.35 7.55
CA GLY A 113 3.27 10.93 6.26
C GLY A 113 4.27 10.53 5.20
N GLY A 114 4.75 9.29 5.28
CA GLY A 114 5.72 8.80 4.31
C GLY A 114 7.02 9.57 4.36
N GLN A 115 7.56 9.75 5.56
CA GLN A 115 8.81 10.48 5.72
C GLN A 115 9.96 9.53 6.02
N SER A 116 10.67 9.11 4.97
CA SER A 116 11.80 8.20 5.11
C SER A 116 13.11 8.91 4.81
N GLY A 117 14.17 8.50 5.53
CA GLY A 117 15.47 9.12 5.32
C GLY A 117 16.17 8.58 4.09
N PRO A 118 17.02 9.41 3.47
CA PRO A 118 17.77 9.03 2.27
C PRO A 118 18.84 7.99 2.56
N SER A 119 18.54 6.73 2.26
CA SER A 119 19.48 5.64 2.48
C SER A 119 20.40 5.45 1.28
N SER A 120 21.58 4.91 1.53
CA SER A 120 22.55 4.67 0.46
C SER A 120 22.12 3.52 -0.44
N GLY A 121 22.47 3.61 -1.72
CA GLY A 121 22.10 2.57 -2.66
C GLY A 121 23.30 1.87 -3.24
N GLY A 1 -14.80 12.10 -1.07
CA GLY A 1 -15.87 11.26 -0.57
C GLY A 1 -15.38 10.22 0.41
N SER A 2 -16.02 10.16 1.58
CA SER A 2 -15.64 9.22 2.62
C SER A 2 -16.48 7.95 2.53
N SER A 3 -17.79 8.13 2.43
CA SER A 3 -18.71 6.99 2.35
C SER A 3 -18.19 5.94 1.37
N GLY A 4 -17.92 4.76 1.88
CA GLY A 4 -17.41 3.68 1.04
C GLY A 4 -16.24 2.95 1.67
N SER A 5 -16.46 2.38 2.85
CA SER A 5 -15.41 1.66 3.55
C SER A 5 -15.52 0.15 3.29
N SER A 6 -15.77 -0.21 2.04
CA SER A 6 -15.90 -1.61 1.66
C SER A 6 -14.67 -2.41 2.08
N GLY A 7 -14.88 -3.42 2.90
CA GLY A 7 -13.78 -4.25 3.36
C GLY A 7 -12.72 -3.44 4.10
N PRO A 8 -11.82 -4.14 4.80
CA PRO A 8 -10.74 -3.51 5.56
C PRO A 8 -9.69 -2.88 4.66
N VAL A 9 -9.22 -3.63 3.68
CA VAL A 9 -8.21 -3.15 2.75
C VAL A 9 -8.72 -3.21 1.31
N LYS A 10 -8.49 -2.13 0.56
CA LYS A 10 -8.92 -2.07 -0.83
C LYS A 10 -8.10 -3.02 -1.70
N VAL A 11 -8.72 -3.53 -2.75
CA VAL A 11 -8.06 -4.45 -3.67
C VAL A 11 -7.86 -3.82 -5.04
N LEU A 12 -6.64 -3.41 -5.34
CA LEU A 12 -6.32 -2.79 -6.62
C LEU A 12 -6.02 -3.86 -7.67
N VAL A 13 -6.32 -3.53 -8.93
CA VAL A 13 -6.09 -4.45 -10.03
C VAL A 13 -5.27 -3.79 -11.14
N GLY A 14 -4.80 -4.59 -12.08
CA GLY A 14 -4.01 -4.06 -13.18
C GLY A 14 -4.84 -3.23 -14.15
N LYS A 15 -6.13 -3.07 -13.83
CA LYS A 15 -7.02 -2.29 -14.67
C LYS A 15 -7.15 -0.87 -14.16
N ASN A 16 -7.32 -0.71 -12.85
CA ASN A 16 -7.45 0.60 -12.24
C ASN A 16 -6.49 0.76 -11.06
N PHE A 17 -5.35 0.07 -11.13
CA PHE A 17 -4.36 0.13 -10.07
C PHE A 17 -3.84 1.55 -9.87
N GLU A 18 -3.23 2.10 -10.92
CA GLU A 18 -2.69 3.45 -10.86
C GLU A 18 -3.79 4.46 -10.61
N ASP A 19 -5.02 4.10 -10.95
CA ASP A 19 -6.16 4.97 -10.75
C ASP A 19 -6.38 5.26 -9.27
N VAL A 20 -6.41 4.20 -8.46
CA VAL A 20 -6.61 4.34 -7.03
C VAL A 20 -5.29 4.60 -6.31
N ALA A 21 -4.21 4.02 -6.83
CA ALA A 21 -2.90 4.18 -6.24
C ALA A 21 -2.47 5.65 -6.25
N PHE A 22 -2.31 6.21 -7.45
CA PHE A 22 -1.90 7.60 -7.60
C PHE A 22 -3.10 8.53 -7.45
N ASP A 23 -3.33 9.00 -6.23
CA ASP A 23 -4.45 9.90 -5.96
C ASP A 23 -3.96 11.18 -5.28
N GLU A 24 -4.57 12.30 -5.64
CA GLU A 24 -4.19 13.59 -5.06
C GLU A 24 -4.87 13.80 -3.71
N LYS A 25 -4.16 14.43 -2.78
CA LYS A 25 -4.68 14.69 -1.45
C LYS A 25 -5.12 13.39 -0.77
N LYS A 26 -4.42 12.31 -1.08
CA LYS A 26 -4.74 11.01 -0.49
C LYS A 26 -3.50 10.13 -0.44
N ASN A 27 -3.13 9.69 0.76
CA ASN A 27 -1.97 8.84 0.94
C ASN A 27 -2.35 7.37 0.89
N VAL A 28 -2.20 6.77 -0.29
CA VAL A 28 -2.54 5.36 -0.47
C VAL A 28 -1.30 4.47 -0.30
N PHE A 29 -1.43 3.45 0.53
CA PHE A 29 -0.32 2.53 0.78
C PHE A 29 -0.63 1.15 0.21
N VAL A 30 -0.08 0.87 -0.97
CA VAL A 30 -0.30 -0.42 -1.62
C VAL A 30 0.66 -1.48 -1.08
N GLU A 31 0.33 -2.75 -1.33
CA GLU A 31 1.16 -3.85 -0.86
C GLU A 31 1.21 -4.97 -1.90
N PHE A 32 2.35 -5.07 -2.59
CA PHE A 32 2.52 -6.09 -3.62
C PHE A 32 2.90 -7.43 -2.99
N TYR A 33 1.93 -8.30 -2.83
CA TYR A 33 2.15 -9.62 -2.24
C TYR A 33 2.10 -10.71 -3.30
N ALA A 34 2.42 -11.94 -2.90
CA ALA A 34 2.41 -13.07 -3.81
C ALA A 34 1.58 -14.22 -3.25
N PRO A 35 0.76 -14.84 -4.12
CA PRO A 35 -0.09 -15.96 -3.72
C PRO A 35 0.70 -17.23 -3.43
N TRP A 36 2.02 -17.15 -3.61
CA TRP A 36 2.90 -18.29 -3.36
C TRP A 36 3.99 -17.93 -2.36
N CYS A 37 4.55 -16.73 -2.52
CA CYS A 37 5.62 -16.26 -1.63
C CYS A 37 5.25 -16.50 -0.18
N GLY A 38 6.16 -17.13 0.56
CA GLY A 38 5.90 -17.41 1.97
C GLY A 38 5.75 -16.15 2.80
N HIS A 39 6.83 -15.40 2.94
CA HIS A 39 6.81 -14.16 3.71
C HIS A 39 5.52 -13.39 3.47
N CYS A 40 5.00 -13.48 2.25
CA CYS A 40 3.77 -12.80 1.89
C CYS A 40 2.57 -13.43 2.59
N LYS A 41 2.50 -14.75 2.56
CA LYS A 41 1.41 -15.48 3.19
C LYS A 41 1.21 -15.02 4.62
N GLN A 42 2.27 -14.51 5.23
CA GLN A 42 2.21 -14.04 6.61
C GLN A 42 1.76 -12.58 6.66
N LEU A 43 1.94 -11.87 5.55
CA LEU A 43 1.55 -10.47 5.48
C LEU A 43 0.07 -10.33 5.18
N ALA A 44 -0.54 -11.41 4.70
CA ALA A 44 -1.97 -11.41 4.38
C ALA A 44 -2.79 -10.89 5.56
N PRO A 45 -2.60 -11.49 6.73
CA PRO A 45 -3.32 -11.10 7.95
C PRO A 45 -2.88 -9.74 8.46
N ILE A 46 -1.57 -9.55 8.62
CA ILE A 46 -1.03 -8.29 9.10
C ILE A 46 -1.51 -7.12 8.24
N TRP A 47 -1.55 -7.32 6.93
CA TRP A 47 -1.99 -6.29 6.02
C TRP A 47 -3.48 -6.03 6.16
N ASP A 48 -4.24 -7.09 6.44
CA ASP A 48 -5.67 -6.97 6.60
C ASP A 48 -6.02 -6.28 7.93
N LYS A 49 -5.16 -6.46 8.92
CA LYS A 49 -5.37 -5.85 10.23
C LYS A 49 -5.04 -4.36 10.20
N LEU A 50 -4.17 -3.97 9.28
CA LEU A 50 -3.77 -2.58 9.15
C LEU A 50 -4.72 -1.83 8.23
N GLY A 51 -5.24 -2.53 7.23
CA GLY A 51 -6.16 -1.91 6.30
C GLY A 51 -7.44 -1.44 6.96
N GLU A 52 -7.95 -2.24 7.89
CA GLU A 52 -9.17 -1.91 8.61
C GLU A 52 -8.96 -0.68 9.49
N THR A 53 -7.73 -0.48 9.94
CA THR A 53 -7.40 0.66 10.79
C THR A 53 -7.53 1.98 10.03
N TYR A 54 -7.23 1.94 8.74
CA TYR A 54 -7.31 3.13 7.91
C TYR A 54 -8.31 2.93 6.77
N LYS A 55 -9.35 2.15 7.04
CA LYS A 55 -10.39 1.88 6.05
C LYS A 55 -11.34 3.07 5.92
N ASP A 56 -11.54 3.79 7.01
CA ASP A 56 -12.43 4.94 7.01
C ASP A 56 -11.64 6.22 7.27
N HIS A 57 -10.36 6.19 6.96
CA HIS A 57 -9.49 7.35 7.15
C HIS A 57 -9.88 8.49 6.20
N GLU A 58 -9.12 9.58 6.24
CA GLU A 58 -9.39 10.73 5.40
C GLU A 58 -8.43 10.77 4.21
N ASN A 59 -7.14 10.61 4.49
CA ASN A 59 -6.13 10.63 3.45
C ASN A 59 -5.41 9.28 3.36
N ILE A 60 -5.32 8.59 4.49
CA ILE A 60 -4.67 7.29 4.54
C ILE A 60 -5.60 6.18 4.07
N VAL A 61 -5.30 5.63 2.90
CA VAL A 61 -6.11 4.56 2.32
C VAL A 61 -5.26 3.34 2.00
N ILE A 62 -5.42 2.28 2.79
CA ILE A 62 -4.67 1.05 2.58
C ILE A 62 -5.22 0.26 1.40
N ALA A 63 -4.33 -0.38 0.65
CA ALA A 63 -4.73 -1.16 -0.51
C ALA A 63 -3.74 -2.29 -0.77
N LYS A 64 -4.21 -3.35 -1.42
CA LYS A 64 -3.37 -4.50 -1.74
C LYS A 64 -3.50 -4.89 -3.20
N MET A 65 -2.41 -5.34 -3.80
CA MET A 65 -2.40 -5.76 -5.20
C MET A 65 -1.51 -6.97 -5.40
N ASP A 66 -2.00 -7.94 -6.18
CA ASP A 66 -1.25 -9.14 -6.45
C ASP A 66 -0.33 -8.96 -7.66
N SER A 67 0.93 -8.64 -7.39
CA SER A 67 1.91 -8.42 -8.44
C SER A 67 2.03 -9.65 -9.34
N THR A 68 1.73 -10.83 -8.78
CA THR A 68 1.81 -12.08 -9.51
C THR A 68 0.58 -12.25 -10.39
N ALA A 69 -0.47 -11.51 -10.10
CA ALA A 69 -1.71 -11.59 -10.88
C ALA A 69 -1.94 -10.32 -11.69
N ASN A 70 -1.21 -9.25 -11.33
CA ASN A 70 -1.33 -7.99 -12.03
C ASN A 70 0.03 -7.32 -12.21
N GLU A 71 0.32 -6.90 -13.43
CA GLU A 71 1.60 -6.26 -13.73
C GLU A 71 1.38 -4.83 -14.22
N VAL A 72 2.21 -3.92 -13.74
CA VAL A 72 2.12 -2.51 -14.12
C VAL A 72 3.50 -1.89 -14.29
N GLU A 73 3.65 -1.06 -15.31
CA GLU A 73 4.92 -0.39 -15.58
C GLU A 73 5.18 0.71 -14.57
N ALA A 74 4.11 1.28 -14.02
CA ALA A 74 4.22 2.34 -13.02
C ALA A 74 4.94 1.85 -11.77
N VAL A 75 5.08 0.54 -11.66
CA VAL A 75 5.74 -0.06 -10.50
C VAL A 75 6.32 -1.43 -10.85
N LYS A 76 7.64 -1.54 -10.81
CA LYS A 76 8.33 -2.79 -11.12
C LYS A 76 8.75 -3.51 -9.84
N VAL A 77 8.09 -4.63 -9.55
CA VAL A 77 8.40 -5.41 -8.36
C VAL A 77 9.14 -6.69 -8.72
N HIS A 78 10.34 -6.84 -8.17
CA HIS A 78 11.16 -8.03 -8.43
C HIS A 78 11.38 -8.82 -7.15
N SER A 79 10.44 -8.72 -6.22
CA SER A 79 10.54 -9.43 -4.94
C SER A 79 9.25 -9.28 -4.14
N PHE A 80 9.14 -10.05 -3.06
CA PHE A 80 7.96 -10.01 -2.20
C PHE A 80 8.26 -10.62 -0.84
N PRO A 81 7.54 -10.15 0.19
CA PRO A 81 6.51 -9.11 0.03
C PRO A 81 7.12 -7.75 -0.29
N THR A 82 6.41 -6.97 -1.09
CA THR A 82 6.89 -5.64 -1.47
C THR A 82 5.85 -4.57 -1.14
N LEU A 83 6.27 -3.58 -0.34
CA LEU A 83 5.37 -2.50 0.05
C LEU A 83 5.82 -1.17 -0.55
N LYS A 84 4.86 -0.39 -1.04
CA LYS A 84 5.16 0.90 -1.63
C LYS A 84 4.17 1.96 -1.18
N PHE A 85 4.67 3.04 -0.60
CA PHE A 85 3.82 4.12 -0.11
C PHE A 85 3.65 5.19 -1.18
N PHE A 86 2.40 5.55 -1.47
CA PHE A 86 2.10 6.56 -2.47
C PHE A 86 1.59 7.84 -1.82
N PRO A 87 2.38 8.93 -1.94
CA PRO A 87 2.02 10.23 -1.36
C PRO A 87 0.84 10.88 -2.08
N ALA A 88 0.32 11.95 -1.50
CA ALA A 88 -0.81 12.66 -2.08
C ALA A 88 -0.34 13.65 -3.15
N SER A 89 0.64 13.23 -3.95
CA SER A 89 1.17 14.08 -5.01
C SER A 89 0.32 13.98 -6.27
N ALA A 90 0.45 14.98 -7.14
CA ALA A 90 -0.30 15.01 -8.39
C ALA A 90 0.44 14.26 -9.50
N ASP A 91 1.31 13.33 -9.09
CA ASP A 91 2.08 12.54 -10.05
C ASP A 91 2.11 11.07 -9.64
N ARG A 92 2.85 10.27 -10.40
CA ARG A 92 2.96 8.84 -10.12
C ARG A 92 4.19 8.55 -9.24
N THR A 93 4.32 9.30 -8.16
CA THR A 93 5.45 9.13 -7.25
C THR A 93 5.23 7.93 -6.34
N VAL A 94 6.32 7.22 -6.04
CA VAL A 94 6.26 6.04 -5.18
C VAL A 94 7.38 6.05 -4.15
N ILE A 95 7.04 5.71 -2.92
CA ILE A 95 8.03 5.67 -1.85
C ILE A 95 8.30 4.24 -1.40
N ASP A 96 9.58 3.89 -1.30
CA ASP A 96 9.98 2.56 -0.87
C ASP A 96 9.84 2.39 0.64
N TYR A 97 9.23 1.30 1.06
CA TYR A 97 9.03 1.03 2.48
C TYR A 97 10.09 0.08 3.01
N ASN A 98 10.98 0.60 3.85
CA ASN A 98 12.05 -0.20 4.43
C ASN A 98 12.06 -0.09 5.95
N GLY A 99 11.05 -0.70 6.59
CA GLY A 99 10.97 -0.65 8.03
C GLY A 99 10.77 -2.02 8.64
N GLU A 100 10.10 -2.07 9.79
CA GLU A 100 9.84 -3.34 10.47
C GLU A 100 8.83 -4.17 9.71
N ARG A 101 7.95 -3.51 8.97
CA ARG A 101 6.93 -4.20 8.19
C ARG A 101 5.93 -4.91 9.10
N THR A 102 5.51 -4.21 10.16
CA THR A 102 4.56 -4.78 11.12
C THR A 102 3.30 -3.93 11.20
N LEU A 103 2.21 -4.54 11.61
CA LEU A 103 0.94 -3.84 11.75
C LEU A 103 1.12 -2.50 12.45
N ASP A 104 1.85 -2.52 13.56
CA ASP A 104 2.11 -1.31 14.32
C ASP A 104 3.18 -0.46 13.65
N GLY A 105 4.16 -1.12 13.04
CA GLY A 105 5.22 -0.41 12.36
C GLY A 105 4.72 0.43 11.20
N PHE A 106 3.70 -0.07 10.51
CA PHE A 106 3.13 0.63 9.37
C PHE A 106 2.52 1.97 9.80
N LYS A 107 1.76 1.94 10.89
CA LYS A 107 1.12 3.14 11.40
C LYS A 107 2.14 4.26 11.58
N LYS A 108 3.33 3.90 12.04
CA LYS A 108 4.39 4.88 12.26
C LYS A 108 4.79 5.55 10.94
N PHE A 109 5.01 4.73 9.92
CA PHE A 109 5.39 5.24 8.60
C PHE A 109 4.30 6.13 8.02
N LEU A 110 3.06 5.68 8.13
CA LEU A 110 1.91 6.43 7.62
C LEU A 110 1.69 7.70 8.44
N GLU A 111 1.37 7.52 9.71
CA GLU A 111 1.13 8.66 10.59
C GLU A 111 2.10 9.79 10.31
N SER A 112 3.35 9.42 10.01
CA SER A 112 4.39 10.41 9.72
C SER A 112 4.13 11.09 8.37
N GLY A 113 3.73 10.29 7.38
CA GLY A 113 3.46 10.83 6.07
C GLY A 113 4.48 10.38 5.04
N GLY A 114 4.96 9.14 5.18
CA GLY A 114 5.94 8.61 4.25
C GLY A 114 7.13 9.53 4.08
N GLN A 115 7.63 10.08 5.18
CA GLN A 115 8.77 10.98 5.15
C GLN A 115 10.07 10.20 5.16
N SER A 116 10.11 9.10 5.90
CA SER A 116 11.29 8.27 6.00
C SER A 116 11.56 7.55 4.67
N GLY A 117 12.78 7.02 4.54
CA GLY A 117 13.14 6.31 3.31
C GLY A 117 14.13 7.09 2.48
N PRO A 118 15.01 6.36 1.77
CA PRO A 118 16.04 6.96 0.91
C PRO A 118 15.45 7.64 -0.32
N SER A 119 14.17 7.38 -0.57
CA SER A 119 13.49 7.97 -1.72
C SER A 119 13.73 9.47 -1.79
N SER A 120 13.44 10.17 -0.70
CA SER A 120 13.64 11.61 -0.64
C SER A 120 15.07 11.96 -0.27
N GLY A 121 15.57 13.06 -0.82
CA GLY A 121 16.93 13.48 -0.55
C GLY A 121 17.21 14.89 -1.04
N GLY A 1 -18.87 4.26 1.61
CA GLY A 1 -19.38 3.02 1.09
C GLY A 1 -20.50 2.44 1.93
N SER A 2 -20.74 1.15 1.80
CA SER A 2 -21.80 0.48 2.55
C SER A 2 -21.30 -0.85 3.11
N SER A 3 -21.70 -1.14 4.35
CA SER A 3 -21.30 -2.38 5.01
C SER A 3 -21.49 -3.58 4.09
N GLY A 4 -22.63 -3.62 3.40
CA GLY A 4 -22.93 -4.70 2.49
C GLY A 4 -21.73 -5.09 1.65
N SER A 5 -21.30 -4.15 0.80
CA SER A 5 -20.15 -4.40 -0.08
C SER A 5 -18.97 -3.52 0.30
N SER A 6 -18.18 -3.99 1.27
CA SER A 6 -17.02 -3.24 1.73
C SER A 6 -15.99 -4.17 2.37
N GLY A 7 -14.77 -3.66 2.54
CA GLY A 7 -13.72 -4.47 3.14
C GLY A 7 -12.72 -3.63 3.90
N PRO A 8 -11.82 -4.30 4.63
CA PRO A 8 -10.78 -3.62 5.43
C PRO A 8 -9.72 -2.96 4.55
N VAL A 9 -9.19 -3.72 3.61
CA VAL A 9 -8.17 -3.20 2.70
C VAL A 9 -8.63 -3.28 1.25
N LYS A 10 -8.46 -2.17 0.53
CA LYS A 10 -8.85 -2.11 -0.88
C LYS A 10 -8.00 -3.05 -1.73
N VAL A 11 -8.60 -3.58 -2.79
CA VAL A 11 -7.90 -4.50 -3.69
C VAL A 11 -7.67 -3.86 -5.05
N LEU A 12 -6.43 -3.44 -5.30
CA LEU A 12 -6.07 -2.81 -6.56
C LEU A 12 -5.73 -3.86 -7.61
N VAL A 13 -6.04 -3.56 -8.87
CA VAL A 13 -5.75 -4.48 -9.97
C VAL A 13 -4.97 -3.80 -11.07
N GLY A 14 -4.39 -4.59 -11.97
CA GLY A 14 -3.62 -4.03 -13.07
C GLY A 14 -4.48 -3.24 -14.03
N LYS A 15 -5.78 -3.20 -13.77
CA LYS A 15 -6.71 -2.47 -14.62
C LYS A 15 -6.87 -1.03 -14.15
N ASN A 16 -7.28 -0.86 -12.89
CA ASN A 16 -7.47 0.46 -12.32
C ASN A 16 -6.58 0.66 -11.10
N PHE A 17 -5.37 0.10 -11.15
CA PHE A 17 -4.42 0.21 -10.05
C PHE A 17 -4.01 1.66 -9.84
N GLU A 18 -3.38 2.25 -10.86
CA GLU A 18 -2.93 3.63 -10.79
C GLU A 18 -4.11 4.58 -10.61
N ASP A 19 -5.27 4.20 -11.15
CA ASP A 19 -6.47 5.01 -11.04
C ASP A 19 -6.87 5.21 -9.58
N VAL A 20 -6.68 4.17 -8.78
CA VAL A 20 -7.02 4.23 -7.36
C VAL A 20 -5.79 4.54 -6.51
N ALA A 21 -4.77 3.69 -6.62
CA ALA A 21 -3.53 3.87 -5.88
C ALA A 21 -3.04 5.31 -5.97
N PHE A 22 -2.73 5.75 -7.18
CA PHE A 22 -2.24 7.12 -7.40
C PHE A 22 -3.39 8.11 -7.36
N ASP A 23 -3.69 8.62 -6.16
CA ASP A 23 -4.76 9.58 -5.99
C ASP A 23 -4.27 10.82 -5.23
N GLU A 24 -4.28 11.96 -5.91
CA GLU A 24 -3.84 13.21 -5.30
C GLU A 24 -4.60 13.49 -4.02
N LYS A 25 -3.97 14.24 -3.11
CA LYS A 25 -4.59 14.58 -1.85
C LYS A 25 -5.03 13.34 -1.09
N LYS A 26 -4.31 12.24 -1.31
CA LYS A 26 -4.62 10.97 -0.65
C LYS A 26 -3.38 10.08 -0.57
N ASN A 27 -3.00 9.71 0.65
CA ASN A 27 -1.84 8.85 0.85
C ASN A 27 -2.24 7.38 0.86
N VAL A 28 -2.09 6.73 -0.30
CA VAL A 28 -2.43 5.31 -0.42
C VAL A 28 -1.19 4.43 -0.27
N PHE A 29 -1.29 3.43 0.59
CA PHE A 29 -0.19 2.51 0.82
C PHE A 29 -0.47 1.15 0.22
N VAL A 30 0.09 0.89 -0.96
CA VAL A 30 -0.09 -0.38 -1.65
C VAL A 30 0.85 -1.44 -1.11
N GLU A 31 0.47 -2.71 -1.30
CA GLU A 31 1.29 -3.82 -0.83
C GLU A 31 1.38 -4.91 -1.89
N PHE A 32 2.53 -4.99 -2.55
CA PHE A 32 2.74 -5.99 -3.59
C PHE A 32 3.11 -7.34 -2.98
N TYR A 33 2.12 -8.22 -2.87
CA TYR A 33 2.35 -9.54 -2.30
C TYR A 33 2.33 -10.62 -3.39
N ALA A 34 2.67 -11.85 -3.01
CA ALA A 34 2.69 -12.96 -3.95
C ALA A 34 1.92 -14.15 -3.41
N PRO A 35 1.11 -14.78 -4.27
CA PRO A 35 0.29 -15.93 -3.91
C PRO A 35 1.14 -17.17 -3.65
N TRP A 36 2.45 -17.05 -3.82
CA TRP A 36 3.37 -18.16 -3.60
C TRP A 36 4.42 -17.79 -2.56
N CYS A 37 4.75 -16.51 -2.48
CA CYS A 37 5.75 -16.03 -1.54
C CYS A 37 5.37 -16.40 -0.11
N GLY A 38 6.11 -17.34 0.48
CA GLY A 38 5.82 -17.77 1.83
C GLY A 38 5.68 -16.60 2.79
N HIS A 39 6.51 -15.58 2.61
CA HIS A 39 6.46 -14.40 3.46
C HIS A 39 5.11 -13.70 3.36
N CYS A 40 4.56 -13.65 2.15
CA CYS A 40 3.27 -13.01 1.92
C CYS A 40 2.19 -13.65 2.78
N LYS A 41 2.12 -14.97 2.75
CA LYS A 41 1.13 -15.71 3.52
C LYS A 41 1.05 -15.18 4.95
N GLN A 42 2.16 -14.60 5.42
CA GLN A 42 2.22 -14.06 6.77
C GLN A 42 1.77 -12.61 6.79
N LEU A 43 1.97 -11.91 5.68
CA LEU A 43 1.58 -10.51 5.57
C LEU A 43 0.10 -10.37 5.26
N ALA A 44 -0.51 -11.46 4.80
CA ALA A 44 -1.93 -11.47 4.46
C ALA A 44 -2.77 -10.93 5.63
N PRO A 45 -2.58 -11.53 6.81
CA PRO A 45 -3.30 -11.13 8.02
C PRO A 45 -2.87 -9.76 8.54
N ILE A 46 -1.56 -9.57 8.65
CA ILE A 46 -1.01 -8.30 9.13
C ILE A 46 -1.48 -7.14 8.26
N TRP A 47 -1.49 -7.35 6.95
CA TRP A 47 -1.92 -6.32 6.01
C TRP A 47 -3.43 -6.06 6.14
N ASP A 48 -4.19 -7.12 6.42
CA ASP A 48 -5.63 -7.00 6.56
C ASP A 48 -5.99 -6.31 7.88
N LYS A 49 -5.16 -6.52 8.89
CA LYS A 49 -5.38 -5.92 10.20
C LYS A 49 -5.05 -4.42 10.18
N LEU A 50 -4.16 -4.04 9.28
CA LEU A 50 -3.75 -2.64 9.15
C LEU A 50 -4.71 -1.87 8.25
N GLY A 51 -5.22 -2.55 7.22
CA GLY A 51 -6.13 -1.91 6.30
C GLY A 51 -7.40 -1.44 6.98
N GLU A 52 -7.97 -2.29 7.82
CA GLU A 52 -9.20 -1.96 8.54
C GLU A 52 -8.99 -0.72 9.41
N THR A 53 -7.76 -0.52 9.86
CA THR A 53 -7.43 0.62 10.71
C THR A 53 -7.59 1.93 9.95
N TYR A 54 -7.17 1.94 8.68
CA TYR A 54 -7.26 3.13 7.86
C TYR A 54 -8.26 2.93 6.72
N LYS A 55 -9.31 2.16 7.00
CA LYS A 55 -10.33 1.88 6.00
C LYS A 55 -11.28 3.07 5.84
N ASP A 56 -11.48 3.80 6.92
CA ASP A 56 -12.36 4.97 6.91
C ASP A 56 -11.57 6.25 7.20
N HIS A 57 -10.27 6.20 6.91
CA HIS A 57 -9.40 7.36 7.15
C HIS A 57 -9.78 8.51 6.22
N GLU A 58 -8.99 9.58 6.26
CA GLU A 58 -9.24 10.75 5.43
C GLU A 58 -8.26 10.80 4.26
N ASN A 59 -6.97 10.62 4.55
CA ASN A 59 -5.95 10.64 3.53
C ASN A 59 -5.24 9.29 3.43
N ILE A 60 -5.18 8.58 4.55
CA ILE A 60 -4.54 7.28 4.59
C ILE A 60 -5.47 6.18 4.08
N VAL A 61 -5.12 5.60 2.94
CA VAL A 61 -5.92 4.54 2.35
C VAL A 61 -5.06 3.31 2.03
N ILE A 62 -5.30 2.23 2.77
CA ILE A 62 -4.56 0.99 2.57
C ILE A 62 -5.12 0.20 1.39
N ALA A 63 -4.22 -0.41 0.62
CA ALA A 63 -4.63 -1.21 -0.54
C ALA A 63 -3.62 -2.31 -0.82
N LYS A 64 -4.10 -3.40 -1.41
CA LYS A 64 -3.23 -4.53 -1.74
C LYS A 64 -3.35 -4.89 -3.21
N MET A 65 -2.22 -5.23 -3.82
CA MET A 65 -2.19 -5.60 -5.23
C MET A 65 -1.30 -6.82 -5.46
N ASP A 66 -1.73 -7.70 -6.35
CA ASP A 66 -0.97 -8.91 -6.66
C ASP A 66 0.00 -8.66 -7.81
N SER A 67 1.27 -8.46 -7.47
CA SER A 67 2.30 -8.21 -8.48
C SER A 67 2.48 -9.42 -9.40
N THR A 68 2.11 -10.59 -8.90
CA THR A 68 2.22 -11.82 -9.67
C THR A 68 1.04 -12.00 -10.60
N ALA A 69 -0.01 -11.21 -10.37
CA ALA A 69 -1.21 -11.27 -11.22
C ALA A 69 -1.41 -9.97 -11.97
N ASN A 70 -0.75 -8.91 -11.53
CA ASN A 70 -0.87 -7.61 -12.17
C ASN A 70 0.51 -6.96 -12.33
N GLU A 71 0.79 -6.48 -13.53
CA GLU A 71 2.06 -5.83 -13.83
C GLU A 71 1.86 -4.41 -14.33
N VAL A 72 2.66 -3.48 -13.81
CA VAL A 72 2.56 -2.09 -14.21
C VAL A 72 3.94 -1.44 -14.29
N GLU A 73 4.13 -0.60 -15.30
CA GLU A 73 5.41 0.09 -15.50
C GLU A 73 5.61 1.16 -14.43
N ALA A 74 4.51 1.74 -13.96
CA ALA A 74 4.57 2.78 -12.95
C ALA A 74 5.25 2.27 -11.68
N VAL A 75 5.34 0.95 -11.54
CA VAL A 75 5.96 0.33 -10.38
C VAL A 75 6.55 -1.03 -10.72
N LYS A 76 7.87 -1.12 -10.70
CA LYS A 76 8.55 -2.37 -11.01
C LYS A 76 8.96 -3.10 -9.73
N VAL A 77 8.35 -4.26 -9.52
CA VAL A 77 8.65 -5.06 -8.34
C VAL A 77 9.44 -6.31 -8.70
N HIS A 78 10.64 -6.43 -8.13
CA HIS A 78 11.51 -7.57 -8.39
C HIS A 78 11.72 -8.40 -7.13
N SER A 79 10.75 -8.33 -6.22
CA SER A 79 10.83 -9.07 -4.96
C SER A 79 9.51 -8.97 -4.19
N PHE A 80 9.36 -9.84 -3.19
CA PHE A 80 8.15 -9.85 -2.38
C PHE A 80 8.41 -10.53 -1.04
N PRO A 81 7.65 -10.11 0.00
CA PRO A 81 6.62 -9.08 -0.15
C PRO A 81 7.23 -7.69 -0.39
N THR A 82 6.54 -6.89 -1.19
CA THR A 82 7.01 -5.54 -1.49
C THR A 82 5.96 -4.50 -1.13
N LEU A 83 6.39 -3.44 -0.44
CA LEU A 83 5.49 -2.38 -0.03
C LEU A 83 5.94 -1.03 -0.60
N LYS A 84 4.98 -0.23 -1.05
CA LYS A 84 5.27 1.08 -1.62
C LYS A 84 4.22 2.10 -1.20
N PHE A 85 4.68 3.21 -0.63
CA PHE A 85 3.79 4.27 -0.18
C PHE A 85 3.60 5.32 -1.27
N PHE A 86 2.34 5.65 -1.55
CA PHE A 86 2.01 6.64 -2.58
C PHE A 86 1.53 7.94 -1.94
N PRO A 87 2.39 8.96 -1.94
CA PRO A 87 2.06 10.27 -1.37
C PRO A 87 1.04 11.02 -2.19
N ALA A 88 0.48 12.08 -1.62
CA ALA A 88 -0.52 12.88 -2.30
C ALA A 88 0.12 13.80 -3.33
N SER A 89 0.89 13.22 -4.25
CA SER A 89 1.56 13.98 -5.29
C SER A 89 0.94 13.72 -6.64
N ALA A 90 0.84 14.76 -7.46
CA ALA A 90 0.27 14.64 -8.79
C ALA A 90 1.31 14.20 -9.81
N ASP A 91 2.31 13.45 -9.33
CA ASP A 91 3.38 12.97 -10.19
C ASP A 91 3.62 11.47 -9.97
N ARG A 92 2.53 10.73 -9.76
CA ARG A 92 2.62 9.30 -9.54
C ARG A 92 3.89 8.95 -8.76
N THR A 93 4.16 9.71 -7.70
CA THR A 93 5.34 9.47 -6.87
C THR A 93 5.20 8.19 -6.06
N VAL A 94 6.31 7.48 -5.91
CA VAL A 94 6.32 6.24 -5.15
C VAL A 94 7.45 6.22 -4.13
N ILE A 95 7.15 5.75 -2.93
CA ILE A 95 8.15 5.67 -1.87
C ILE A 95 8.39 4.22 -1.43
N ASP A 96 9.63 3.90 -1.14
CA ASP A 96 9.99 2.55 -0.71
C ASP A 96 9.85 2.41 0.81
N TYR A 97 9.24 1.32 1.23
CA TYR A 97 9.04 1.07 2.66
C TYR A 97 10.02 0.02 3.17
N ASN A 98 11.04 0.48 3.88
CA ASN A 98 12.05 -0.41 4.42
C ASN A 98 12.12 -0.31 5.94
N GLY A 99 11.11 -0.86 6.61
CA GLY A 99 11.07 -0.82 8.07
C GLY A 99 10.78 -2.17 8.68
N GLU A 100 10.18 -2.16 9.86
CA GLU A 100 9.85 -3.40 10.56
C GLU A 100 8.85 -4.24 9.76
N ARG A 101 8.00 -3.55 9.01
CA ARG A 101 6.98 -4.22 8.20
C ARG A 101 5.97 -4.94 9.09
N THR A 102 5.46 -4.24 10.09
CA THR A 102 4.48 -4.81 11.01
C THR A 102 3.23 -3.95 11.08
N LEU A 103 2.17 -4.50 11.67
CA LEU A 103 0.91 -3.79 11.80
C LEU A 103 1.12 -2.44 12.48
N ASP A 104 1.76 -2.45 13.64
CA ASP A 104 2.03 -1.23 14.38
C ASP A 104 3.10 -0.40 13.69
N GLY A 105 4.08 -1.06 13.09
CA GLY A 105 5.14 -0.37 12.40
C GLY A 105 4.64 0.46 11.23
N PHE A 106 3.66 -0.08 10.52
CA PHE A 106 3.09 0.61 9.36
C PHE A 106 2.47 1.94 9.77
N LYS A 107 1.69 1.93 10.85
CA LYS A 107 1.06 3.14 11.35
C LYS A 107 2.07 4.25 11.54
N LYS A 108 3.22 3.91 12.12
CA LYS A 108 4.28 4.88 12.36
C LYS A 108 4.68 5.58 11.06
N PHE A 109 4.99 4.78 10.04
CA PHE A 109 5.40 5.32 8.75
C PHE A 109 4.31 6.23 8.18
N LEU A 110 3.08 5.73 8.16
CA LEU A 110 1.95 6.49 7.64
C LEU A 110 1.75 7.77 8.44
N GLU A 111 1.41 7.62 9.72
CA GLU A 111 1.18 8.77 10.58
C GLU A 111 2.15 9.90 10.26
N SER A 112 3.40 9.53 9.96
CA SER A 112 4.42 10.52 9.62
C SER A 112 4.12 11.19 8.28
N GLY A 113 3.74 10.39 7.30
CA GLY A 113 3.42 10.92 5.98
C GLY A 113 4.42 10.47 4.93
N GLY A 114 4.90 9.25 5.05
CA GLY A 114 5.86 8.72 4.10
C GLY A 114 7.17 9.48 4.11
N GLN A 115 7.71 9.70 5.30
CA GLN A 115 8.97 10.43 5.45
C GLN A 115 10.15 9.52 5.17
N SER A 116 10.71 9.63 3.97
CA SER A 116 11.85 8.81 3.58
C SER A 116 13.14 9.35 4.19
N GLY A 117 13.46 8.90 5.39
CA GLY A 117 14.66 9.36 6.06
C GLY A 117 14.64 10.85 6.36
N PRO A 118 15.83 11.44 6.51
CA PRO A 118 15.97 12.88 6.79
C PRO A 118 15.56 13.75 5.61
N SER A 119 15.47 15.05 5.85
CA SER A 119 15.09 16.00 4.81
C SER A 119 16.29 16.37 3.94
N SER A 120 16.02 16.73 2.69
CA SER A 120 17.08 17.11 1.76
C SER A 120 16.71 18.38 1.01
N GLY A 121 15.57 18.36 0.31
CA GLY A 121 15.13 19.51 -0.44
C GLY A 121 14.93 20.73 0.44
N GLY A 1 -20.44 11.38 3.93
CA GLY A 1 -19.98 10.97 2.60
C GLY A 1 -20.38 9.56 2.26
N SER A 2 -21.36 9.42 1.38
CA SER A 2 -21.84 8.10 0.97
C SER A 2 -20.72 7.29 0.31
N SER A 3 -19.97 6.56 1.11
CA SER A 3 -18.87 5.75 0.60
C SER A 3 -19.09 4.27 0.91
N GLY A 4 -18.22 3.43 0.37
CA GLY A 4 -18.33 2.00 0.59
C GLY A 4 -17.03 1.36 1.03
N SER A 5 -16.70 1.53 2.31
CA SER A 5 -15.47 0.97 2.86
C SER A 5 -15.75 -0.31 3.64
N SER A 6 -16.57 -1.18 3.07
CA SER A 6 -16.94 -2.44 3.72
C SER A 6 -15.68 -3.22 4.10
N GLY A 7 -14.85 -3.52 3.10
CA GLY A 7 -13.63 -4.26 3.36
C GLY A 7 -12.59 -3.44 4.10
N PRO A 8 -11.70 -4.12 4.82
CA PRO A 8 -10.63 -3.47 5.59
C PRO A 8 -9.57 -2.84 4.69
N VAL A 9 -9.08 -3.62 3.74
CA VAL A 9 -8.05 -3.13 2.81
C VAL A 9 -8.56 -3.18 1.37
N LYS A 10 -8.39 -2.06 0.66
CA LYS A 10 -8.82 -1.98 -0.74
C LYS A 10 -8.01 -2.92 -1.61
N VAL A 11 -8.64 -3.43 -2.67
CA VAL A 11 -7.97 -4.34 -3.59
C VAL A 11 -7.78 -3.69 -4.96
N LEU A 12 -6.53 -3.46 -5.33
CA LEU A 12 -6.21 -2.85 -6.62
C LEU A 12 -5.89 -3.90 -7.66
N VAL A 13 -6.21 -3.61 -8.92
CA VAL A 13 -5.96 -4.54 -10.01
C VAL A 13 -5.19 -3.86 -11.14
N GLY A 14 -4.61 -4.66 -12.02
CA GLY A 14 -3.85 -4.13 -13.13
C GLY A 14 -4.71 -3.29 -14.07
N LYS A 15 -6.02 -3.28 -13.83
CA LYS A 15 -6.94 -2.52 -14.65
C LYS A 15 -7.08 -1.09 -14.14
N ASN A 16 -7.36 -0.95 -12.85
CA ASN A 16 -7.51 0.36 -12.24
C ASN A 16 -6.61 0.50 -11.02
N PHE A 17 -5.37 0.05 -11.15
CA PHE A 17 -4.40 0.13 -10.07
C PHE A 17 -3.92 1.56 -9.85
N GLU A 18 -3.26 2.11 -10.87
CA GLU A 18 -2.75 3.47 -10.80
C GLU A 18 -3.89 4.48 -10.63
N ASP A 19 -5.05 4.14 -11.18
CA ASP A 19 -6.22 5.00 -11.09
C ASP A 19 -6.74 5.07 -9.66
N VAL A 20 -6.59 3.97 -8.92
CA VAL A 20 -7.03 3.91 -7.54
C VAL A 20 -5.87 4.12 -6.57
N ALA A 21 -4.66 3.97 -7.08
CA ALA A 21 -3.46 4.15 -6.26
C ALA A 21 -2.95 5.58 -6.34
N PHE A 22 -2.54 5.99 -7.54
CA PHE A 22 -2.02 7.34 -7.74
C PHE A 22 -3.15 8.37 -7.68
N ASP A 23 -3.52 8.77 -6.47
CA ASP A 23 -4.58 9.75 -6.28
C ASP A 23 -4.03 11.05 -5.70
N GLU A 24 -4.86 12.09 -5.71
CA GLU A 24 -4.44 13.38 -5.18
C GLU A 24 -4.99 13.61 -3.79
N LYS A 25 -4.28 14.40 -2.99
CA LYS A 25 -4.70 14.70 -1.62
C LYS A 25 -5.13 13.43 -0.91
N LYS A 26 -4.44 12.33 -1.18
CA LYS A 26 -4.74 11.05 -0.55
C LYS A 26 -3.50 10.17 -0.46
N ASN A 27 -3.18 9.72 0.74
CA ASN A 27 -2.01 8.88 0.95
C ASN A 27 -2.40 7.40 0.92
N VAL A 28 -2.14 6.76 -0.22
CA VAL A 28 -2.45 5.34 -0.39
C VAL A 28 -1.21 4.48 -0.24
N PHE A 29 -1.33 3.42 0.56
CA PHE A 29 -0.20 2.52 0.78
C PHE A 29 -0.49 1.14 0.19
N VAL A 30 0.07 0.89 -0.98
CA VAL A 30 -0.12 -0.38 -1.67
C VAL A 30 0.84 -1.44 -1.14
N GLU A 31 0.50 -2.71 -1.35
CA GLU A 31 1.33 -3.82 -0.90
C GLU A 31 1.39 -4.92 -1.94
N PHE A 32 2.53 -5.01 -2.62
CA PHE A 32 2.72 -6.03 -3.66
C PHE A 32 3.11 -7.37 -3.05
N TYR A 33 2.13 -8.24 -2.87
CA TYR A 33 2.37 -9.56 -2.28
C TYR A 33 2.34 -10.64 -3.36
N ALA A 34 2.69 -11.86 -2.96
CA ALA A 34 2.69 -12.98 -3.89
C ALA A 34 1.91 -14.16 -3.33
N PRO A 35 1.08 -14.79 -4.18
CA PRO A 35 0.26 -15.94 -3.80
C PRO A 35 1.09 -17.19 -3.52
N TRP A 36 2.40 -17.09 -3.76
CA TRP A 36 3.31 -18.20 -3.55
C TRP A 36 4.38 -17.85 -2.51
N CYS A 37 4.73 -16.58 -2.45
CA CYS A 37 5.74 -16.10 -1.51
C CYS A 37 5.34 -16.42 -0.07
N GLY A 38 5.96 -17.44 0.50
CA GLY A 38 5.65 -17.82 1.86
C GLY A 38 5.54 -16.63 2.79
N HIS A 39 6.45 -15.67 2.63
CA HIS A 39 6.45 -14.48 3.47
C HIS A 39 5.11 -13.76 3.39
N CYS A 40 4.55 -13.68 2.19
CA CYS A 40 3.27 -13.01 1.98
C CYS A 40 2.18 -13.66 2.83
N LYS A 41 2.10 -14.98 2.78
CA LYS A 41 1.11 -15.72 3.55
C LYS A 41 1.02 -15.20 4.98
N GLN A 42 2.11 -14.59 5.45
CA GLN A 42 2.16 -14.05 6.81
C GLN A 42 1.73 -12.59 6.81
N LEU A 43 1.95 -11.91 5.70
CA LEU A 43 1.60 -10.50 5.58
C LEU A 43 0.12 -10.33 5.26
N ALA A 44 -0.50 -11.41 4.78
CA ALA A 44 -1.92 -11.39 4.45
C ALA A 44 -2.75 -10.84 5.60
N PRO A 45 -2.59 -11.45 6.79
CA PRO A 45 -3.32 -11.03 7.99
C PRO A 45 -2.86 -9.68 8.51
N ILE A 46 -1.55 -9.51 8.64
CA ILE A 46 -0.98 -8.26 9.12
C ILE A 46 -1.42 -7.09 8.26
N TRP A 47 -1.46 -7.31 6.95
CA TRP A 47 -1.87 -6.26 6.01
C TRP A 47 -3.36 -5.98 6.14
N ASP A 48 -4.14 -7.03 6.36
CA ASP A 48 -5.59 -6.89 6.49
C ASP A 48 -5.95 -6.22 7.82
N LYS A 49 -5.10 -6.41 8.82
CA LYS A 49 -5.33 -5.84 10.13
C LYS A 49 -5.00 -4.34 10.14
N LEU A 50 -4.09 -3.94 9.27
CA LEU A 50 -3.70 -2.54 9.16
C LEU A 50 -4.68 -1.76 8.30
N GLY A 51 -5.18 -2.40 7.25
CA GLY A 51 -6.13 -1.75 6.37
C GLY A 51 -7.40 -1.34 7.08
N GLU A 52 -7.93 -2.22 7.92
CA GLU A 52 -9.14 -1.94 8.67
C GLU A 52 -8.95 -0.74 9.60
N THR A 53 -7.71 -0.50 9.98
CA THR A 53 -7.39 0.61 10.87
C THR A 53 -7.53 1.95 10.15
N TYR A 54 -7.17 1.96 8.87
CA TYR A 54 -7.25 3.17 8.06
C TYR A 54 -8.22 2.99 6.89
N LYS A 55 -9.23 2.16 7.11
CA LYS A 55 -10.23 1.90 6.07
C LYS A 55 -11.20 3.07 5.95
N ASP A 56 -11.46 3.75 7.06
CA ASP A 56 -12.37 4.89 7.07
C ASP A 56 -11.60 6.18 7.36
N HIS A 57 -10.30 6.17 7.10
CA HIS A 57 -9.46 7.34 7.33
C HIS A 57 -9.86 8.48 6.40
N GLU A 58 -9.10 9.57 6.46
CA GLU A 58 -9.38 10.73 5.62
C GLU A 58 -8.43 10.79 4.43
N ASN A 59 -7.14 10.64 4.70
CA ASN A 59 -6.13 10.67 3.65
C ASN A 59 -5.41 9.33 3.54
N ILE A 60 -5.36 8.60 4.65
CA ILE A 60 -4.71 7.30 4.68
C ILE A 60 -5.63 6.20 4.14
N VAL A 61 -5.24 5.60 3.02
CA VAL A 61 -6.03 4.54 2.41
C VAL A 61 -5.15 3.33 2.07
N ILE A 62 -5.33 2.25 2.82
CA ILE A 62 -4.56 1.03 2.60
C ILE A 62 -5.13 0.24 1.43
N ALA A 63 -4.24 -0.36 0.65
CA ALA A 63 -4.65 -1.16 -0.50
C ALA A 63 -3.64 -2.27 -0.79
N LYS A 64 -4.12 -3.35 -1.41
CA LYS A 64 -3.25 -4.48 -1.74
C LYS A 64 -3.39 -4.85 -3.21
N MET A 65 -2.29 -5.28 -3.82
CA MET A 65 -2.30 -5.67 -5.22
C MET A 65 -1.37 -6.85 -5.47
N ASP A 66 -1.82 -7.80 -6.29
CA ASP A 66 -1.02 -8.98 -6.60
C ASP A 66 -0.10 -8.72 -7.78
N SER A 67 1.19 -8.55 -7.49
CA SER A 67 2.17 -8.29 -8.54
C SER A 67 2.34 -9.51 -9.44
N THR A 68 2.03 -10.68 -8.91
CA THR A 68 2.15 -11.92 -9.67
C THR A 68 0.96 -12.10 -10.61
N ALA A 69 -0.19 -11.58 -10.21
CA ALA A 69 -1.40 -11.68 -11.02
C ALA A 69 -1.58 -10.44 -11.89
N ASN A 70 -0.94 -9.34 -11.48
CA ASN A 70 -1.04 -8.09 -12.22
C ASN A 70 0.34 -7.46 -12.40
N GLU A 71 0.57 -6.90 -13.59
CA GLU A 71 1.85 -6.25 -13.90
C GLU A 71 1.64 -4.82 -14.37
N VAL A 72 2.43 -3.91 -13.83
CA VAL A 72 2.34 -2.50 -14.20
C VAL A 72 3.73 -1.88 -14.36
N GLU A 73 3.85 -0.96 -15.32
CA GLU A 73 5.12 -0.30 -15.58
C GLU A 73 5.36 0.83 -14.57
N ALA A 74 4.28 1.34 -13.99
CA ALA A 74 4.37 2.41 -13.01
C ALA A 74 5.11 1.95 -11.76
N VAL A 75 5.32 0.64 -11.65
CA VAL A 75 6.01 0.06 -10.51
C VAL A 75 6.66 -1.28 -10.86
N LYS A 76 7.98 -1.34 -10.76
CA LYS A 76 8.71 -2.55 -11.07
C LYS A 76 9.07 -3.31 -9.80
N VAL A 77 8.42 -4.45 -9.60
CA VAL A 77 8.67 -5.27 -8.41
C VAL A 77 9.46 -6.53 -8.78
N HIS A 78 10.69 -6.63 -8.26
CA HIS A 78 11.54 -7.78 -8.53
C HIS A 78 11.73 -8.62 -7.27
N SER A 79 10.78 -8.52 -6.34
CA SER A 79 10.84 -9.27 -5.09
C SER A 79 9.54 -9.14 -4.32
N PHE A 80 9.42 -9.91 -3.25
CA PHE A 80 8.23 -9.89 -2.41
C PHE A 80 8.49 -10.54 -1.06
N PRO A 81 7.74 -10.10 -0.03
CA PRO A 81 6.73 -9.06 -0.19
C PRO A 81 7.34 -7.69 -0.45
N THR A 82 6.64 -6.87 -1.23
CA THR A 82 7.12 -5.53 -1.56
C THR A 82 6.08 -4.47 -1.22
N LEU A 83 6.48 -3.48 -0.44
CA LEU A 83 5.59 -2.41 -0.04
C LEU A 83 6.00 -1.08 -0.67
N LYS A 84 5.02 -0.29 -1.08
CA LYS A 84 5.28 1.01 -1.71
C LYS A 84 4.25 2.04 -1.26
N PHE A 85 4.74 3.14 -0.69
CA PHE A 85 3.86 4.20 -0.23
C PHE A 85 3.66 5.26 -1.31
N PHE A 86 2.41 5.58 -1.61
CA PHE A 86 2.09 6.57 -2.63
C PHE A 86 1.59 7.86 -1.98
N PRO A 87 2.37 8.94 -2.14
CA PRO A 87 2.03 10.25 -1.59
C PRO A 87 0.85 10.89 -2.29
N ALA A 88 0.19 11.84 -1.62
CA ALA A 88 -0.95 12.53 -2.19
C ALA A 88 -0.55 13.38 -3.39
N SER A 89 0.73 13.72 -3.46
CA SER A 89 1.25 14.53 -4.55
C SER A 89 0.54 14.19 -5.86
N ALA A 90 0.26 15.22 -6.66
CA ALA A 90 -0.41 15.03 -7.94
C ALA A 90 0.53 14.43 -8.97
N ASP A 91 1.01 13.23 -8.70
CA ASP A 91 1.92 12.54 -9.62
C ASP A 91 2.00 11.06 -9.28
N ARG A 92 2.62 10.29 -10.19
CA ARG A 92 2.76 8.86 -9.98
C ARG A 92 4.01 8.54 -9.16
N THR A 93 4.26 9.36 -8.14
CA THR A 93 5.42 9.18 -7.28
C THR A 93 5.24 7.95 -6.38
N VAL A 94 6.33 7.25 -6.14
CA VAL A 94 6.31 6.06 -5.29
C VAL A 94 7.41 6.09 -4.25
N ILE A 95 7.07 5.77 -3.01
CA ILE A 95 8.03 5.76 -1.91
C ILE A 95 8.35 4.34 -1.47
N ASP A 96 9.63 4.07 -1.25
CA ASP A 96 10.07 2.75 -0.82
C ASP A 96 9.89 2.58 0.70
N TYR A 97 9.34 1.44 1.10
CA TYR A 97 9.12 1.17 2.51
C TYR A 97 10.09 0.09 3.01
N ASN A 98 11.02 0.50 3.86
CA ASN A 98 12.01 -0.42 4.43
C ASN A 98 12.07 -0.28 5.95
N GLY A 99 11.02 -0.74 6.62
CA GLY A 99 10.98 -0.66 8.07
C GLY A 99 10.79 -2.02 8.72
N GLU A 100 10.15 -2.03 9.89
CA GLU A 100 9.91 -3.28 10.61
C GLU A 100 8.90 -4.14 9.87
N ARG A 101 8.12 -3.52 8.99
CA ARG A 101 7.12 -4.23 8.22
C ARG A 101 6.13 -4.95 9.15
N THR A 102 5.67 -4.24 10.18
CA THR A 102 4.73 -4.82 11.13
C THR A 102 3.51 -3.92 11.29
N LEU A 103 2.38 -4.53 11.61
CA LEU A 103 1.13 -3.80 11.78
C LEU A 103 1.37 -2.49 12.54
N ASP A 104 2.06 -2.58 13.67
CA ASP A 104 2.37 -1.42 14.48
C ASP A 104 3.42 -0.54 13.79
N GLY A 105 4.22 -1.15 12.92
CA GLY A 105 5.25 -0.41 12.22
C GLY A 105 4.69 0.43 11.10
N PHE A 106 3.69 -0.09 10.41
CA PHE A 106 3.07 0.62 9.29
C PHE A 106 2.40 1.90 9.77
N LYS A 107 1.72 1.81 10.91
CA LYS A 107 1.04 2.97 11.48
C LYS A 107 2.00 4.14 11.66
N LYS A 108 3.21 3.85 12.14
CA LYS A 108 4.22 4.88 12.35
C LYS A 108 4.57 5.56 11.04
N PHE A 109 4.93 4.77 10.04
CA PHE A 109 5.30 5.31 8.73
C PHE A 109 4.18 6.19 8.17
N LEU A 110 2.94 5.71 8.27
CA LEU A 110 1.79 6.45 7.78
C LEU A 110 1.56 7.71 8.61
N GLU A 111 1.27 7.54 9.88
CA GLU A 111 1.03 8.67 10.78
C GLU A 111 1.98 9.82 10.46
N SER A 112 3.23 9.47 10.15
CA SER A 112 4.24 10.48 9.83
C SER A 112 3.91 11.18 8.53
N GLY A 113 3.51 10.41 7.52
CA GLY A 113 3.17 10.98 6.24
C GLY A 113 4.07 10.48 5.13
N GLY A 114 4.49 9.22 5.23
CA GLY A 114 5.36 8.64 4.22
C GLY A 114 6.66 9.41 4.05
N GLN A 115 7.21 9.86 5.17
CA GLN A 115 8.46 10.61 5.16
C GLN A 115 9.65 9.69 4.88
N SER A 116 10.83 10.28 4.79
CA SER A 116 12.05 9.52 4.53
C SER A 116 13.18 9.96 5.45
N GLY A 117 13.10 9.55 6.71
CA GLY A 117 14.12 9.91 7.67
C GLY A 117 14.28 11.41 7.81
N PRO A 118 14.77 11.86 8.99
CA PRO A 118 14.98 13.27 9.27
C PRO A 118 16.13 13.87 8.45
N SER A 119 17.09 13.03 8.08
CA SER A 119 18.23 13.47 7.30
C SER A 119 18.75 12.35 6.41
N SER A 120 19.73 12.67 5.57
CA SER A 120 20.31 11.68 4.66
C SER A 120 21.42 10.89 5.35
N GLY A 121 21.43 9.58 5.14
CA GLY A 121 22.44 8.73 5.74
C GLY A 121 23.83 9.05 5.23
N GLY A 1 -25.52 7.58 8.85
CA GLY A 1 -26.35 7.38 7.68
C GLY A 1 -25.64 6.61 6.59
N SER A 2 -24.80 7.31 5.84
CA SER A 2 -24.05 6.68 4.75
C SER A 2 -23.15 5.57 5.27
N SER A 3 -22.57 4.81 4.35
CA SER A 3 -21.69 3.70 4.71
C SER A 3 -20.93 3.18 3.49
N GLY A 4 -19.81 2.50 3.74
CA GLY A 4 -19.03 1.97 2.65
C GLY A 4 -17.82 1.19 3.13
N SER A 5 -18.07 0.18 3.97
CA SER A 5 -17.00 -0.65 4.52
C SER A 5 -16.01 -1.02 3.44
N SER A 6 -16.53 -1.45 2.29
CA SER A 6 -15.68 -1.86 1.17
C SER A 6 -14.47 -2.66 1.67
N GLY A 7 -14.72 -3.59 2.58
CA GLY A 7 -13.64 -4.40 3.11
C GLY A 7 -12.62 -3.58 3.88
N PRO A 8 -11.73 -4.27 4.61
CA PRO A 8 -10.68 -3.62 5.40
C PRO A 8 -9.62 -2.96 4.52
N VAL A 9 -9.09 -3.73 3.56
CA VAL A 9 -8.07 -3.22 2.66
C VAL A 9 -8.56 -3.21 1.22
N LYS A 10 -8.38 -2.08 0.54
CA LYS A 10 -8.81 -1.95 -0.85
C LYS A 10 -7.99 -2.85 -1.77
N VAL A 11 -8.65 -3.42 -2.77
CA VAL A 11 -7.97 -4.31 -3.71
C VAL A 11 -7.68 -3.60 -5.03
N LEU A 12 -6.42 -3.53 -5.39
CA LEU A 12 -6.01 -2.87 -6.63
C LEU A 12 -5.80 -3.89 -7.74
N VAL A 13 -6.12 -3.50 -8.97
CA VAL A 13 -5.96 -4.37 -10.12
C VAL A 13 -5.16 -3.69 -11.23
N GLY A 14 -4.69 -4.49 -12.18
CA GLY A 14 -3.91 -3.94 -13.28
C GLY A 14 -4.76 -3.13 -14.23
N LYS A 15 -6.02 -2.94 -13.89
CA LYS A 15 -6.94 -2.17 -14.73
C LYS A 15 -7.21 -0.80 -14.12
N ASN A 16 -7.32 -0.76 -12.81
CA ASN A 16 -7.58 0.49 -12.11
C ASN A 16 -6.55 0.73 -11.00
N PHE A 17 -5.46 -0.04 -11.05
CA PHE A 17 -4.39 0.09 -10.06
C PHE A 17 -4.01 1.55 -9.84
N GLU A 18 -3.47 2.17 -10.89
CA GLU A 18 -3.06 3.57 -10.81
C GLU A 18 -4.25 4.47 -10.50
N ASP A 19 -5.44 4.03 -10.90
CA ASP A 19 -6.65 4.80 -10.66
C ASP A 19 -6.76 5.19 -9.19
N VAL A 20 -6.58 4.23 -8.30
CA VAL A 20 -6.65 4.48 -6.87
C VAL A 20 -5.26 4.72 -6.27
N ALA A 21 -4.29 3.94 -6.72
CA ALA A 21 -2.92 4.07 -6.24
C ALA A 21 -2.46 5.52 -6.31
N PHE A 22 -2.37 6.05 -7.52
CA PHE A 22 -1.94 7.44 -7.71
C PHE A 22 -3.12 8.40 -7.56
N ASP A 23 -3.30 8.92 -6.35
CA ASP A 23 -4.38 9.85 -6.08
C ASP A 23 -3.86 11.08 -5.35
N GLU A 24 -4.31 12.25 -5.78
CA GLU A 24 -3.89 13.51 -5.17
C GLU A 24 -4.63 13.77 -3.87
N LYS A 25 -3.92 14.30 -2.88
CA LYS A 25 -4.52 14.59 -1.58
C LYS A 25 -4.98 13.31 -0.89
N LYS A 26 -4.27 12.22 -1.15
CA LYS A 26 -4.60 10.93 -0.55
C LYS A 26 -3.36 10.03 -0.47
N ASN A 27 -3.00 9.65 0.75
CA ASN A 27 -1.84 8.79 0.96
C ASN A 27 -2.24 7.32 0.91
N VAL A 28 -2.08 6.70 -0.25
CA VAL A 28 -2.42 5.29 -0.43
C VAL A 28 -1.19 4.41 -0.27
N PHE A 29 -1.31 3.38 0.56
CA PHE A 29 -0.20 2.46 0.81
C PHE A 29 -0.49 1.10 0.19
N VAL A 30 0.08 0.85 -0.99
CA VAL A 30 -0.12 -0.42 -1.67
C VAL A 30 0.82 -1.50 -1.14
N GLU A 31 0.49 -2.75 -1.41
CA GLU A 31 1.31 -3.87 -0.96
C GLU A 31 1.38 -4.97 -2.02
N PHE A 32 2.51 -5.06 -2.69
CA PHE A 32 2.71 -6.07 -3.73
C PHE A 32 3.10 -7.41 -3.12
N TYR A 33 2.13 -8.29 -2.96
CA TYR A 33 2.37 -9.61 -2.40
C TYR A 33 2.35 -10.68 -3.48
N ALA A 34 2.73 -11.90 -3.10
CA ALA A 34 2.76 -13.02 -4.03
C ALA A 34 2.00 -14.22 -3.48
N PRO A 35 1.19 -14.86 -4.33
CA PRO A 35 0.40 -16.02 -3.94
C PRO A 35 1.26 -17.26 -3.71
N TRP A 36 2.55 -17.13 -3.98
CA TRP A 36 3.48 -18.24 -3.80
C TRP A 36 4.59 -17.85 -2.82
N CYS A 37 4.71 -16.56 -2.54
CA CYS A 37 5.72 -16.07 -1.62
C CYS A 37 5.34 -16.36 -0.17
N GLY A 38 5.88 -17.45 0.36
CA GLY A 38 5.58 -17.83 1.73
C GLY A 38 5.45 -16.64 2.65
N HIS A 39 6.41 -15.71 2.55
CA HIS A 39 6.41 -14.51 3.37
C HIS A 39 5.05 -13.81 3.32
N CYS A 40 4.53 -13.63 2.11
CA CYS A 40 3.23 -12.98 1.93
C CYS A 40 2.18 -13.61 2.84
N LYS A 41 2.10 -14.93 2.81
CA LYS A 41 1.14 -15.66 3.62
C LYS A 41 1.08 -15.10 5.04
N GLN A 42 2.21 -14.56 5.49
CA GLN A 42 2.30 -13.99 6.84
C GLN A 42 1.85 -12.53 6.83
N LEU A 43 2.02 -11.86 5.70
CA LEU A 43 1.63 -10.46 5.57
C LEU A 43 0.15 -10.33 5.27
N ALA A 44 -0.47 -11.43 4.83
CA ALA A 44 -1.88 -11.44 4.52
C ALA A 44 -2.71 -10.88 5.67
N PRO A 45 -2.51 -11.46 6.87
CA PRO A 45 -3.23 -11.03 8.08
C PRO A 45 -2.79 -9.66 8.57
N ILE A 46 -1.48 -9.46 8.66
CA ILE A 46 -0.93 -8.20 9.10
C ILE A 46 -1.41 -7.04 8.22
N TRP A 47 -1.48 -7.30 6.92
CA TRP A 47 -1.92 -6.28 5.97
C TRP A 47 -3.41 -6.04 6.08
N ASP A 48 -4.16 -7.10 6.38
CA ASP A 48 -5.61 -7.01 6.52
C ASP A 48 -5.99 -6.34 7.84
N LYS A 49 -5.11 -6.49 8.83
CA LYS A 49 -5.36 -5.91 10.14
C LYS A 49 -5.06 -4.40 10.14
N LEU A 50 -4.16 -4.00 9.25
CA LEU A 50 -3.78 -2.59 9.13
C LEU A 50 -4.76 -1.83 8.24
N GLY A 51 -5.21 -2.49 7.18
CA GLY A 51 -6.14 -1.87 6.26
C GLY A 51 -7.43 -1.45 6.94
N GLU A 52 -7.94 -2.30 7.82
CA GLU A 52 -9.17 -2.00 8.53
C GLU A 52 -9.00 -0.78 9.43
N THR A 53 -7.78 -0.55 9.89
CA THR A 53 -7.48 0.58 10.75
C THR A 53 -7.63 1.90 10.00
N TYR A 54 -7.21 1.91 8.75
CA TYR A 54 -7.28 3.11 7.92
C TYR A 54 -8.25 2.90 6.75
N LYS A 55 -9.28 2.08 6.98
CA LYS A 55 -10.27 1.81 5.95
C LYS A 55 -11.24 2.96 5.80
N ASP A 56 -11.48 3.69 6.89
CA ASP A 56 -12.39 4.83 6.87
C ASP A 56 -11.64 6.12 7.19
N HIS A 57 -10.33 6.12 6.93
CA HIS A 57 -9.50 7.30 7.19
C HIS A 57 -9.89 8.44 6.27
N GLU A 58 -9.13 9.54 6.33
CA GLU A 58 -9.41 10.71 5.51
C GLU A 58 -8.44 10.77 4.33
N ASN A 59 -7.15 10.62 4.61
CA ASN A 59 -6.13 10.66 3.58
C ASN A 59 -5.41 9.32 3.46
N ILE A 60 -5.37 8.59 4.56
CA ILE A 60 -4.71 7.28 4.59
C ILE A 60 -5.64 6.19 4.04
N VAL A 61 -5.22 5.57 2.95
CA VAL A 61 -6.00 4.50 2.33
C VAL A 61 -5.13 3.29 2.01
N ILE A 62 -5.33 2.21 2.75
CA ILE A 62 -4.57 0.99 2.54
C ILE A 62 -5.11 0.19 1.36
N ALA A 63 -4.21 -0.42 0.60
CA ALA A 63 -4.60 -1.21 -0.56
C ALA A 63 -3.60 -2.34 -0.82
N LYS A 64 -4.10 -3.43 -1.39
CA LYS A 64 -3.24 -4.58 -1.69
C LYS A 64 -3.37 -4.98 -3.15
N MET A 65 -2.24 -5.33 -3.77
CA MET A 65 -2.23 -5.74 -5.18
C MET A 65 -1.33 -6.96 -5.38
N ASP A 66 -1.75 -7.85 -6.27
CA ASP A 66 -0.98 -9.05 -6.56
C ASP A 66 -0.09 -8.85 -7.79
N SER A 67 1.17 -8.53 -7.54
CA SER A 67 2.13 -8.30 -8.63
C SER A 67 2.18 -9.50 -9.57
N THR A 68 2.01 -10.70 -9.01
CA THR A 68 2.03 -11.92 -9.79
C THR A 68 0.77 -12.07 -10.62
N ALA A 69 -0.30 -11.41 -10.19
CA ALA A 69 -1.57 -11.46 -10.91
C ALA A 69 -1.84 -10.16 -11.65
N ASN A 70 -1.05 -9.14 -11.34
CA ASN A 70 -1.20 -7.84 -11.99
C ASN A 70 0.13 -7.09 -12.03
N GLU A 71 0.74 -7.04 -13.22
CA GLU A 71 2.02 -6.36 -13.39
C GLU A 71 1.82 -4.97 -13.99
N VAL A 72 2.50 -3.99 -13.42
CA VAL A 72 2.39 -2.61 -13.89
C VAL A 72 3.77 -1.97 -14.03
N GLU A 73 3.96 -1.21 -15.10
CA GLU A 73 5.23 -0.53 -15.35
C GLU A 73 5.41 0.66 -14.41
N ALA A 74 4.29 1.19 -13.92
CA ALA A 74 4.33 2.33 -13.01
C ALA A 74 4.97 1.95 -11.68
N VAL A 75 5.28 0.66 -11.52
CA VAL A 75 5.89 0.18 -10.29
C VAL A 75 6.73 -1.06 -10.56
N LYS A 76 8.00 -1.01 -10.18
CA LYS A 76 8.91 -2.14 -10.37
C LYS A 76 9.02 -2.98 -9.10
N VAL A 77 8.75 -4.27 -9.23
CA VAL A 77 8.81 -5.19 -8.10
C VAL A 77 9.55 -6.47 -8.47
N HIS A 78 10.82 -6.55 -8.05
CA HIS A 78 11.64 -7.72 -8.33
C HIS A 78 11.81 -8.58 -7.08
N SER A 79 10.83 -8.53 -6.19
CA SER A 79 10.88 -9.29 -4.95
C SER A 79 9.57 -9.18 -4.18
N PHE A 80 9.45 -9.93 -3.10
CA PHE A 80 8.25 -9.91 -2.27
C PHE A 80 8.51 -10.52 -0.90
N PRO A 81 7.77 -10.04 0.11
CA PRO A 81 6.74 -9.02 -0.07
C PRO A 81 7.34 -7.65 -0.39
N THR A 82 6.63 -6.87 -1.19
CA THR A 82 7.10 -5.54 -1.56
C THR A 82 6.04 -4.48 -1.24
N LEU A 83 6.42 -3.51 -0.42
CA LEU A 83 5.50 -2.44 -0.02
C LEU A 83 5.96 -1.11 -0.62
N LYS A 84 4.99 -0.30 -1.06
CA LYS A 84 5.29 1.00 -1.65
C LYS A 84 4.26 2.03 -1.21
N PHE A 85 4.74 3.13 -0.63
CA PHE A 85 3.87 4.19 -0.16
C PHE A 85 3.71 5.27 -1.23
N PHE A 86 2.46 5.65 -1.50
CA PHE A 86 2.16 6.66 -2.50
C PHE A 86 1.71 7.96 -1.84
N PRO A 87 2.57 8.99 -1.93
CA PRO A 87 2.28 10.31 -1.34
C PRO A 87 1.17 11.04 -2.09
N ALA A 88 0.64 12.09 -1.47
CA ALA A 88 -0.42 12.88 -2.07
C ALA A 88 0.12 13.83 -3.13
N SER A 89 0.97 13.29 -4.01
CA SER A 89 1.57 14.10 -5.08
C SER A 89 0.79 13.93 -6.38
N ALA A 90 0.32 15.04 -6.92
CA ALA A 90 -0.44 15.03 -8.17
C ALA A 90 0.22 14.12 -9.20
N ASP A 91 1.53 13.94 -9.07
CA ASP A 91 2.29 13.10 -9.98
C ASP A 91 2.32 11.65 -9.50
N ARG A 92 2.88 10.78 -10.32
CA ARG A 92 2.98 9.36 -9.98
C ARG A 92 4.25 9.08 -9.18
N THR A 93 4.28 9.54 -7.94
CA THR A 93 5.43 9.34 -7.07
C THR A 93 5.27 8.09 -6.21
N VAL A 94 6.36 7.35 -6.03
CA VAL A 94 6.32 6.14 -5.22
C VAL A 94 7.45 6.14 -4.19
N ILE A 95 7.10 5.77 -2.96
CA ILE A 95 8.09 5.73 -1.87
C ILE A 95 8.35 4.30 -1.42
N ASP A 96 9.62 3.94 -1.31
CA ASP A 96 10.00 2.60 -0.89
C ASP A 96 9.82 2.44 0.62
N TYR A 97 9.28 1.30 1.03
CA TYR A 97 9.06 1.02 2.45
C TYR A 97 10.01 -0.05 2.95
N ASN A 98 10.97 0.35 3.78
CA ASN A 98 11.94 -0.58 4.33
C ASN A 98 12.03 -0.43 5.86
N GLY A 99 11.00 -0.89 6.55
CA GLY A 99 10.99 -0.81 8.00
C GLY A 99 10.76 -2.15 8.66
N GLU A 100 10.18 -2.13 9.86
CA GLU A 100 9.92 -3.36 10.60
C GLU A 100 8.87 -4.20 9.90
N ARG A 101 8.06 -3.55 9.07
CA ARG A 101 7.01 -4.24 8.33
C ARG A 101 6.04 -4.93 9.28
N THR A 102 5.53 -4.18 10.25
CA THR A 102 4.60 -4.73 11.23
C THR A 102 3.37 -3.84 11.38
N LEU A 103 2.22 -4.47 11.61
CA LEU A 103 0.97 -3.73 11.75
C LEU A 103 1.21 -2.39 12.45
N ASP A 104 1.89 -2.43 13.59
CA ASP A 104 2.19 -1.22 14.35
C ASP A 104 3.23 -0.37 13.63
N GLY A 105 4.19 -1.04 13.00
CA GLY A 105 5.24 -0.33 12.28
C GLY A 105 4.70 0.50 11.13
N PHE A 106 3.70 -0.04 10.44
CA PHE A 106 3.10 0.66 9.31
C PHE A 106 2.41 1.94 9.77
N LYS A 107 1.68 1.85 10.88
CA LYS A 107 0.97 3.00 11.42
C LYS A 107 1.90 4.19 11.60
N LYS A 108 3.11 3.92 12.10
CA LYS A 108 4.10 4.96 12.32
C LYS A 108 4.48 5.63 11.00
N PHE A 109 4.91 4.83 10.04
CA PHE A 109 5.32 5.34 8.73
C PHE A 109 4.20 6.20 8.13
N LEU A 110 2.96 5.74 8.26
CA LEU A 110 1.81 6.46 7.73
C LEU A 110 1.57 7.75 8.52
N GLU A 111 1.24 7.60 9.79
CA GLU A 111 0.99 8.75 10.65
C GLU A 111 1.93 9.90 10.32
N SER A 112 3.18 9.57 10.01
CA SER A 112 4.18 10.57 9.67
C SER A 112 3.86 11.23 8.34
N GLY A 113 3.47 10.42 7.36
CA GLY A 113 3.15 10.94 6.05
C GLY A 113 4.08 10.42 4.97
N GLY A 114 4.59 9.21 5.17
CA GLY A 114 5.49 8.62 4.19
C GLY A 114 6.83 9.32 4.14
N GLN A 115 7.38 9.60 5.32
CA GLN A 115 8.68 10.27 5.42
C GLN A 115 9.80 9.39 4.87
N SER A 116 10.53 9.91 3.90
CA SER A 116 11.63 9.17 3.28
C SER A 116 12.87 9.22 4.17
N GLY A 117 13.35 10.44 4.43
CA GLY A 117 14.53 10.61 5.24
C GLY A 117 14.23 11.26 6.58
N PRO A 118 15.26 11.77 7.25
CA PRO A 118 15.13 12.43 8.55
C PRO A 118 14.42 13.78 8.45
N SER A 119 13.63 14.11 9.47
CA SER A 119 12.89 15.37 9.48
C SER A 119 13.70 16.47 8.83
N SER A 120 13.22 16.97 7.70
CA SER A 120 13.90 18.04 6.97
C SER A 120 13.13 19.34 7.08
N GLY A 121 13.46 20.14 8.09
CA GLY A 121 12.79 21.41 8.29
C GLY A 121 12.00 21.46 9.59
N GLY A 1 -26.92 2.90 7.08
CA GLY A 1 -27.14 2.42 8.43
C GLY A 1 -25.84 2.02 9.11
N SER A 2 -25.72 0.74 9.45
CA SER A 2 -24.53 0.24 10.12
C SER A 2 -23.39 0.01 9.11
N SER A 3 -23.63 -0.88 8.16
CA SER A 3 -22.64 -1.20 7.14
C SER A 3 -22.03 0.09 6.57
N GLY A 4 -20.70 0.12 6.50
CA GLY A 4 -20.03 1.28 5.96
C GLY A 4 -19.28 0.99 4.68
N SER A 5 -18.09 0.42 4.81
CA SER A 5 -17.27 0.08 3.65
C SER A 5 -16.95 -1.42 3.62
N SER A 6 -17.60 -2.12 2.70
CA SER A 6 -17.40 -3.56 2.56
C SER A 6 -15.97 -3.87 2.12
N GLY A 7 -15.11 -4.17 3.10
CA GLY A 7 -13.73 -4.49 2.80
C GLY A 7 -12.76 -3.64 3.61
N PRO A 8 -11.88 -4.31 4.37
CA PRO A 8 -10.87 -3.63 5.20
C PRO A 8 -9.79 -2.95 4.37
N VAL A 9 -9.24 -3.69 3.41
CA VAL A 9 -8.19 -3.16 2.54
C VAL A 9 -8.63 -3.15 1.09
N LYS A 10 -8.34 -2.06 0.39
CA LYS A 10 -8.71 -1.92 -1.02
C LYS A 10 -7.98 -2.95 -1.86
N VAL A 11 -8.61 -3.37 -2.96
CA VAL A 11 -8.01 -4.35 -3.86
C VAL A 11 -7.72 -3.73 -5.22
N LEU A 12 -6.48 -3.34 -5.44
CA LEU A 12 -6.06 -2.73 -6.70
C LEU A 12 -5.83 -3.80 -7.76
N VAL A 13 -6.15 -3.47 -9.00
CA VAL A 13 -5.97 -4.40 -10.12
C VAL A 13 -5.18 -3.76 -11.25
N GLY A 14 -4.67 -4.59 -12.15
CA GLY A 14 -3.90 -4.09 -13.27
C GLY A 14 -4.73 -3.26 -14.22
N LYS A 15 -6.02 -3.14 -13.93
CA LYS A 15 -6.93 -2.37 -14.77
C LYS A 15 -7.01 -0.92 -14.29
N ASN A 16 -7.31 -0.74 -13.01
CA ASN A 16 -7.43 0.59 -12.42
C ASN A 16 -6.52 0.72 -11.21
N PHE A 17 -5.39 0.01 -11.23
CA PHE A 17 -4.44 0.05 -10.12
C PHE A 17 -4.02 1.49 -9.82
N GLU A 18 -3.34 2.11 -10.78
CA GLU A 18 -2.88 3.49 -10.61
C GLU A 18 -4.05 4.42 -10.29
N ASP A 19 -5.20 4.14 -10.89
CA ASP A 19 -6.39 4.95 -10.68
C ASP A 19 -6.64 5.18 -9.18
N VAL A 20 -6.65 4.10 -8.42
CA VAL A 20 -6.86 4.18 -6.98
C VAL A 20 -5.55 4.42 -6.24
N ALA A 21 -4.46 3.91 -6.80
CA ALA A 21 -3.15 4.07 -6.19
C ALA A 21 -2.70 5.52 -6.23
N PHE A 22 -2.50 6.05 -7.43
CA PHE A 22 -2.07 7.43 -7.61
C PHE A 22 -3.26 8.39 -7.51
N ASP A 23 -3.42 9.01 -6.35
CA ASP A 23 -4.52 9.95 -6.13
C ASP A 23 -4.02 11.20 -5.41
N GLU A 24 -4.70 12.32 -5.66
CA GLU A 24 -4.33 13.59 -5.04
C GLU A 24 -4.94 13.71 -3.66
N LYS A 25 -4.26 14.45 -2.78
CA LYS A 25 -4.74 14.66 -1.42
C LYS A 25 -5.17 13.34 -0.79
N LYS A 26 -4.42 12.27 -1.08
CA LYS A 26 -4.72 10.96 -0.53
C LYS A 26 -3.47 10.08 -0.51
N ASN A 27 -3.06 9.68 0.68
CA ASN A 27 -1.87 8.84 0.84
C ASN A 27 -2.25 7.37 0.80
N VAL A 28 -2.16 6.76 -0.39
CA VAL A 28 -2.48 5.35 -0.56
C VAL A 28 -1.25 4.48 -0.39
N PHE A 29 -1.37 3.44 0.44
CA PHE A 29 -0.27 2.53 0.68
C PHE A 29 -0.55 1.16 0.07
N VAL A 30 0.04 0.91 -1.09
CA VAL A 30 -0.14 -0.35 -1.78
C VAL A 30 0.81 -1.42 -1.24
N GLU A 31 0.40 -2.68 -1.37
CA GLU A 31 1.21 -3.79 -0.89
C GLU A 31 1.31 -4.89 -1.94
N PHE A 32 2.45 -4.96 -2.63
CA PHE A 32 2.67 -5.96 -3.66
C PHE A 32 3.08 -7.29 -3.04
N TYR A 33 2.11 -8.19 -2.90
CA TYR A 33 2.36 -9.50 -2.33
C TYR A 33 2.35 -10.58 -3.40
N ALA A 34 2.71 -11.80 -3.02
CA ALA A 34 2.73 -12.92 -3.95
C ALA A 34 1.95 -14.11 -3.38
N PRO A 35 1.14 -14.74 -4.24
CA PRO A 35 0.32 -15.89 -3.86
C PRO A 35 1.16 -17.13 -3.60
N TRP A 36 2.47 -17.02 -3.86
CA TRP A 36 3.38 -18.14 -3.65
C TRP A 36 4.48 -17.77 -2.66
N CYS A 37 4.65 -16.47 -2.43
CA CYS A 37 5.66 -15.99 -1.50
C CYS A 37 5.32 -16.36 -0.06
N GLY A 38 6.11 -17.25 0.52
CA GLY A 38 5.88 -17.69 1.88
C GLY A 38 5.74 -16.52 2.85
N HIS A 39 6.55 -15.49 2.64
CA HIS A 39 6.51 -14.30 3.50
C HIS A 39 5.15 -13.59 3.39
N CYS A 40 4.57 -13.62 2.19
CA CYS A 40 3.28 -12.98 1.96
C CYS A 40 2.20 -13.62 2.83
N LYS A 41 2.15 -14.95 2.81
CA LYS A 41 1.16 -15.69 3.59
C LYS A 41 1.07 -15.14 5.01
N GLN A 42 2.16 -14.54 5.48
CA GLN A 42 2.21 -13.98 6.83
C GLN A 42 1.74 -12.53 6.82
N LEU A 43 1.93 -11.85 5.69
CA LEU A 43 1.53 -10.46 5.57
C LEU A 43 0.03 -10.34 5.26
N ALA A 44 -0.56 -11.45 4.84
CA ALA A 44 -1.99 -11.47 4.54
C ALA A 44 -2.81 -10.95 5.70
N PRO A 45 -2.60 -11.54 6.89
CA PRO A 45 -3.32 -11.14 8.11
C PRO A 45 -2.90 -9.75 8.60
N ILE A 46 -1.59 -9.52 8.67
CA ILE A 46 -1.07 -8.24 9.12
C ILE A 46 -1.58 -7.10 8.25
N TRP A 47 -1.55 -7.30 6.94
CA TRP A 47 -2.01 -6.29 6.00
C TRP A 47 -3.51 -6.04 6.16
N ASP A 48 -4.25 -7.10 6.46
CA ASP A 48 -5.69 -7.00 6.64
C ASP A 48 -6.03 -6.18 7.88
N LYS A 49 -5.19 -6.30 8.91
CA LYS A 49 -5.40 -5.56 10.15
C LYS A 49 -5.14 -4.07 9.96
N LEU A 50 -3.99 -3.75 9.37
CA LEU A 50 -3.62 -2.36 9.13
C LEU A 50 -4.60 -1.70 8.17
N GLY A 51 -5.06 -2.47 7.19
CA GLY A 51 -6.00 -1.94 6.21
C GLY A 51 -7.29 -1.45 6.85
N GLU A 52 -7.89 -2.30 7.67
CA GLU A 52 -9.14 -1.95 8.35
C GLU A 52 -8.94 -0.75 9.28
N THR A 53 -7.70 -0.52 9.67
CA THR A 53 -7.37 0.58 10.56
C THR A 53 -7.46 1.92 9.83
N TYR A 54 -7.16 1.91 8.54
CA TYR A 54 -7.21 3.11 7.72
C TYR A 54 -8.18 2.95 6.56
N LYS A 55 -9.19 2.12 6.75
CA LYS A 55 -10.19 1.87 5.72
C LYS A 55 -11.13 3.06 5.58
N ASP A 56 -11.45 3.69 6.70
CA ASP A 56 -12.34 4.84 6.71
C ASP A 56 -11.57 6.12 7.03
N HIS A 57 -10.27 6.12 6.74
CA HIS A 57 -9.43 7.27 7.01
C HIS A 57 -9.80 8.44 6.09
N GLU A 58 -9.01 9.51 6.16
CA GLU A 58 -9.27 10.69 5.33
C GLU A 58 -8.29 10.74 4.15
N ASN A 59 -7.01 10.58 4.44
CA ASN A 59 -5.98 10.60 3.41
C ASN A 59 -5.26 9.26 3.32
N ILE A 60 -5.21 8.55 4.44
CA ILE A 60 -4.55 7.25 4.48
C ILE A 60 -5.47 6.14 3.96
N VAL A 61 -5.09 5.54 2.84
CA VAL A 61 -5.88 4.48 2.24
C VAL A 61 -5.02 3.26 1.93
N ILE A 62 -5.27 2.16 2.63
CA ILE A 62 -4.52 0.93 2.44
C ILE A 62 -5.09 0.12 1.27
N ALA A 63 -4.20 -0.43 0.45
CA ALA A 63 -4.61 -1.23 -0.70
C ALA A 63 -3.61 -2.36 -0.96
N LYS A 64 -4.12 -3.47 -1.48
CA LYS A 64 -3.28 -4.63 -1.78
C LYS A 64 -3.42 -5.02 -3.25
N MET A 65 -2.29 -5.37 -3.86
CA MET A 65 -2.27 -5.77 -5.26
C MET A 65 -1.32 -6.95 -5.48
N ASP A 66 -1.78 -7.95 -6.24
CA ASP A 66 -0.97 -9.13 -6.52
C ASP A 66 -0.05 -8.88 -7.71
N SER A 67 1.19 -8.51 -7.43
CA SER A 67 2.16 -8.24 -8.50
C SER A 67 2.32 -9.44 -9.41
N THR A 68 2.00 -10.62 -8.89
CA THR A 68 2.11 -11.85 -9.66
C THR A 68 0.88 -12.04 -10.56
N ALA A 69 -0.22 -11.39 -10.20
CA ALA A 69 -1.45 -11.49 -10.97
C ALA A 69 -1.65 -10.24 -11.82
N ASN A 70 -1.00 -9.14 -11.44
CA ASN A 70 -1.12 -7.89 -12.18
C ASN A 70 0.24 -7.22 -12.33
N GLU A 71 0.53 -6.74 -13.54
CA GLU A 71 1.79 -6.08 -13.81
C GLU A 71 1.56 -4.67 -14.36
N VAL A 72 2.33 -3.71 -13.83
CA VAL A 72 2.21 -2.32 -14.26
C VAL A 72 3.57 -1.65 -14.35
N GLU A 73 3.75 -0.80 -15.36
CA GLU A 73 5.00 -0.10 -15.55
C GLU A 73 5.20 0.99 -14.50
N ALA A 74 4.08 1.51 -13.99
CA ALA A 74 4.12 2.55 -12.97
C ALA A 74 4.87 2.08 -11.73
N VAL A 75 5.11 0.78 -11.64
CA VAL A 75 5.81 0.20 -10.50
C VAL A 75 6.47 -1.13 -10.88
N LYS A 76 7.79 -1.18 -10.80
CA LYS A 76 8.55 -2.38 -11.13
C LYS A 76 8.96 -3.12 -9.87
N VAL A 77 8.31 -4.25 -9.60
CA VAL A 77 8.62 -5.05 -8.43
C VAL A 77 9.42 -6.30 -8.80
N HIS A 78 10.57 -6.48 -8.16
CA HIS A 78 11.43 -7.62 -8.42
C HIS A 78 11.62 -8.46 -7.16
N SER A 79 10.67 -8.37 -6.24
CA SER A 79 10.74 -9.11 -4.99
C SER A 79 9.43 -9.00 -4.21
N PHE A 80 9.30 -9.80 -3.16
CA PHE A 80 8.11 -9.80 -2.33
C PHE A 80 8.36 -10.46 -0.99
N PRO A 81 7.61 -10.02 0.04
CA PRO A 81 6.59 -8.98 -0.11
C PRO A 81 7.19 -7.61 -0.37
N THR A 82 6.51 -6.80 -1.17
CA THR A 82 6.97 -5.46 -1.50
C THR A 82 5.91 -4.41 -1.20
N LEU A 83 6.29 -3.40 -0.42
CA LEU A 83 5.36 -2.34 -0.05
C LEU A 83 5.82 -1.00 -0.64
N LYS A 84 4.85 -0.21 -1.11
CA LYS A 84 5.15 1.08 -1.70
C LYS A 84 4.11 2.13 -1.27
N PHE A 85 4.58 3.20 -0.66
CA PHE A 85 3.70 4.27 -0.20
C PHE A 85 3.55 5.36 -1.27
N PHE A 86 2.30 5.70 -1.58
CA PHE A 86 2.03 6.72 -2.58
C PHE A 86 1.55 8.02 -1.93
N PRO A 87 2.39 9.06 -2.00
CA PRO A 87 2.06 10.37 -1.42
C PRO A 87 0.94 11.08 -2.17
N ALA A 88 0.37 12.10 -1.54
CA ALA A 88 -0.71 12.87 -2.15
C ALA A 88 -0.18 13.87 -3.17
N SER A 89 0.63 13.38 -4.11
CA SER A 89 1.20 14.23 -5.14
C SER A 89 0.50 14.03 -6.48
N ALA A 90 -0.02 15.12 -7.02
CA ALA A 90 -0.72 15.07 -8.30
C ALA A 90 0.00 14.18 -9.29
N ASP A 91 1.30 14.01 -9.08
CA ASP A 91 2.12 13.17 -9.96
C ASP A 91 2.08 11.71 -9.51
N ARG A 92 2.80 10.87 -10.24
CA ARG A 92 2.84 9.45 -9.92
C ARG A 92 4.11 9.10 -9.14
N THR A 93 4.24 9.69 -7.95
CA THR A 93 5.40 9.44 -7.11
C THR A 93 5.20 8.23 -6.23
N VAL A 94 6.26 7.45 -6.03
CA VAL A 94 6.20 6.25 -5.21
C VAL A 94 7.33 6.23 -4.18
N ILE A 95 6.99 5.91 -2.93
CA ILE A 95 7.98 5.84 -1.86
C ILE A 95 8.23 4.40 -1.43
N ASP A 96 9.50 4.07 -1.22
CA ASP A 96 9.86 2.72 -0.79
C ASP A 96 9.72 2.57 0.72
N TYR A 97 9.19 1.43 1.15
CA TYR A 97 9.00 1.16 2.57
C TYR A 97 10.06 0.21 3.10
N ASN A 98 10.99 0.74 3.89
CA ASN A 98 12.06 -0.07 4.46
C ASN A 98 12.07 0.02 5.98
N GLY A 99 11.01 -0.50 6.60
CA GLY A 99 10.91 -0.46 8.05
C GLY A 99 10.80 -1.84 8.65
N GLU A 100 10.16 -1.93 9.82
CA GLU A 100 9.99 -3.21 10.50
C GLU A 100 9.05 -4.12 9.72
N ARG A 101 8.05 -3.52 9.08
CA ARG A 101 7.08 -4.28 8.29
C ARG A 101 6.11 -5.01 9.21
N THR A 102 5.58 -4.30 10.20
CA THR A 102 4.63 -4.88 11.15
C THR A 102 3.36 -4.05 11.23
N LEU A 103 2.33 -4.61 11.83
CA LEU A 103 1.05 -3.92 11.99
C LEU A 103 1.24 -2.59 12.69
N ASP A 104 2.01 -2.59 13.76
CA ASP A 104 2.27 -1.38 14.52
C ASP A 104 3.31 -0.51 13.82
N GLY A 105 4.23 -1.15 13.11
CA GLY A 105 5.27 -0.42 12.40
C GLY A 105 4.72 0.37 11.24
N PHE A 106 3.74 -0.19 10.53
CA PHE A 106 3.14 0.46 9.38
C PHE A 106 2.53 1.80 9.79
N LYS A 107 1.76 1.79 10.87
CA LYS A 107 1.11 3.00 11.37
C LYS A 107 2.14 4.11 11.58
N LYS A 108 3.28 3.76 12.17
CA LYS A 108 4.33 4.73 12.42
C LYS A 108 4.74 5.44 11.14
N PHE A 109 4.96 4.67 10.08
CA PHE A 109 5.35 5.24 8.80
C PHE A 109 4.24 6.13 8.23
N LEU A 110 3.02 5.61 8.24
CA LEU A 110 1.88 6.37 7.73
C LEU A 110 1.66 7.65 8.54
N GLU A 111 1.35 7.49 9.81
CA GLU A 111 1.12 8.64 10.69
C GLU A 111 2.07 9.78 10.35
N SER A 112 3.30 9.43 9.98
CA SER A 112 4.31 10.42 9.63
C SER A 112 3.97 11.10 8.30
N GLY A 113 3.58 10.29 7.32
CA GLY A 113 3.24 10.82 6.01
C GLY A 113 4.23 10.40 4.94
N GLY A 114 4.80 9.22 5.10
CA GLY A 114 5.77 8.73 4.13
C GLY A 114 7.12 9.40 4.27
N GLN A 115 7.61 9.48 5.50
CA GLN A 115 8.91 10.09 5.76
C GLN A 115 10.05 9.14 5.45
N SER A 116 10.51 9.17 4.20
CA SER A 116 11.60 8.30 3.77
C SER A 116 12.95 8.95 4.04
N GLY A 117 13.88 8.16 4.58
CA GLY A 117 15.20 8.67 4.88
C GLY A 117 15.16 10.05 5.51
N PRO A 118 16.24 10.82 5.31
CA PRO A 118 16.35 12.18 5.86
C PRO A 118 15.39 13.16 5.18
N SER A 119 14.59 12.64 4.26
CA SER A 119 13.63 13.47 3.53
C SER A 119 12.26 13.42 4.19
N SER A 120 11.49 14.49 4.03
CA SER A 120 10.15 14.58 4.60
C SER A 120 9.11 14.81 3.52
N GLY A 121 8.53 13.72 3.02
CA GLY A 121 7.52 13.82 1.99
C GLY A 121 7.80 14.94 1.01
N GLY A 1 -19.62 4.49 -5.54
CA GLY A 1 -19.85 5.02 -4.21
C GLY A 1 -19.14 4.22 -3.14
N SER A 2 -19.73 3.08 -2.77
CA SER A 2 -19.15 2.22 -1.74
C SER A 2 -17.86 1.60 -2.22
N SER A 3 -16.74 2.17 -1.79
CA SER A 3 -15.42 1.66 -2.17
C SER A 3 -15.34 0.15 -2.00
N GLY A 4 -15.64 -0.32 -0.80
CA GLY A 4 -15.61 -1.75 -0.52
C GLY A 4 -16.46 -2.13 0.66
N SER A 5 -17.65 -2.66 0.39
CA SER A 5 -18.57 -3.07 1.45
C SER A 5 -17.91 -4.09 2.37
N SER A 6 -17.82 -3.74 3.66
CA SER A 6 -17.21 -4.62 4.63
C SER A 6 -15.80 -5.03 4.21
N GLY A 7 -15.06 -4.06 3.70
CA GLY A 7 -13.70 -4.33 3.25
C GLY A 7 -12.67 -3.52 4.02
N PRO A 8 -11.76 -4.21 4.72
CA PRO A 8 -10.71 -3.57 5.52
C PRO A 8 -9.65 -2.91 4.63
N VAL A 9 -9.14 -3.66 3.67
CA VAL A 9 -8.12 -3.15 2.76
C VAL A 9 -8.62 -3.14 1.32
N LYS A 10 -8.30 -2.08 0.58
CA LYS A 10 -8.71 -1.96 -0.81
C LYS A 10 -7.93 -2.93 -1.69
N VAL A 11 -8.56 -3.40 -2.76
CA VAL A 11 -7.92 -4.32 -3.69
C VAL A 11 -7.68 -3.67 -5.04
N LEU A 12 -6.42 -3.37 -5.33
CA LEU A 12 -6.05 -2.73 -6.60
C LEU A 12 -5.79 -3.79 -7.66
N VAL A 13 -6.10 -3.45 -8.91
CA VAL A 13 -5.88 -4.35 -10.03
C VAL A 13 -5.08 -3.68 -11.14
N GLY A 14 -4.50 -4.50 -12.02
CA GLY A 14 -3.71 -3.96 -13.11
C GLY A 14 -4.54 -3.18 -14.10
N LYS A 15 -5.85 -3.14 -13.87
CA LYS A 15 -6.77 -2.43 -14.75
C LYS A 15 -6.92 -0.98 -14.31
N ASN A 16 -7.20 -0.78 -13.02
CA ASN A 16 -7.37 0.55 -12.47
C ASN A 16 -6.45 0.78 -11.29
N PHE A 17 -5.34 0.04 -11.26
CA PHE A 17 -4.36 0.16 -10.19
C PHE A 17 -4.02 1.63 -9.92
N GLU A 18 -3.38 2.27 -10.90
CA GLU A 18 -3.00 3.66 -10.77
C GLU A 18 -4.23 4.55 -10.57
N ASP A 19 -5.32 4.21 -11.26
CA ASP A 19 -6.55 4.98 -11.16
C ASP A 19 -6.94 5.18 -9.70
N VAL A 20 -6.70 4.16 -8.88
CA VAL A 20 -7.04 4.22 -7.46
C VAL A 20 -5.80 4.54 -6.62
N ALA A 21 -4.79 3.68 -6.73
CA ALA A 21 -3.56 3.88 -5.98
C ALA A 21 -3.08 5.33 -6.06
N PHE A 22 -2.77 5.77 -7.27
CA PHE A 22 -2.31 7.14 -7.48
C PHE A 22 -3.47 8.12 -7.43
N ASP A 23 -3.76 8.64 -6.23
CA ASP A 23 -4.84 9.59 -6.05
C ASP A 23 -4.36 10.82 -5.28
N GLU A 24 -4.21 11.93 -6.00
CA GLU A 24 -3.75 13.17 -5.38
C GLU A 24 -4.57 13.50 -4.13
N LYS A 25 -3.93 14.15 -3.17
CA LYS A 25 -4.60 14.52 -1.92
C LYS A 25 -5.03 13.28 -1.14
N LYS A 26 -4.30 12.18 -1.34
CA LYS A 26 -4.60 10.94 -0.66
C LYS A 26 -3.36 10.05 -0.58
N ASN A 27 -2.98 9.67 0.65
CA ASN A 27 -1.81 8.83 0.86
C ASN A 27 -2.20 7.35 0.84
N VAL A 28 -2.15 6.74 -0.34
CA VAL A 28 -2.50 5.33 -0.49
C VAL A 28 -1.26 4.44 -0.34
N PHE A 29 -1.35 3.47 0.56
CA PHE A 29 -0.25 2.55 0.80
C PHE A 29 -0.53 1.17 0.20
N VAL A 30 0.04 0.92 -0.97
CA VAL A 30 -0.15 -0.35 -1.66
C VAL A 30 0.81 -1.41 -1.15
N GLU A 31 0.46 -2.67 -1.33
CA GLU A 31 1.30 -3.78 -0.89
C GLU A 31 1.39 -4.86 -1.96
N PHE A 32 2.54 -4.94 -2.61
CA PHE A 32 2.76 -5.93 -3.66
C PHE A 32 3.15 -7.28 -3.07
N TYR A 33 2.17 -8.17 -2.94
CA TYR A 33 2.42 -9.50 -2.38
C TYR A 33 2.38 -10.57 -3.47
N ALA A 34 2.67 -11.81 -3.09
CA ALA A 34 2.66 -12.92 -4.03
C ALA A 34 1.82 -14.08 -3.51
N PRO A 35 0.97 -14.63 -4.37
CA PRO A 35 0.08 -15.75 -4.03
C PRO A 35 0.85 -17.04 -3.81
N TRP A 36 2.16 -17.00 -4.06
CA TRP A 36 3.01 -18.18 -3.88
C TRP A 36 4.14 -17.89 -2.91
N CYS A 37 4.32 -16.62 -2.59
CA CYS A 37 5.38 -16.20 -1.66
C CYS A 37 5.03 -16.59 -0.23
N GLY A 38 5.94 -17.31 0.41
CA GLY A 38 5.72 -17.73 1.78
C GLY A 38 5.58 -16.56 2.74
N HIS A 39 6.53 -15.63 2.66
CA HIS A 39 6.52 -14.47 3.53
C HIS A 39 5.20 -13.70 3.41
N CYS A 40 4.59 -13.79 2.23
CA CYS A 40 3.32 -13.11 1.98
C CYS A 40 2.20 -13.71 2.83
N LYS A 41 2.12 -15.03 2.84
CA LYS A 41 1.09 -15.73 3.61
C LYS A 41 1.03 -15.19 5.04
N GLN A 42 2.13 -14.61 5.50
CA GLN A 42 2.20 -14.05 6.84
C GLN A 42 1.78 -12.59 6.85
N LEU A 43 1.93 -11.92 5.71
CA LEU A 43 1.56 -10.52 5.59
C LEU A 43 0.08 -10.37 5.29
N ALA A 44 -0.55 -11.46 4.85
CA ALA A 44 -1.97 -11.46 4.54
C ALA A 44 -2.79 -10.91 5.70
N PRO A 45 -2.61 -11.50 6.89
CA PRO A 45 -3.32 -11.10 8.10
C PRO A 45 -2.86 -9.73 8.61
N ILE A 46 -1.55 -9.55 8.67
CA ILE A 46 -0.98 -8.29 9.15
C ILE A 46 -1.45 -7.12 8.28
N TRP A 47 -1.50 -7.35 6.97
CA TRP A 47 -1.94 -6.32 6.04
C TRP A 47 -3.44 -6.06 6.16
N ASP A 48 -4.19 -7.11 6.43
CA ASP A 48 -5.64 -6.98 6.58
C ASP A 48 -6.00 -6.31 7.90
N LYS A 49 -5.13 -6.48 8.90
CA LYS A 49 -5.35 -5.87 10.21
C LYS A 49 -4.99 -4.40 10.20
N LEU A 50 -4.12 -4.01 9.27
CA LEU A 50 -3.70 -2.62 9.15
C LEU A 50 -4.65 -1.83 8.26
N GLY A 51 -5.19 -2.48 7.24
CA GLY A 51 -6.10 -1.82 6.33
C GLY A 51 -7.38 -1.37 7.02
N GLU A 52 -7.94 -2.23 7.86
CA GLU A 52 -9.15 -1.92 8.59
C GLU A 52 -8.94 -0.75 9.53
N THR A 53 -7.68 -0.52 9.90
CA THR A 53 -7.34 0.58 10.81
C THR A 53 -7.42 1.92 10.10
N TYR A 54 -7.12 1.92 8.80
CA TYR A 54 -7.16 3.14 8.01
C TYR A 54 -8.14 3.01 6.85
N LYS A 55 -9.12 2.13 7.01
CA LYS A 55 -10.13 1.91 5.98
C LYS A 55 -11.03 3.13 5.84
N ASP A 56 -11.28 3.82 6.94
CA ASP A 56 -12.12 5.00 6.94
C ASP A 56 -11.32 6.24 7.33
N HIS A 57 -10.02 6.22 7.04
CA HIS A 57 -9.15 7.34 7.36
C HIS A 57 -9.52 8.57 6.54
N GLU A 58 -8.70 9.61 6.65
CA GLU A 58 -8.95 10.85 5.93
C GLU A 58 -8.02 10.96 4.72
N ASN A 59 -6.73 10.78 4.95
CA ASN A 59 -5.74 10.87 3.89
C ASN A 59 -4.91 9.60 3.82
N ILE A 60 -5.34 8.57 4.54
CA ILE A 60 -4.63 7.30 4.56
C ILE A 60 -5.53 6.16 4.08
N VAL A 61 -5.22 5.62 2.90
CA VAL A 61 -6.01 4.53 2.34
C VAL A 61 -5.13 3.32 2.04
N ILE A 62 -5.37 2.23 2.77
CA ILE A 62 -4.60 1.01 2.59
C ILE A 62 -5.14 0.18 1.43
N ALA A 63 -4.25 -0.34 0.60
CA ALA A 63 -4.65 -1.15 -0.55
C ALA A 63 -3.63 -2.25 -0.81
N LYS A 64 -4.07 -3.32 -1.47
CA LYS A 64 -3.20 -4.44 -1.80
C LYS A 64 -3.33 -4.83 -3.27
N MET A 65 -2.21 -5.25 -3.86
CA MET A 65 -2.20 -5.66 -5.26
C MET A 65 -1.30 -6.86 -5.48
N ASP A 66 -1.72 -7.77 -6.36
CA ASP A 66 -0.94 -8.97 -6.65
C ASP A 66 0.02 -8.72 -7.82
N SER A 67 1.29 -8.48 -7.48
CA SER A 67 2.30 -8.21 -8.50
C SER A 67 2.46 -9.42 -9.42
N THR A 68 2.00 -10.58 -8.96
CA THR A 68 2.10 -11.81 -9.74
C THR A 68 0.89 -11.98 -10.65
N ALA A 69 -0.12 -11.13 -10.44
CA ALA A 69 -1.33 -11.18 -11.25
C ALA A 69 -1.62 -9.84 -11.91
N ASN A 70 -0.91 -8.81 -11.47
CA ASN A 70 -1.08 -7.47 -12.03
C ASN A 70 0.26 -6.77 -12.21
N GLU A 71 0.65 -6.57 -13.47
CA GLU A 71 1.91 -5.91 -13.78
C GLU A 71 1.69 -4.48 -14.25
N VAL A 72 2.47 -3.55 -13.71
CA VAL A 72 2.35 -2.15 -14.09
C VAL A 72 3.72 -1.51 -14.24
N GLU A 73 3.83 -0.58 -15.20
CA GLU A 73 5.09 0.11 -15.45
C GLU A 73 5.33 1.20 -14.40
N ALA A 74 4.25 1.78 -13.90
CA ALA A 74 4.34 2.83 -12.90
C ALA A 74 5.07 2.34 -11.65
N VAL A 75 5.22 1.02 -11.55
CA VAL A 75 5.91 0.42 -10.40
C VAL A 75 6.50 -0.94 -10.76
N LYS A 76 7.82 -1.06 -10.60
CA LYS A 76 8.52 -2.29 -10.91
C LYS A 76 8.89 -3.04 -9.64
N VAL A 77 8.35 -4.24 -9.48
CA VAL A 77 8.63 -5.07 -8.31
C VAL A 77 9.41 -6.32 -8.69
N HIS A 78 10.63 -6.43 -8.16
CA HIS A 78 11.48 -7.57 -8.44
C HIS A 78 11.66 -8.44 -7.20
N SER A 79 10.76 -8.28 -6.23
CA SER A 79 10.81 -9.04 -4.99
C SER A 79 9.49 -8.94 -4.24
N PHE A 80 9.33 -9.81 -3.24
CA PHE A 80 8.11 -9.82 -2.45
C PHE A 80 8.34 -10.54 -1.12
N PRO A 81 7.57 -10.16 -0.09
CA PRO A 81 6.56 -9.09 -0.21
C PRO A 81 7.19 -7.72 -0.40
N THR A 82 6.52 -6.87 -1.17
CA THR A 82 7.01 -5.51 -1.43
C THR A 82 5.95 -4.47 -1.08
N LEU A 83 6.36 -3.44 -0.36
CA LEU A 83 5.45 -2.37 0.03
C LEU A 83 5.91 -1.02 -0.52
N LYS A 84 4.96 -0.22 -0.99
CA LYS A 84 5.26 1.09 -1.55
C LYS A 84 4.25 2.12 -1.10
N PHE A 85 4.73 3.24 -0.54
CA PHE A 85 3.86 4.29 -0.07
C PHE A 85 3.65 5.36 -1.15
N PHE A 86 2.39 5.65 -1.45
CA PHE A 86 2.06 6.64 -2.46
C PHE A 86 1.57 7.94 -1.82
N PRO A 87 2.44 8.97 -1.81
CA PRO A 87 2.12 10.27 -1.23
C PRO A 87 1.08 11.03 -2.06
N ALA A 88 0.51 12.07 -1.47
CA ALA A 88 -0.50 12.88 -2.15
C ALA A 88 0.14 13.78 -3.20
N SER A 89 0.77 13.15 -4.19
CA SER A 89 1.42 13.90 -5.27
C SER A 89 0.78 13.59 -6.61
N ALA A 90 0.80 14.57 -7.51
CA ALA A 90 0.22 14.41 -8.83
C ALA A 90 1.24 13.86 -9.81
N ASP A 91 2.42 13.54 -9.31
CA ASP A 91 3.48 12.99 -10.15
C ASP A 91 3.66 11.49 -9.90
N ARG A 92 2.55 10.81 -9.65
CA ARG A 92 2.57 9.38 -9.39
C ARG A 92 3.85 8.98 -8.66
N THR A 93 4.23 9.79 -7.67
CA THR A 93 5.44 9.52 -6.89
C THR A 93 5.27 8.27 -6.03
N VAL A 94 6.37 7.54 -5.86
CA VAL A 94 6.34 6.31 -5.06
C VAL A 94 7.50 6.29 -4.06
N ILE A 95 7.21 5.82 -2.84
CA ILE A 95 8.22 5.74 -1.80
C ILE A 95 8.48 4.30 -1.39
N ASP A 96 9.74 3.99 -1.11
CA ASP A 96 10.12 2.64 -0.70
C ASP A 96 9.95 2.46 0.81
N TYR A 97 9.34 1.34 1.19
CA TYR A 97 9.10 1.04 2.60
C TYR A 97 10.14 0.05 3.12
N ASN A 98 11.07 0.55 3.93
CA ASN A 98 12.12 -0.29 4.50
C ASN A 98 12.12 -0.20 6.02
N GLY A 99 11.09 -0.74 6.65
CA GLY A 99 10.99 -0.71 8.09
C GLY A 99 10.77 -2.09 8.69
N GLU A 100 10.11 -2.13 9.85
CA GLU A 100 9.85 -3.39 10.53
C GLU A 100 8.84 -4.22 9.74
N ARG A 101 7.99 -3.56 8.97
CA ARG A 101 6.97 -4.23 8.17
C ARG A 101 5.96 -4.94 9.06
N THR A 102 5.55 -4.26 10.13
CA THR A 102 4.58 -4.82 11.07
C THR A 102 3.33 -3.95 11.16
N LEU A 103 2.25 -4.53 11.66
CA LEU A 103 0.99 -3.80 11.80
C LEU A 103 1.21 -2.46 12.49
N ASP A 104 1.90 -2.50 13.63
CA ASP A 104 2.18 -1.29 14.39
C ASP A 104 3.23 -0.44 13.69
N GLY A 105 4.21 -1.10 13.09
CA GLY A 105 5.27 -0.39 12.39
C GLY A 105 4.75 0.43 11.23
N PHE A 106 3.74 -0.09 10.54
CA PHE A 106 3.15 0.60 9.39
C PHE A 106 2.53 1.93 9.82
N LYS A 107 1.77 1.89 10.91
CA LYS A 107 1.12 3.09 11.42
C LYS A 107 2.13 4.23 11.59
N LYS A 108 3.30 3.89 12.11
CA LYS A 108 4.36 4.88 12.32
C LYS A 108 4.78 5.51 10.99
N PHE A 109 4.93 4.69 9.97
CA PHE A 109 5.35 5.16 8.65
C PHE A 109 4.24 6.01 8.03
N LEU A 110 3.00 5.57 8.18
CA LEU A 110 1.86 6.29 7.62
C LEU A 110 1.61 7.59 8.39
N GLU A 111 1.29 7.46 9.67
CA GLU A 111 1.04 8.63 10.51
C GLU A 111 1.99 9.76 10.17
N SER A 112 3.24 9.41 9.87
CA SER A 112 4.26 10.40 9.53
C SER A 112 3.94 11.08 8.20
N GLY A 113 3.53 10.27 7.22
CA GLY A 113 3.21 10.79 5.91
C GLY A 113 4.22 10.40 4.86
N GLY A 114 4.84 9.23 5.04
CA GLY A 114 5.83 8.76 4.09
C GLY A 114 7.16 9.45 4.26
N GLN A 115 7.65 9.51 5.49
CA GLN A 115 8.93 10.15 5.77
C GLN A 115 10.05 9.13 5.84
N SER A 116 11.16 9.42 5.16
CA SER A 116 12.30 8.52 5.14
C SER A 116 13.16 8.71 6.39
N GLY A 117 13.69 9.91 6.54
CA GLY A 117 14.54 10.21 7.70
C GLY A 117 15.30 11.51 7.54
N PRO A 118 16.40 11.65 8.29
CA PRO A 118 17.24 12.85 8.25
C PRO A 118 17.98 13.00 6.92
N SER A 119 17.77 14.14 6.27
CA SER A 119 18.42 14.41 4.99
C SER A 119 19.61 15.34 5.17
N SER A 120 19.44 16.38 5.98
CA SER A 120 20.49 17.35 6.24
C SER A 120 21.24 17.01 7.51
N GLY A 121 21.53 15.72 7.70
CA GLY A 121 22.24 15.28 8.88
C GLY A 121 23.74 15.16 8.64
N GLY A 1 -17.32 10.31 -1.66
CA GLY A 1 -16.60 9.97 -2.87
C GLY A 1 -16.48 8.47 -3.09
N SER A 2 -15.47 7.87 -2.48
CA SER A 2 -15.25 6.44 -2.61
C SER A 2 -14.76 5.83 -1.30
N SER A 3 -15.58 4.98 -0.70
CA SER A 3 -15.22 4.34 0.56
C SER A 3 -15.59 2.85 0.54
N GLY A 4 -14.59 2.00 0.75
CA GLY A 4 -14.82 0.58 0.75
C GLY A 4 -14.91 0.00 2.15
N SER A 5 -16.05 0.24 2.81
CA SER A 5 -16.26 -0.25 4.17
C SER A 5 -16.37 -1.77 4.18
N SER A 6 -17.16 -2.31 3.25
CA SER A 6 -17.37 -3.75 3.17
C SER A 6 -16.07 -4.49 3.44
N GLY A 7 -14.95 -3.95 2.95
CA GLY A 7 -13.66 -4.58 3.14
C GLY A 7 -12.70 -3.68 3.89
N PRO A 8 -11.77 -4.30 4.65
CA PRO A 8 -10.77 -3.57 5.42
C PRO A 8 -9.73 -2.89 4.54
N VAL A 9 -9.16 -3.65 3.63
CA VAL A 9 -8.16 -3.12 2.71
C VAL A 9 -8.63 -3.18 1.27
N LYS A 10 -8.39 -2.10 0.53
CA LYS A 10 -8.80 -2.03 -0.88
C LYS A 10 -7.98 -3.00 -1.72
N VAL A 11 -8.58 -3.51 -2.79
CA VAL A 11 -7.91 -4.45 -3.69
C VAL A 11 -7.69 -3.82 -5.06
N LEU A 12 -6.46 -3.38 -5.31
CA LEU A 12 -6.12 -2.77 -6.59
C LEU A 12 -5.83 -3.84 -7.64
N VAL A 13 -6.15 -3.53 -8.89
CA VAL A 13 -5.93 -4.45 -9.99
C VAL A 13 -5.13 -3.79 -11.12
N GLY A 14 -4.55 -4.61 -11.99
CA GLY A 14 -3.78 -4.07 -13.10
C GLY A 14 -4.63 -3.29 -14.07
N LYS A 15 -5.94 -3.32 -13.87
CA LYS A 15 -6.85 -2.59 -14.74
C LYS A 15 -7.10 -1.18 -14.22
N ASN A 16 -7.28 -1.07 -12.91
CA ASN A 16 -7.52 0.23 -12.28
C ASN A 16 -6.61 0.44 -11.09
N PHE A 17 -5.36 -0.02 -11.21
CA PHE A 17 -4.38 0.11 -10.14
C PHE A 17 -3.97 1.58 -9.96
N GLU A 18 -3.35 2.13 -10.99
CA GLU A 18 -2.90 3.52 -10.94
C GLU A 18 -4.09 4.47 -10.77
N ASP A 19 -5.28 3.97 -11.07
CA ASP A 19 -6.50 4.77 -10.94
C ASP A 19 -6.80 5.07 -9.48
N VAL A 20 -6.60 4.08 -8.62
CA VAL A 20 -6.85 4.24 -7.20
C VAL A 20 -5.57 4.59 -6.45
N ALA A 21 -4.50 3.88 -6.77
CA ALA A 21 -3.21 4.11 -6.13
C ALA A 21 -2.81 5.58 -6.22
N PHE A 22 -2.61 6.07 -7.44
CA PHE A 22 -2.23 7.46 -7.65
C PHE A 22 -3.43 8.39 -7.48
N ASP A 23 -3.56 8.97 -6.30
CA ASP A 23 -4.66 9.88 -6.01
C ASP A 23 -4.17 11.10 -5.22
N GLU A 24 -4.26 12.26 -5.83
CA GLU A 24 -3.82 13.50 -5.20
C GLU A 24 -4.59 13.74 -3.89
N LYS A 25 -3.93 14.35 -2.92
CA LYS A 25 -4.55 14.63 -1.63
C LYS A 25 -5.01 13.34 -0.96
N LYS A 26 -4.30 12.25 -1.22
CA LYS A 26 -4.63 10.97 -0.63
C LYS A 26 -3.40 10.07 -0.54
N ASN A 27 -3.03 9.71 0.68
CA ASN A 27 -1.87 8.85 0.90
C ASN A 27 -2.26 7.38 0.89
N VAL A 28 -2.09 6.73 -0.25
CA VAL A 28 -2.43 5.33 -0.39
C VAL A 28 -1.19 4.44 -0.22
N PHE A 29 -1.33 3.37 0.57
CA PHE A 29 -0.23 2.45 0.80
C PHE A 29 -0.50 1.11 0.16
N VAL A 30 0.09 0.88 -1.01
CA VAL A 30 -0.09 -0.38 -1.73
C VAL A 30 0.85 -1.46 -1.20
N GLU A 31 0.47 -2.72 -1.38
CA GLU A 31 1.28 -3.84 -0.92
C GLU A 31 1.36 -4.93 -1.99
N PHE A 32 2.51 -5.01 -2.66
CA PHE A 32 2.71 -6.01 -3.70
C PHE A 32 3.08 -7.36 -3.10
N TYR A 33 2.09 -8.24 -3.00
CA TYR A 33 2.32 -9.57 -2.44
C TYR A 33 2.30 -10.63 -3.53
N ALA A 34 2.65 -11.86 -3.16
CA ALA A 34 2.67 -12.97 -4.11
C ALA A 34 1.87 -14.16 -3.57
N PRO A 35 1.05 -14.77 -4.45
CA PRO A 35 0.23 -15.92 -4.09
C PRO A 35 1.06 -17.17 -3.85
N TRP A 36 2.36 -17.07 -4.08
CA TRP A 36 3.26 -18.20 -3.88
C TRP A 36 4.36 -17.85 -2.89
N CYS A 37 4.50 -16.56 -2.58
CA CYS A 37 5.51 -16.10 -1.65
C CYS A 37 5.12 -16.45 -0.21
N GLY A 38 5.89 -17.32 0.42
CA GLY A 38 5.61 -17.72 1.78
C GLY A 38 5.54 -16.52 2.73
N HIS A 39 6.44 -15.56 2.54
CA HIS A 39 6.48 -14.38 3.38
C HIS A 39 5.13 -13.64 3.35
N CYS A 40 4.49 -13.67 2.19
CA CYS A 40 3.19 -13.00 2.03
C CYS A 40 2.14 -13.64 2.93
N LYS A 41 2.08 -14.97 2.93
CA LYS A 41 1.12 -15.69 3.74
C LYS A 41 1.06 -15.12 5.16
N GLN A 42 2.17 -14.53 5.60
CA GLN A 42 2.25 -13.95 6.93
C GLN A 42 1.81 -12.49 6.91
N LEU A 43 1.99 -11.84 5.76
CA LEU A 43 1.62 -10.44 5.62
C LEU A 43 0.11 -10.30 5.38
N ALA A 44 -0.50 -11.34 4.83
CA ALA A 44 -1.93 -11.34 4.56
C ALA A 44 -2.70 -10.75 5.74
N PRO A 45 -2.49 -11.32 6.93
CA PRO A 45 -3.16 -10.87 8.16
C PRO A 45 -2.67 -9.50 8.61
N ILE A 46 -1.36 -9.36 8.71
CA ILE A 46 -0.75 -8.09 9.14
C ILE A 46 -1.19 -6.94 8.25
N TRP A 47 -1.51 -7.26 7.00
CA TRP A 47 -1.95 -6.25 6.03
C TRP A 47 -3.46 -6.04 6.12
N ASP A 48 -4.18 -7.11 6.45
CA ASP A 48 -5.64 -7.04 6.57
C ASP A 48 -6.05 -6.39 7.89
N LYS A 49 -5.12 -6.37 8.84
CA LYS A 49 -5.39 -5.77 10.14
C LYS A 49 -5.08 -4.28 10.14
N LEU A 50 -4.15 -3.88 9.28
CA LEU A 50 -3.77 -2.46 9.17
C LEU A 50 -4.73 -1.71 8.25
N GLY A 51 -5.21 -2.39 7.22
CA GLY A 51 -6.13 -1.77 6.28
C GLY A 51 -7.40 -1.30 6.96
N GLU A 52 -7.98 -2.15 7.81
CA GLU A 52 -9.21 -1.81 8.51
C GLU A 52 -8.99 -0.60 9.43
N THR A 53 -7.74 -0.39 9.83
CA THR A 53 -7.40 0.73 10.71
C THR A 53 -7.49 2.06 9.97
N TYR A 54 -7.22 2.03 8.67
CA TYR A 54 -7.26 3.23 7.85
C TYR A 54 -8.21 3.06 6.67
N LYS A 55 -9.25 2.26 6.88
CA LYS A 55 -10.25 2.01 5.84
C LYS A 55 -11.20 3.18 5.70
N ASP A 56 -11.52 3.82 6.81
CA ASP A 56 -12.41 4.97 6.81
C ASP A 56 -11.65 6.26 7.09
N HIS A 57 -10.34 6.23 6.87
CA HIS A 57 -9.50 7.39 7.10
C HIS A 57 -9.88 8.54 6.17
N GLU A 58 -9.10 9.61 6.21
CA GLU A 58 -9.36 10.77 5.36
C GLU A 58 -8.39 10.82 4.19
N ASN A 59 -7.09 10.66 4.49
CA ASN A 59 -6.06 10.68 3.46
C ASN A 59 -5.36 9.33 3.37
N ILE A 60 -5.31 8.62 4.50
CA ILE A 60 -4.65 7.32 4.54
C ILE A 60 -5.59 6.23 4.04
N VAL A 61 -5.22 5.62 2.90
CA VAL A 61 -6.02 4.57 2.31
C VAL A 61 -5.16 3.35 1.97
N ILE A 62 -5.31 2.29 2.75
CA ILE A 62 -4.55 1.07 2.53
C ILE A 62 -5.11 0.27 1.35
N ALA A 63 -4.22 -0.34 0.59
CA ALA A 63 -4.63 -1.14 -0.57
C ALA A 63 -3.62 -2.25 -0.86
N LYS A 64 -4.10 -3.32 -1.48
CA LYS A 64 -3.24 -4.46 -1.80
C LYS A 64 -3.39 -4.84 -3.28
N MET A 65 -2.28 -5.26 -3.89
CA MET A 65 -2.29 -5.66 -5.28
C MET A 65 -1.40 -6.89 -5.51
N ASP A 66 -1.78 -7.72 -6.47
CA ASP A 66 -1.01 -8.92 -6.78
C ASP A 66 -0.06 -8.68 -7.95
N SER A 67 1.22 -8.47 -7.63
CA SER A 67 2.23 -8.22 -8.66
C SER A 67 2.38 -9.43 -9.57
N THR A 68 2.01 -10.60 -9.07
CA THR A 68 2.11 -11.84 -9.84
C THR A 68 0.90 -12.01 -10.76
N ALA A 69 -0.20 -11.37 -10.40
CA ALA A 69 -1.42 -11.46 -11.19
C ALA A 69 -1.68 -10.17 -11.95
N ASN A 70 -0.92 -9.12 -11.60
CA ASN A 70 -1.07 -7.83 -12.26
C ASN A 70 0.29 -7.15 -12.43
N GLU A 71 0.61 -6.77 -13.66
CA GLU A 71 1.88 -6.11 -13.95
C GLU A 71 1.64 -4.66 -14.38
N VAL A 72 2.51 -3.77 -13.90
CA VAL A 72 2.41 -2.35 -14.24
C VAL A 72 3.79 -1.71 -14.33
N GLU A 73 3.94 -0.77 -15.27
CA GLU A 73 5.20 -0.08 -15.46
C GLU A 73 5.39 1.03 -14.43
N ALA A 74 4.27 1.59 -13.98
CA ALA A 74 4.30 2.66 -12.98
C ALA A 74 4.96 2.19 -11.69
N VAL A 75 5.10 0.89 -11.54
CA VAL A 75 5.72 0.32 -10.35
C VAL A 75 6.41 -1.01 -10.67
N LYS A 76 7.74 -0.99 -10.61
CA LYS A 76 8.53 -2.19 -10.89
C LYS A 76 8.85 -2.94 -9.60
N VAL A 77 8.47 -4.21 -9.56
CA VAL A 77 8.71 -5.05 -8.39
C VAL A 77 9.51 -6.29 -8.77
N HIS A 78 10.72 -6.39 -8.22
CA HIS A 78 11.59 -7.53 -8.49
C HIS A 78 11.78 -8.39 -7.24
N SER A 79 10.78 -8.35 -6.35
CA SER A 79 10.84 -9.11 -5.12
C SER A 79 9.52 -9.03 -4.37
N PHE A 80 9.36 -9.88 -3.36
CA PHE A 80 8.14 -9.90 -2.56
C PHE A 80 8.38 -10.60 -1.22
N PRO A 81 7.61 -10.19 -0.20
CA PRO A 81 6.60 -9.15 -0.33
C PRO A 81 7.22 -7.76 -0.54
N THR A 82 6.54 -6.92 -1.32
CA THR A 82 7.03 -5.58 -1.59
C THR A 82 5.98 -4.53 -1.23
N LEU A 83 6.41 -3.52 -0.48
CA LEU A 83 5.50 -2.45 -0.06
C LEU A 83 5.94 -1.11 -0.65
N LYS A 84 4.98 -0.30 -1.05
CA LYS A 84 5.25 1.01 -1.63
C LYS A 84 4.20 2.03 -1.20
N PHE A 85 4.66 3.13 -0.62
CA PHE A 85 3.77 4.18 -0.16
C PHE A 85 3.58 5.24 -1.24
N PHE A 86 2.32 5.62 -1.49
CA PHE A 86 2.02 6.64 -2.49
C PHE A 86 1.55 7.93 -1.83
N PRO A 87 2.43 8.94 -1.82
CA PRO A 87 2.14 10.25 -1.24
C PRO A 87 1.11 11.03 -2.05
N ALA A 88 0.54 12.06 -1.43
CA ALA A 88 -0.46 12.89 -2.10
C ALA A 88 0.20 13.84 -3.10
N SER A 89 0.81 13.27 -4.13
CA SER A 89 1.48 14.08 -5.15
C SER A 89 0.87 13.82 -6.53
N ALA A 90 0.81 14.87 -7.34
CA ALA A 90 0.26 14.76 -8.69
C ALA A 90 1.31 14.32 -9.68
N ASP A 91 2.39 13.72 -9.17
CA ASP A 91 3.48 13.25 -10.03
C ASP A 91 3.67 11.75 -9.87
N ARG A 92 2.56 11.04 -9.66
CA ARG A 92 2.61 9.59 -9.50
C ARG A 92 3.92 9.15 -8.84
N THR A 93 4.22 9.75 -7.69
CA THR A 93 5.44 9.43 -6.96
C THR A 93 5.24 8.20 -6.08
N VAL A 94 6.32 7.46 -5.85
CA VAL A 94 6.27 6.26 -5.02
C VAL A 94 7.41 6.24 -4.01
N ILE A 95 7.09 5.85 -2.78
CA ILE A 95 8.10 5.77 -1.72
C ILE A 95 8.35 4.33 -1.29
N ASP A 96 9.62 3.96 -1.19
CA ASP A 96 9.99 2.61 -0.77
C ASP A 96 9.86 2.45 0.74
N TYR A 97 9.26 1.34 1.16
CA TYR A 97 9.07 1.07 2.58
C TYR A 97 10.12 0.08 3.08
N ASN A 98 11.05 0.59 3.88
CA ASN A 98 12.12 -0.23 4.43
C ASN A 98 12.15 -0.15 5.95
N GLY A 99 11.17 -0.78 6.60
CA GLY A 99 11.10 -0.75 8.05
C GLY A 99 10.88 -2.14 8.65
N GLU A 100 10.23 -2.19 9.80
CA GLU A 100 9.95 -3.45 10.47
C GLU A 100 8.97 -4.29 9.66
N ARG A 101 8.10 -3.62 8.92
CA ARG A 101 7.11 -4.30 8.10
C ARG A 101 6.09 -5.03 8.96
N THR A 102 5.61 -4.35 10.01
CA THR A 102 4.63 -4.92 10.93
C THR A 102 3.38 -4.06 11.01
N LEU A 103 2.34 -4.60 11.63
CA LEU A 103 1.08 -3.88 11.78
C LEU A 103 1.30 -2.54 12.49
N ASP A 104 2.03 -2.58 13.60
CA ASP A 104 2.32 -1.38 14.37
C ASP A 104 3.37 -0.52 13.67
N GLY A 105 4.29 -1.18 12.98
CA GLY A 105 5.34 -0.47 12.28
C GLY A 105 4.80 0.38 11.14
N PHE A 106 3.74 -0.11 10.49
CA PHE A 106 3.13 0.62 9.38
C PHE A 106 2.51 1.92 9.85
N LYS A 107 1.78 1.86 10.96
CA LYS A 107 1.12 3.03 11.52
C LYS A 107 2.12 4.16 11.73
N LYS A 108 3.31 3.81 12.21
CA LYS A 108 4.36 4.79 12.46
C LYS A 108 4.81 5.45 11.15
N PHE A 109 4.84 4.66 10.09
CA PHE A 109 5.25 5.17 8.78
C PHE A 109 4.15 6.04 8.17
N LEU A 110 2.92 5.57 8.25
CA LEU A 110 1.78 6.29 7.70
C LEU A 110 1.49 7.56 8.51
N GLU A 111 1.20 7.38 9.80
CA GLU A 111 0.91 8.50 10.68
C GLU A 111 1.81 9.70 10.36
N SER A 112 3.05 9.40 9.99
CA SER A 112 4.01 10.45 9.65
C SER A 112 3.79 10.96 8.24
N GLY A 113 3.50 10.05 7.32
CA GLY A 113 3.25 10.43 5.94
C GLY A 113 4.35 9.94 5.00
N GLY A 114 4.96 8.81 5.34
CA GLY A 114 6.02 8.26 4.52
C GLY A 114 7.18 9.22 4.36
N GLN A 115 7.61 9.82 5.47
CA GLN A 115 8.72 10.76 5.45
C GLN A 115 10.04 10.05 5.15
N SER A 116 10.12 8.79 5.56
CA SER A 116 11.33 7.99 5.33
C SER A 116 11.45 7.59 3.87
N GLY A 117 12.64 7.12 3.49
CA GLY A 117 12.87 6.71 2.12
C GLY A 117 13.97 7.50 1.45
N PRO A 118 13.95 7.55 0.11
CA PRO A 118 14.96 8.28 -0.68
C PRO A 118 14.84 9.78 -0.52
N SER A 119 15.98 10.46 -0.39
CA SER A 119 16.00 11.90 -0.22
C SER A 119 16.82 12.56 -1.32
N SER A 120 18.08 12.13 -1.46
CA SER A 120 18.97 12.68 -2.47
C SER A 120 18.82 11.93 -3.79
N GLY A 121 17.90 12.41 -4.63
CA GLY A 121 17.67 11.77 -5.91
C GLY A 121 17.40 12.79 -7.01
N GLY A 1 -23.71 7.86 8.10
CA GLY A 1 -22.45 8.32 7.53
C GLY A 1 -22.38 8.12 6.03
N SER A 2 -21.19 8.31 5.47
CA SER A 2 -21.01 8.15 4.03
C SER A 2 -21.07 6.67 3.63
N SER A 3 -22.08 6.32 2.85
CA SER A 3 -22.25 4.95 2.41
C SER A 3 -21.23 4.59 1.32
N GLY A 4 -20.30 3.72 1.69
CA GLY A 4 -19.27 3.30 0.75
C GLY A 4 -18.00 2.83 1.44
N SER A 5 -17.81 1.52 1.48
CA SER A 5 -16.64 0.93 2.12
C SER A 5 -16.33 -0.46 1.55
N SER A 6 -15.16 -0.60 0.95
CA SER A 6 -14.75 -1.87 0.35
C SER A 6 -13.86 -2.65 1.32
N GLY A 7 -14.48 -3.40 2.22
CA GLY A 7 -13.72 -4.18 3.18
C GLY A 7 -12.71 -3.35 3.93
N PRO A 8 -11.82 -4.02 4.67
CA PRO A 8 -10.76 -3.36 5.44
C PRO A 8 -9.69 -2.73 4.56
N VAL A 9 -9.20 -3.51 3.60
CA VAL A 9 -8.17 -3.03 2.68
C VAL A 9 -8.65 -3.10 1.24
N LYS A 10 -8.43 -2.03 0.49
CA LYS A 10 -8.83 -1.97 -0.91
C LYS A 10 -8.04 -2.96 -1.75
N VAL A 11 -8.68 -3.47 -2.80
CA VAL A 11 -8.04 -4.44 -3.69
C VAL A 11 -7.77 -3.84 -5.06
N LEU A 12 -6.54 -3.40 -5.28
CA LEU A 12 -6.15 -2.79 -6.56
C LEU A 12 -5.94 -3.87 -7.61
N VAL A 13 -6.20 -3.52 -8.87
CA VAL A 13 -6.02 -4.44 -9.98
C VAL A 13 -5.15 -3.84 -11.07
N GLY A 14 -4.59 -4.70 -11.92
CA GLY A 14 -3.74 -4.24 -13.00
C GLY A 14 -4.50 -3.44 -14.04
N LYS A 15 -5.81 -3.35 -13.87
CA LYS A 15 -6.66 -2.61 -14.79
C LYS A 15 -6.84 -1.18 -14.33
N ASN A 16 -7.15 -1.00 -13.05
CA ASN A 16 -7.35 0.34 -12.48
C ASN A 16 -6.44 0.56 -11.29
N PHE A 17 -5.28 -0.12 -11.29
CA PHE A 17 -4.32 0.00 -10.21
C PHE A 17 -3.97 1.47 -9.97
N GLU A 18 -3.31 2.09 -10.94
CA GLU A 18 -2.92 3.49 -10.82
C GLU A 18 -4.13 4.38 -10.58
N ASP A 19 -5.26 4.01 -11.18
CA ASP A 19 -6.50 4.78 -11.03
C ASP A 19 -6.80 5.01 -9.55
N VAL A 20 -6.57 3.98 -8.73
CA VAL A 20 -6.82 4.08 -7.30
C VAL A 20 -5.55 4.41 -6.53
N ALA A 21 -4.53 3.58 -6.72
CA ALA A 21 -3.25 3.78 -6.05
C ALA A 21 -2.80 5.24 -6.15
N PHE A 22 -2.54 5.69 -7.37
CA PHE A 22 -2.10 7.07 -7.59
C PHE A 22 -3.27 8.03 -7.49
N ASP A 23 -3.50 8.54 -6.28
CA ASP A 23 -4.58 9.49 -6.03
C ASP A 23 -4.06 10.77 -5.40
N GLU A 24 -4.37 11.90 -6.02
CA GLU A 24 -3.94 13.19 -5.51
C GLU A 24 -4.58 13.51 -4.17
N LYS A 25 -3.89 14.28 -3.34
CA LYS A 25 -4.40 14.65 -2.03
C LYS A 25 -4.85 13.42 -1.25
N LYS A 26 -4.13 12.31 -1.43
CA LYS A 26 -4.46 11.07 -0.74
C LYS A 26 -3.23 10.18 -0.61
N ASN A 27 -2.91 9.80 0.62
CA ASN A 27 -1.76 8.95 0.88
C ASN A 27 -2.15 7.48 0.88
N VAL A 28 -2.08 6.86 -0.29
CA VAL A 28 -2.43 5.44 -0.44
C VAL A 28 -1.19 4.56 -0.27
N PHE A 29 -1.33 3.50 0.52
CA PHE A 29 -0.24 2.58 0.77
C PHE A 29 -0.55 1.20 0.19
N VAL A 30 -0.02 0.91 -0.98
CA VAL A 30 -0.24 -0.38 -1.63
C VAL A 30 0.71 -1.44 -1.10
N GLU A 31 0.33 -2.70 -1.27
CA GLU A 31 1.16 -3.82 -0.80
C GLU A 31 1.23 -4.91 -1.85
N PHE A 32 2.37 -5.00 -2.53
CA PHE A 32 2.56 -6.02 -3.57
C PHE A 32 2.94 -7.36 -2.94
N TYR A 33 1.95 -8.24 -2.79
CA TYR A 33 2.18 -9.55 -2.21
C TYR A 33 2.11 -10.65 -3.28
N ALA A 34 2.40 -11.88 -2.88
CA ALA A 34 2.36 -13.00 -3.80
C ALA A 34 1.50 -14.14 -3.24
N PRO A 35 0.67 -14.73 -4.09
CA PRO A 35 -0.23 -15.84 -3.71
C PRO A 35 0.55 -17.12 -3.43
N TRP A 36 1.87 -17.08 -3.62
CA TRP A 36 2.71 -18.24 -3.38
C TRP A 36 3.84 -17.90 -2.40
N CYS A 37 4.38 -16.69 -2.53
CA CYS A 37 5.46 -16.26 -1.66
C CYS A 37 5.12 -16.52 -0.19
N GLY A 38 6.01 -17.21 0.50
CA GLY A 38 5.79 -17.52 1.90
C GLY A 38 5.66 -16.28 2.75
N HIS A 39 6.77 -15.56 2.91
CA HIS A 39 6.78 -14.34 3.71
C HIS A 39 5.50 -13.54 3.50
N CYS A 40 5.02 -13.51 2.26
CA CYS A 40 3.81 -12.77 1.92
C CYS A 40 2.59 -13.41 2.60
N LYS A 41 2.52 -14.73 2.55
CA LYS A 41 1.41 -15.47 3.15
C LYS A 41 1.19 -15.03 4.60
N GLN A 42 2.25 -14.50 5.22
CA GLN A 42 2.16 -14.05 6.60
C GLN A 42 1.72 -12.58 6.67
N LEU A 43 1.91 -11.87 5.56
CA LEU A 43 1.53 -10.46 5.49
C LEU A 43 0.05 -10.31 5.18
N ALA A 44 -0.56 -11.38 4.67
CA ALA A 44 -1.98 -11.37 4.33
C ALA A 44 -2.82 -10.85 5.49
N PRO A 45 -2.64 -11.47 6.67
CA PRO A 45 -3.38 -11.09 7.88
C PRO A 45 -2.94 -9.74 8.42
N ILE A 46 -1.62 -9.57 8.59
CA ILE A 46 -1.08 -8.32 9.10
C ILE A 46 -1.53 -7.14 8.26
N TRP A 47 -1.60 -7.35 6.94
CA TRP A 47 -2.02 -6.28 6.03
C TRP A 47 -3.51 -6.01 6.15
N ASP A 48 -4.28 -7.07 6.39
CA ASP A 48 -5.72 -6.95 6.53
C ASP A 48 -6.08 -6.29 7.86
N LYS A 49 -5.19 -6.42 8.84
CA LYS A 49 -5.42 -5.83 10.16
C LYS A 49 -5.08 -4.35 10.16
N LEU A 50 -4.19 -3.94 9.25
CA LEU A 50 -3.79 -2.54 9.14
C LEU A 50 -4.75 -1.76 8.26
N GLY A 51 -5.25 -2.42 7.21
CA GLY A 51 -6.18 -1.78 6.30
C GLY A 51 -7.45 -1.32 7.00
N GLU A 52 -7.98 -2.16 7.88
CA GLU A 52 -9.20 -1.85 8.61
C GLU A 52 -8.99 -0.64 9.51
N THR A 53 -7.75 -0.44 9.95
CA THR A 53 -7.42 0.69 10.82
C THR A 53 -7.53 2.01 10.07
N TYR A 54 -7.18 2.00 8.79
CA TYR A 54 -7.24 3.20 7.97
C TYR A 54 -8.18 3.00 6.78
N LYS A 55 -9.25 2.22 7.01
CA LYS A 55 -10.22 1.96 5.96
C LYS A 55 -11.17 3.14 5.78
N ASP A 56 -11.43 3.86 6.88
CA ASP A 56 -12.31 5.02 6.83
C ASP A 56 -11.54 6.30 7.15
N HIS A 57 -10.23 6.27 6.91
CA HIS A 57 -9.38 7.43 7.17
C HIS A 57 -9.74 8.58 6.24
N GLU A 58 -8.96 9.66 6.31
CA GLU A 58 -9.19 10.82 5.48
C GLU A 58 -8.21 10.87 4.31
N ASN A 59 -6.93 10.70 4.62
CA ASN A 59 -5.89 10.72 3.60
C ASN A 59 -5.18 9.37 3.51
N ILE A 60 -5.13 8.66 4.63
CA ILE A 60 -4.50 7.35 4.69
C ILE A 60 -5.42 6.26 4.17
N VAL A 61 -5.08 5.70 3.02
CA VAL A 61 -5.89 4.64 2.42
C VAL A 61 -5.03 3.42 2.09
N ILE A 62 -5.30 2.31 2.78
CA ILE A 62 -4.56 1.08 2.57
C ILE A 62 -5.11 0.31 1.38
N ALA A 63 -4.22 -0.35 0.64
CA ALA A 63 -4.63 -1.12 -0.53
C ALA A 63 -3.66 -2.28 -0.78
N LYS A 64 -4.16 -3.35 -1.39
CA LYS A 64 -3.34 -4.51 -1.69
C LYS A 64 -3.50 -4.93 -3.15
N MET A 65 -2.42 -5.43 -3.73
CA MET A 65 -2.45 -5.87 -5.12
C MET A 65 -1.52 -7.07 -5.33
N ASP A 66 -1.96 -8.00 -6.17
CA ASP A 66 -1.17 -9.20 -6.45
C ASP A 66 -0.23 -8.96 -7.64
N SER A 67 1.01 -8.59 -7.33
CA SER A 67 2.00 -8.33 -8.37
C SER A 67 2.19 -9.55 -9.26
N THR A 68 1.73 -10.70 -8.78
CA THR A 68 1.84 -11.94 -9.54
C THR A 68 0.70 -12.10 -10.53
N ALA A 69 -0.46 -11.53 -10.19
CA ALA A 69 -1.63 -11.60 -11.04
C ALA A 69 -1.84 -10.28 -11.78
N ASN A 70 -1.16 -9.23 -11.33
CA ASN A 70 -1.29 -7.92 -11.95
C ASN A 70 0.08 -7.25 -12.09
N GLU A 71 0.42 -6.86 -13.31
CA GLU A 71 1.70 -6.22 -13.58
C GLU A 71 1.49 -4.81 -14.14
N VAL A 72 2.27 -3.86 -13.65
CA VAL A 72 2.18 -2.48 -14.10
C VAL A 72 3.56 -1.85 -14.23
N GLU A 73 3.73 -1.03 -15.26
CA GLU A 73 5.01 -0.36 -15.51
C GLU A 73 5.23 0.76 -14.50
N ALA A 74 4.13 1.37 -14.05
CA ALA A 74 4.21 2.47 -13.09
C ALA A 74 4.91 2.03 -11.81
N VAL A 75 5.08 0.72 -11.66
CA VAL A 75 5.74 0.17 -10.48
C VAL A 75 6.42 -1.16 -10.80
N LYS A 76 7.72 -1.24 -10.53
CA LYS A 76 8.48 -2.46 -10.79
C LYS A 76 8.73 -3.22 -9.49
N VAL A 77 8.31 -4.48 -9.47
CA VAL A 77 8.50 -5.32 -8.29
C VAL A 77 9.24 -6.60 -8.63
N HIS A 78 10.49 -6.70 -8.20
CA HIS A 78 11.30 -7.88 -8.46
C HIS A 78 11.51 -8.71 -7.20
N SER A 79 10.60 -8.53 -6.24
CA SER A 79 10.68 -9.25 -4.98
C SER A 79 9.37 -9.11 -4.19
N PHE A 80 9.22 -9.93 -3.15
CA PHE A 80 8.03 -9.90 -2.32
C PHE A 80 8.31 -10.53 -0.95
N PRO A 81 7.56 -10.07 0.07
CA PRO A 81 6.54 -9.03 -0.11
C PRO A 81 7.15 -7.66 -0.41
N THR A 82 6.46 -6.88 -1.23
CA THR A 82 6.93 -5.55 -1.60
C THR A 82 5.90 -4.49 -1.25
N LEU A 83 6.33 -3.51 -0.44
CA LEU A 83 5.44 -2.43 -0.04
C LEU A 83 5.89 -1.10 -0.63
N LYS A 84 4.94 -0.30 -1.09
CA LYS A 84 5.24 1.01 -1.67
C LYS A 84 4.22 2.05 -1.22
N PHE A 85 4.71 3.15 -0.66
CA PHE A 85 3.85 4.22 -0.19
C PHE A 85 3.66 5.28 -1.27
N PHE A 86 2.42 5.64 -1.52
CA PHE A 86 2.09 6.64 -2.53
C PHE A 86 1.61 7.94 -1.89
N PRO A 87 2.47 8.96 -1.92
CA PRO A 87 2.16 10.28 -1.33
C PRO A 87 1.09 11.02 -2.13
N ALA A 88 0.58 12.11 -1.55
CA ALA A 88 -0.44 12.91 -2.21
C ALA A 88 0.16 13.77 -3.31
N SER A 89 0.90 13.13 -4.22
CA SER A 89 1.53 13.84 -5.33
C SER A 89 0.90 13.45 -6.66
N ALA A 90 0.92 14.37 -7.62
CA ALA A 90 0.36 14.12 -8.93
C ALA A 90 1.41 13.57 -9.88
N ASP A 91 2.65 13.51 -9.42
CA ASP A 91 3.75 13.00 -10.23
C ASP A 91 3.93 11.50 -10.03
N ARG A 92 2.83 10.80 -9.81
CA ARG A 92 2.85 9.35 -9.60
C ARG A 92 4.10 8.95 -8.80
N THR A 93 4.40 9.74 -7.77
CA THR A 93 5.57 9.47 -6.93
C THR A 93 5.35 8.22 -6.07
N VAL A 94 6.40 7.43 -5.90
CA VAL A 94 6.33 6.22 -5.11
C VAL A 94 7.49 6.14 -4.11
N ILE A 95 7.17 5.78 -2.87
CA ILE A 95 8.17 5.66 -1.83
C ILE A 95 8.42 4.21 -1.45
N ASP A 96 9.67 3.88 -1.14
CA ASP A 96 10.03 2.51 -0.76
C ASP A 96 9.95 2.33 0.75
N TYR A 97 9.17 1.35 1.18
CA TYR A 97 9.00 1.07 2.61
C TYR A 97 10.04 0.06 3.09
N ASN A 98 11.00 0.54 3.87
CA ASN A 98 12.06 -0.32 4.40
C ASN A 98 12.13 -0.22 5.92
N GLY A 99 11.14 -0.78 6.60
CA GLY A 99 11.11 -0.74 8.05
C GLY A 99 10.87 -2.11 8.66
N GLU A 100 10.25 -2.12 9.84
CA GLU A 100 9.96 -3.37 10.53
C GLU A 100 8.99 -4.23 9.73
N ARG A 101 8.03 -3.59 9.09
CA ARG A 101 7.04 -4.29 8.28
C ARG A 101 6.03 -5.01 9.18
N THR A 102 5.53 -4.30 10.19
CA THR A 102 4.56 -4.86 11.11
C THR A 102 3.34 -3.95 11.25
N LEU A 103 2.20 -4.56 11.59
CA LEU A 103 0.96 -3.80 11.75
C LEU A 103 1.23 -2.48 12.47
N ASP A 104 1.92 -2.53 13.59
CA ASP A 104 2.24 -1.34 14.36
C ASP A 104 3.29 -0.49 13.64
N GLY A 105 4.21 -1.17 12.94
CA GLY A 105 5.25 -0.46 12.23
C GLY A 105 4.71 0.38 11.10
N PHE A 106 3.68 -0.11 10.43
CA PHE A 106 3.07 0.61 9.31
C PHE A 106 2.43 1.91 9.79
N LYS A 107 1.71 1.82 10.91
CA LYS A 107 1.04 3.00 11.47
C LYS A 107 2.03 4.15 11.66
N LYS A 108 3.22 3.82 12.16
CA LYS A 108 4.25 4.82 12.39
C LYS A 108 4.62 5.53 11.08
N PHE A 109 4.99 4.74 10.07
CA PHE A 109 5.36 5.30 8.77
C PHE A 109 4.26 6.20 8.22
N LEU A 110 3.02 5.72 8.29
CA LEU A 110 1.88 6.49 7.81
C LEU A 110 1.67 7.75 8.64
N GLU A 111 1.37 7.57 9.91
CA GLU A 111 1.14 8.68 10.82
C GLU A 111 2.10 9.84 10.50
N SER A 112 3.34 9.50 10.16
CA SER A 112 4.34 10.50 9.83
C SER A 112 4.00 11.21 8.53
N GLY A 113 3.63 10.41 7.52
CA GLY A 113 3.29 10.98 6.22
C GLY A 113 4.19 10.48 5.11
N GLY A 114 4.64 9.23 5.23
CA GLY A 114 5.51 8.66 4.22
C GLY A 114 6.96 9.09 4.40
N GLN A 115 7.41 9.11 5.65
CA GLN A 115 8.78 9.51 5.94
C GLN A 115 9.65 8.28 6.22
N SER A 116 10.88 8.32 5.72
CA SER A 116 11.82 7.21 5.91
C SER A 116 12.87 7.56 6.95
N GLY A 117 12.67 7.08 8.18
CA GLY A 117 13.62 7.35 9.24
C GLY A 117 13.13 8.45 10.17
N PRO A 118 14.09 9.15 10.79
CA PRO A 118 13.79 10.26 11.71
C PRO A 118 13.20 11.47 11.00
N SER A 119 12.96 11.33 9.71
CA SER A 119 12.40 12.41 8.91
C SER A 119 13.42 13.55 8.75
N SER A 120 14.60 13.20 8.26
CA SER A 120 15.66 14.19 8.06
C SER A 120 16.41 13.92 6.75
N GLY A 121 16.97 14.98 6.17
CA GLY A 121 17.70 14.84 4.93
C GLY A 121 17.67 16.12 4.10
N GLY A 1 -17.70 12.36 2.37
CA GLY A 1 -17.68 11.22 3.27
C GLY A 1 -17.76 9.90 2.53
N SER A 2 -18.71 9.78 1.62
CA SER A 2 -18.89 8.56 0.85
C SER A 2 -19.11 7.37 1.77
N SER A 3 -19.90 7.56 2.81
CA SER A 3 -20.18 6.50 3.77
C SER A 3 -20.55 5.20 3.05
N GLY A 4 -19.86 4.12 3.41
CA GLY A 4 -20.13 2.83 2.79
C GLY A 4 -18.86 2.09 2.43
N SER A 5 -18.10 1.69 3.44
CA SER A 5 -16.85 0.97 3.24
C SER A 5 -17.06 -0.52 3.40
N SER A 6 -16.80 -1.27 2.33
CA SER A 6 -16.97 -2.73 2.36
C SER A 6 -15.62 -3.42 2.24
N GLY A 7 -14.99 -3.65 3.39
CA GLY A 7 -13.69 -4.30 3.41
C GLY A 7 -12.64 -3.50 4.14
N PRO A 8 -11.72 -4.20 4.83
CA PRO A 8 -10.65 -3.56 5.60
C PRO A 8 -9.60 -2.91 4.69
N VAL A 9 -9.13 -3.67 3.70
CA VAL A 9 -8.13 -3.17 2.76
C VAL A 9 -8.65 -3.21 1.34
N LYS A 10 -8.36 -2.16 0.58
CA LYS A 10 -8.79 -2.06 -0.81
C LYS A 10 -8.00 -3.01 -1.70
N VAL A 11 -8.63 -3.52 -2.75
CA VAL A 11 -7.98 -4.42 -3.68
C VAL A 11 -7.73 -3.76 -5.02
N LEU A 12 -6.47 -3.37 -5.26
CA LEU A 12 -6.10 -2.72 -6.50
C LEU A 12 -5.80 -3.75 -7.58
N VAL A 13 -6.15 -3.42 -8.82
CA VAL A 13 -5.91 -4.32 -9.95
C VAL A 13 -5.16 -3.60 -11.08
N GLY A 14 -4.47 -4.37 -11.90
CA GLY A 14 -3.72 -3.80 -13.00
C GLY A 14 -4.59 -2.96 -13.92
N LYS A 15 -5.90 -3.06 -13.74
CA LYS A 15 -6.84 -2.31 -14.56
C LYS A 15 -6.95 -0.87 -14.08
N ASN A 16 -7.38 -0.69 -12.83
CA ASN A 16 -7.52 0.65 -12.26
C ASN A 16 -6.58 0.82 -11.07
N PHE A 17 -5.49 0.07 -11.07
CA PHE A 17 -4.51 0.15 -9.99
C PHE A 17 -4.03 1.59 -9.79
N GLU A 18 -3.41 2.14 -10.84
CA GLU A 18 -2.91 3.51 -10.78
C GLU A 18 -4.05 4.51 -10.59
N ASP A 19 -5.24 4.13 -11.05
CA ASP A 19 -6.42 4.98 -10.94
C ASP A 19 -6.77 5.23 -9.48
N VAL A 20 -6.49 4.25 -8.63
CA VAL A 20 -6.78 4.36 -7.20
C VAL A 20 -5.53 4.72 -6.42
N ALA A 21 -4.50 3.90 -6.54
CA ALA A 21 -3.23 4.14 -5.85
C ALA A 21 -2.82 5.61 -5.95
N PHE A 22 -2.59 6.06 -7.18
CA PHE A 22 -2.18 7.45 -7.42
C PHE A 22 -3.38 8.39 -7.37
N ASP A 23 -3.70 8.87 -6.17
CA ASP A 23 -4.82 9.78 -5.99
C ASP A 23 -4.39 11.04 -5.25
N GLU A 24 -4.29 12.13 -5.99
CA GLU A 24 -3.88 13.41 -5.41
C GLU A 24 -4.68 13.71 -4.13
N LYS A 25 -3.99 14.26 -3.13
CA LYS A 25 -4.63 14.59 -1.87
C LYS A 25 -5.09 13.33 -1.14
N LYS A 26 -4.34 12.24 -1.34
CA LYS A 26 -4.66 10.98 -0.70
C LYS A 26 -3.43 10.08 -0.62
N ASN A 27 -3.05 9.71 0.60
CA ASN A 27 -1.89 8.85 0.81
C ASN A 27 -2.29 7.38 0.79
N VAL A 28 -2.12 6.74 -0.35
CA VAL A 28 -2.46 5.32 -0.50
C VAL A 28 -1.23 4.44 -0.33
N PHE A 29 -1.34 3.45 0.55
CA PHE A 29 -0.24 2.53 0.81
C PHE A 29 -0.51 1.16 0.20
N VAL A 30 0.07 0.90 -0.97
CA VAL A 30 -0.12 -0.37 -1.66
C VAL A 30 0.85 -1.42 -1.12
N GLU A 31 0.49 -2.69 -1.31
CA GLU A 31 1.32 -3.80 -0.85
C GLU A 31 1.40 -4.90 -1.90
N PHE A 32 2.54 -4.98 -2.57
CA PHE A 32 2.75 -5.99 -3.61
C PHE A 32 3.12 -7.34 -2.99
N TYR A 33 2.15 -8.24 -2.92
CA TYR A 33 2.37 -9.56 -2.35
C TYR A 33 2.30 -10.64 -3.43
N ALA A 34 2.66 -11.86 -3.06
CA ALA A 34 2.64 -12.98 -3.99
C ALA A 34 1.87 -14.16 -3.41
N PRO A 35 1.04 -14.79 -4.25
CA PRO A 35 0.23 -15.95 -3.84
C PRO A 35 1.08 -17.19 -3.60
N TRP A 36 2.38 -17.07 -3.84
CA TRP A 36 3.30 -18.18 -3.63
C TRP A 36 4.35 -17.84 -2.60
N CYS A 37 4.67 -16.56 -2.49
CA CYS A 37 5.67 -16.09 -1.53
C CYS A 37 5.28 -16.48 -0.11
N GLY A 38 6.12 -17.30 0.52
CA GLY A 38 5.84 -17.74 1.88
C GLY A 38 5.67 -16.57 2.84
N HIS A 39 6.50 -15.56 2.68
CA HIS A 39 6.44 -14.38 3.54
C HIS A 39 5.09 -13.67 3.41
N CYS A 40 4.54 -13.70 2.20
CA CYS A 40 3.24 -13.07 1.95
C CYS A 40 2.15 -13.70 2.79
N LYS A 41 2.08 -15.02 2.77
CA LYS A 41 1.07 -15.75 3.54
C LYS A 41 1.00 -15.22 4.98
N GLN A 42 2.10 -14.62 5.43
CA GLN A 42 2.16 -14.09 6.79
C GLN A 42 1.74 -12.62 6.80
N LEU A 43 1.91 -11.94 5.68
CA LEU A 43 1.55 -10.54 5.56
C LEU A 43 0.06 -10.38 5.28
N ALA A 44 -0.57 -11.46 4.83
CA ALA A 44 -1.99 -11.45 4.52
C ALA A 44 -2.81 -10.90 5.69
N PRO A 45 -2.62 -11.49 6.88
CA PRO A 45 -3.32 -11.08 8.09
C PRO A 45 -2.86 -9.71 8.59
N ILE A 46 -1.55 -9.54 8.67
CA ILE A 46 -0.97 -8.28 9.14
C ILE A 46 -1.44 -7.11 8.27
N TRP A 47 -1.50 -7.34 6.97
CA TRP A 47 -1.93 -6.31 6.03
C TRP A 47 -3.43 -6.04 6.17
N ASP A 48 -4.18 -7.08 6.48
CA ASP A 48 -5.63 -6.96 6.63
C ASP A 48 -5.98 -6.26 7.95
N LYS A 49 -5.11 -6.42 8.94
CA LYS A 49 -5.32 -5.80 10.25
C LYS A 49 -4.98 -4.32 10.21
N LEU A 50 -4.11 -3.94 9.27
CA LEU A 50 -3.70 -2.55 9.13
C LEU A 50 -4.66 -1.79 8.21
N GLY A 51 -5.17 -2.48 7.21
CA GLY A 51 -6.09 -1.86 6.28
C GLY A 51 -7.39 -1.41 6.94
N GLU A 52 -7.88 -2.23 7.86
CA GLU A 52 -9.11 -1.92 8.57
C GLU A 52 -8.93 -0.71 9.48
N THR A 53 -7.68 -0.46 9.88
CA THR A 53 -7.37 0.66 10.74
C THR A 53 -7.49 1.99 9.99
N TYR A 54 -7.17 1.97 8.71
CA TYR A 54 -7.24 3.16 7.88
C TYR A 54 -8.21 2.97 6.72
N LYS A 55 -9.24 2.17 6.94
CA LYS A 55 -10.25 1.89 5.93
C LYS A 55 -11.20 3.07 5.78
N ASP A 56 -11.43 3.79 6.86
CA ASP A 56 -12.32 4.94 6.85
C ASP A 56 -11.56 6.22 7.15
N HIS A 57 -10.26 6.21 6.86
CA HIS A 57 -9.41 7.38 7.09
C HIS A 57 -9.79 8.52 6.17
N GLU A 58 -9.03 9.61 6.23
CA GLU A 58 -9.29 10.77 5.40
C GLU A 58 -8.33 10.81 4.21
N ASN A 59 -7.05 10.66 4.48
CA ASN A 59 -6.02 10.67 3.44
C ASN A 59 -5.32 9.32 3.34
N ILE A 60 -5.27 8.61 4.47
CA ILE A 60 -4.63 7.30 4.51
C ILE A 60 -5.55 6.21 3.99
N VAL A 61 -5.18 5.62 2.86
CA VAL A 61 -5.98 4.55 2.26
C VAL A 61 -5.12 3.33 1.95
N ILE A 62 -5.34 2.27 2.72
CA ILE A 62 -4.59 1.02 2.54
C ILE A 62 -5.15 0.21 1.37
N ALA A 63 -4.25 -0.38 0.59
CA ALA A 63 -4.66 -1.19 -0.55
C ALA A 63 -3.64 -2.28 -0.84
N LYS A 64 -4.10 -3.37 -1.44
CA LYS A 64 -3.22 -4.49 -1.78
C LYS A 64 -3.35 -4.86 -3.26
N MET A 65 -2.24 -5.29 -3.85
CA MET A 65 -2.24 -5.68 -5.25
C MET A 65 -1.34 -6.90 -5.48
N ASP A 66 -1.78 -7.80 -6.35
CA ASP A 66 -1.03 -9.01 -6.64
C ASP A 66 -0.06 -8.77 -7.80
N SER A 67 1.20 -8.49 -7.46
CA SER A 67 2.22 -8.25 -8.48
C SER A 67 2.44 -9.47 -9.35
N THR A 68 1.95 -10.62 -8.88
CA THR A 68 2.09 -11.87 -9.62
C THR A 68 0.91 -12.09 -10.55
N ALA A 69 -0.18 -11.36 -10.30
CA ALA A 69 -1.39 -11.48 -11.11
C ALA A 69 -1.63 -10.20 -11.90
N ASN A 70 -0.96 -9.13 -11.51
CA ASN A 70 -1.11 -7.84 -12.20
C ASN A 70 0.24 -7.18 -12.41
N GLU A 71 0.47 -6.70 -13.63
CA GLU A 71 1.73 -6.05 -13.97
C GLU A 71 1.49 -4.61 -14.44
N VAL A 72 2.34 -3.70 -13.98
CA VAL A 72 2.21 -2.29 -14.34
C VAL A 72 3.59 -1.63 -14.47
N GLU A 73 3.70 -0.68 -15.39
CA GLU A 73 4.96 0.03 -15.62
C GLU A 73 5.19 1.07 -14.53
N ALA A 74 4.11 1.60 -13.99
CA ALA A 74 4.19 2.62 -12.94
C ALA A 74 4.92 2.08 -11.72
N VAL A 75 4.97 0.75 -11.60
CA VAL A 75 5.64 0.11 -10.48
C VAL A 75 6.12 -1.28 -10.85
N LYS A 76 7.43 -1.46 -10.92
CA LYS A 76 8.02 -2.75 -11.25
C LYS A 76 8.55 -3.46 -10.02
N VAL A 77 7.88 -4.53 -9.61
CA VAL A 77 8.29 -5.29 -8.44
C VAL A 77 8.96 -6.60 -8.84
N HIS A 78 10.15 -6.84 -8.31
CA HIS A 78 10.90 -8.06 -8.60
C HIS A 78 10.98 -8.96 -7.38
N SER A 79 10.78 -8.37 -6.19
CA SER A 79 10.84 -9.11 -4.95
C SER A 79 9.52 -9.02 -4.19
N PHE A 80 9.38 -9.84 -3.14
CA PHE A 80 8.17 -9.84 -2.34
C PHE A 80 8.41 -10.51 -0.99
N PRO A 81 7.65 -10.08 0.03
CA PRO A 81 6.65 -9.04 -0.12
C PRO A 81 7.26 -7.66 -0.36
N THR A 82 6.58 -6.85 -1.17
CA THR A 82 7.08 -5.51 -1.47
C THR A 82 6.03 -4.46 -1.15
N LEU A 83 6.41 -3.47 -0.35
CA LEU A 83 5.51 -2.39 0.04
C LEU A 83 5.96 -1.05 -0.55
N LYS A 84 5.00 -0.26 -1.02
CA LYS A 84 5.30 1.04 -1.59
C LYS A 84 4.25 2.08 -1.16
N PHE A 85 4.72 3.18 -0.61
CA PHE A 85 3.83 4.25 -0.16
C PHE A 85 3.65 5.30 -1.25
N PHE A 86 2.40 5.62 -1.55
CA PHE A 86 2.09 6.62 -2.58
C PHE A 86 1.58 7.91 -1.94
N PRO A 87 2.42 8.96 -2.00
CA PRO A 87 2.08 10.27 -1.45
C PRO A 87 0.98 10.98 -2.24
N ALA A 88 0.43 12.04 -1.67
CA ALA A 88 -0.63 12.80 -2.32
C ALA A 88 -0.07 13.68 -3.43
N SER A 89 0.73 13.07 -4.31
CA SER A 89 1.33 13.79 -5.43
C SER A 89 0.70 13.38 -6.75
N ALA A 90 0.41 14.36 -7.59
CA ALA A 90 -0.19 14.11 -8.90
C ALA A 90 0.87 13.71 -9.92
N ASP A 91 2.03 13.28 -9.45
CA ASP A 91 3.12 12.88 -10.32
C ASP A 91 3.40 11.39 -10.18
N ARG A 92 2.35 10.61 -9.94
CA ARG A 92 2.49 9.16 -9.78
C ARG A 92 3.78 8.82 -9.05
N THR A 93 4.03 9.51 -7.94
CA THR A 93 5.23 9.28 -7.16
C THR A 93 5.11 8.01 -6.31
N VAL A 94 6.22 7.36 -6.05
CA VAL A 94 6.23 6.13 -5.26
C VAL A 94 7.36 6.15 -4.23
N ILE A 95 7.04 5.78 -3.00
CA ILE A 95 8.03 5.76 -1.93
C ILE A 95 8.33 4.32 -1.49
N ASP A 96 9.58 4.08 -1.12
CA ASP A 96 9.99 2.75 -0.68
C ASP A 96 9.83 2.60 0.83
N TYR A 97 9.09 1.58 1.24
CA TYR A 97 8.85 1.33 2.66
C TYR A 97 9.99 0.52 3.27
N ASN A 98 10.83 1.21 4.04
CA ASN A 98 11.97 0.57 4.69
C ASN A 98 11.79 0.55 6.20
N GLY A 99 10.59 0.19 6.65
CA GLY A 99 10.32 0.14 8.07
C GLY A 99 10.57 -1.24 8.66
N GLU A 100 9.73 -1.63 9.61
CA GLU A 100 9.87 -2.94 10.26
C GLU A 100 8.93 -3.96 9.63
N ARG A 101 8.01 -3.48 8.80
CA ARG A 101 7.05 -4.35 8.14
C ARG A 101 6.12 -5.03 9.16
N THR A 102 5.67 -4.25 10.13
CA THR A 102 4.78 -4.77 11.17
C THR A 102 3.51 -3.93 11.27
N LEU A 103 2.39 -4.58 11.56
CA LEU A 103 1.12 -3.90 11.69
C LEU A 103 1.29 -2.54 12.37
N ASP A 104 1.95 -2.56 13.52
CA ASP A 104 2.19 -1.32 14.27
C ASP A 104 3.25 -0.46 13.58
N GLY A 105 4.25 -1.11 13.00
CA GLY A 105 5.31 -0.39 12.31
C GLY A 105 4.79 0.42 11.15
N PHE A 106 3.72 -0.06 10.52
CA PHE A 106 3.13 0.63 9.38
C PHE A 106 2.51 1.96 9.81
N LYS A 107 1.76 1.93 10.90
CA LYS A 107 1.11 3.12 11.42
C LYS A 107 2.12 4.24 11.63
N LYS A 108 3.31 3.88 12.09
CA LYS A 108 4.36 4.85 12.34
C LYS A 108 4.80 5.52 11.04
N PHE A 109 4.89 4.74 9.98
CA PHE A 109 5.29 5.26 8.67
C PHE A 109 4.17 6.08 8.04
N LEU A 110 2.94 5.58 8.16
CA LEU A 110 1.78 6.26 7.60
C LEU A 110 1.49 7.55 8.36
N GLU A 111 1.19 7.41 9.65
CA GLU A 111 0.90 8.57 10.49
C GLU A 111 1.86 9.72 10.19
N SER A 112 3.12 9.38 9.94
CA SER A 112 4.13 10.38 9.65
C SER A 112 3.81 11.12 8.35
N GLY A 113 3.49 10.35 7.31
CA GLY A 113 3.17 10.95 6.02
C GLY A 113 4.04 10.41 4.91
N GLY A 114 4.58 9.21 5.10
CA GLY A 114 5.44 8.61 4.09
C GLY A 114 6.79 9.29 3.99
N GLN A 115 7.35 9.65 5.14
CA GLN A 115 8.65 10.32 5.18
C GLN A 115 9.77 9.34 4.81
N SER A 116 11.01 9.84 4.82
CA SER A 116 12.16 9.02 4.48
C SER A 116 13.46 9.79 4.69
N GLY A 117 14.43 9.15 5.33
CA GLY A 117 15.70 9.80 5.59
C GLY A 117 16.53 9.04 6.62
N PRO A 118 17.86 9.10 6.46
CA PRO A 118 18.79 8.42 7.38
C PRO A 118 18.83 9.09 8.75
N SER A 119 18.60 8.30 9.80
CA SER A 119 18.60 8.80 11.16
C SER A 119 19.85 9.64 11.43
N SER A 120 19.75 10.55 12.38
CA SER A 120 20.87 11.43 12.73
C SER A 120 21.48 12.05 11.48
N GLY A 121 20.62 12.45 10.55
CA GLY A 121 21.08 13.07 9.32
C GLY A 121 22.11 14.15 9.58
N GLY A 1 -27.52 -3.68 -3.69
CA GLY A 1 -26.64 -4.74 -4.12
C GLY A 1 -25.19 -4.31 -4.13
N SER A 2 -24.88 -3.28 -4.91
CA SER A 2 -23.51 -2.77 -5.01
C SER A 2 -23.41 -1.34 -4.48
N SER A 3 -23.93 -1.13 -3.27
CA SER A 3 -23.92 0.19 -2.66
C SER A 3 -22.61 0.42 -1.90
N GLY A 4 -21.49 0.19 -2.58
CA GLY A 4 -20.19 0.38 -1.95
C GLY A 4 -19.55 -0.94 -1.54
N SER A 5 -18.28 -1.10 -1.86
CA SER A 5 -17.56 -2.33 -1.53
C SER A 5 -17.13 -2.33 -0.07
N SER A 6 -17.51 -3.37 0.66
CA SER A 6 -17.18 -3.48 2.07
C SER A 6 -15.89 -4.29 2.26
N GLY A 7 -14.93 -3.71 2.96
CA GLY A 7 -13.67 -4.38 3.19
C GLY A 7 -12.68 -3.52 3.94
N PRO A 8 -11.76 -4.16 4.69
CA PRO A 8 -10.74 -3.47 5.46
C PRO A 8 -9.69 -2.80 4.57
N VAL A 9 -9.16 -3.56 3.62
CA VAL A 9 -8.16 -3.04 2.70
C VAL A 9 -8.63 -3.12 1.25
N LYS A 10 -8.47 -2.03 0.52
CA LYS A 10 -8.88 -1.98 -0.88
C LYS A 10 -8.02 -2.91 -1.73
N VAL A 11 -8.61 -3.44 -2.80
CA VAL A 11 -7.90 -4.35 -3.69
C VAL A 11 -7.71 -3.72 -5.06
N LEU A 12 -6.46 -3.43 -5.41
CA LEU A 12 -6.13 -2.82 -6.70
C LEU A 12 -5.90 -3.88 -7.75
N VAL A 13 -6.21 -3.55 -9.01
CA VAL A 13 -6.04 -4.48 -10.11
C VAL A 13 -5.22 -3.85 -11.24
N GLY A 14 -4.64 -4.69 -12.08
CA GLY A 14 -3.83 -4.20 -13.19
C GLY A 14 -4.65 -3.40 -14.19
N LYS A 15 -5.96 -3.38 -13.99
CA LYS A 15 -6.86 -2.66 -14.88
C LYS A 15 -7.10 -1.25 -14.38
N ASN A 16 -7.33 -1.12 -13.07
CA ASN A 16 -7.58 0.18 -12.46
C ASN A 16 -6.72 0.36 -11.21
N PHE A 17 -5.47 -0.09 -11.27
CA PHE A 17 -4.55 0.03 -10.15
C PHE A 17 -4.15 1.48 -9.92
N GLU A 18 -3.41 2.04 -10.86
CA GLU A 18 -2.95 3.42 -10.76
C GLU A 18 -4.14 4.37 -10.60
N ASP A 19 -5.25 4.03 -11.23
CA ASP A 19 -6.45 4.85 -11.15
C ASP A 19 -6.89 5.04 -9.70
N VAL A 20 -6.68 4.02 -8.89
CA VAL A 20 -7.04 4.08 -7.48
C VAL A 20 -5.84 4.40 -6.60
N ALA A 21 -4.81 3.56 -6.70
CA ALA A 21 -3.59 3.77 -5.92
C ALA A 21 -3.16 5.22 -5.95
N PHE A 22 -2.87 5.73 -7.15
CA PHE A 22 -2.44 7.10 -7.32
C PHE A 22 -3.62 8.06 -7.24
N ASP A 23 -3.70 8.82 -6.15
CA ASP A 23 -4.78 9.77 -5.93
C ASP A 23 -4.28 11.01 -5.19
N GLU A 24 -4.39 12.16 -5.84
CA GLU A 24 -3.95 13.42 -5.24
C GLU A 24 -4.66 13.66 -3.90
N LYS A 25 -3.98 14.35 -3.00
CA LYS A 25 -4.54 14.65 -1.68
C LYS A 25 -5.00 13.38 -0.99
N LYS A 26 -4.30 12.28 -1.23
CA LYS A 26 -4.63 11.00 -0.62
C LYS A 26 -3.41 10.10 -0.54
N ASN A 27 -3.03 9.71 0.67
CA ASN A 27 -1.88 8.85 0.89
C ASN A 27 -2.29 7.39 0.87
N VAL A 28 -2.09 6.73 -0.28
CA VAL A 28 -2.43 5.32 -0.43
C VAL A 28 -1.21 4.44 -0.26
N PHE A 29 -1.35 3.41 0.58
CA PHE A 29 -0.25 2.48 0.82
C PHE A 29 -0.52 1.12 0.19
N VAL A 30 0.08 0.89 -0.98
CA VAL A 30 -0.10 -0.37 -1.70
C VAL A 30 0.84 -1.44 -1.15
N GLU A 31 0.46 -2.70 -1.36
CA GLU A 31 1.27 -3.83 -0.90
C GLU A 31 1.31 -4.94 -1.94
N PHE A 32 2.45 -5.08 -2.61
CA PHE A 32 2.62 -6.10 -3.64
C PHE A 32 3.00 -7.44 -3.01
N TYR A 33 2.01 -8.30 -2.83
CA TYR A 33 2.25 -9.62 -2.24
C TYR A 33 2.25 -10.70 -3.31
N ALA A 34 2.58 -11.92 -2.90
CA ALA A 34 2.62 -13.05 -3.83
C ALA A 34 1.81 -14.23 -3.29
N PRO A 35 1.01 -14.85 -4.18
CA PRO A 35 0.17 -15.99 -3.82
C PRO A 35 0.98 -17.24 -3.52
N TRP A 36 2.30 -17.15 -3.72
CA TRP A 36 3.19 -18.28 -3.47
C TRP A 36 4.23 -17.92 -2.41
N CYS A 37 4.73 -16.69 -2.47
CA CYS A 37 5.74 -16.23 -1.51
C CYS A 37 5.31 -16.55 -0.08
N GLY A 38 6.17 -17.25 0.64
CA GLY A 38 5.86 -17.61 2.02
C GLY A 38 5.72 -16.40 2.91
N HIS A 39 6.79 -15.62 3.03
CA HIS A 39 6.76 -14.43 3.87
C HIS A 39 5.50 -13.61 3.62
N CYS A 40 5.06 -13.57 2.37
CA CYS A 40 3.86 -12.83 2.00
C CYS A 40 2.62 -13.42 2.66
N LYS A 41 2.50 -14.75 2.61
CA LYS A 41 1.37 -15.45 3.20
C LYS A 41 1.16 -15.00 4.65
N GLN A 42 2.23 -14.53 5.27
CA GLN A 42 2.16 -14.07 6.66
C GLN A 42 1.72 -12.61 6.73
N LEU A 43 1.94 -11.88 5.65
CA LEU A 43 1.58 -10.47 5.58
C LEU A 43 0.09 -10.31 5.24
N ALA A 44 -0.51 -11.37 4.72
CA ALA A 44 -1.92 -11.35 4.34
C ALA A 44 -2.78 -10.82 5.49
N PRO A 45 -2.64 -11.44 6.67
CA PRO A 45 -3.40 -11.06 7.86
C PRO A 45 -2.96 -9.70 8.41
N ILE A 46 -1.66 -9.54 8.60
CA ILE A 46 -1.11 -8.29 9.12
C ILE A 46 -1.53 -7.11 8.26
N TRP A 47 -1.55 -7.32 6.95
CA TRP A 47 -1.94 -6.27 6.01
C TRP A 47 -3.43 -5.99 6.09
N ASP A 48 -4.22 -7.04 6.34
CA ASP A 48 -5.66 -6.91 6.44
C ASP A 48 -6.06 -6.24 7.76
N LYS A 49 -5.22 -6.43 8.78
CA LYS A 49 -5.48 -5.85 10.09
C LYS A 49 -5.17 -4.36 10.10
N LEU A 50 -4.27 -3.93 9.22
CA LEU A 50 -3.89 -2.53 9.13
C LEU A 50 -4.86 -1.76 8.24
N GLY A 51 -5.30 -2.40 7.15
CA GLY A 51 -6.23 -1.76 6.24
C GLY A 51 -7.50 -1.29 6.94
N GLU A 52 -8.03 -2.14 7.81
CA GLU A 52 -9.25 -1.81 8.55
C GLU A 52 -9.04 -0.58 9.42
N THR A 53 -7.79 -0.34 9.82
CA THR A 53 -7.45 0.79 10.66
C THR A 53 -7.58 2.11 9.90
N TYR A 54 -7.24 2.07 8.61
CA TYR A 54 -7.32 3.26 7.77
C TYR A 54 -8.29 3.05 6.62
N LYS A 55 -9.33 2.25 6.86
CA LYS A 55 -10.33 1.97 5.85
C LYS A 55 -11.27 3.15 5.67
N ASP A 56 -11.53 3.87 6.76
CA ASP A 56 -12.41 5.03 6.73
C ASP A 56 -11.64 6.31 7.02
N HIS A 57 -10.34 6.29 6.78
CA HIS A 57 -9.49 7.44 7.01
C HIS A 57 -9.88 8.60 6.11
N GLU A 58 -9.10 9.68 6.16
CA GLU A 58 -9.36 10.85 5.34
C GLU A 58 -8.38 10.94 4.18
N ASN A 59 -7.11 10.67 4.47
CA ASN A 59 -6.07 10.72 3.44
C ASN A 59 -5.36 9.38 3.34
N ILE A 60 -5.27 8.66 4.45
CA ILE A 60 -4.61 7.37 4.48
C ILE A 60 -5.55 6.26 4.01
N VAL A 61 -5.22 5.68 2.86
CA VAL A 61 -6.04 4.61 2.30
C VAL A 61 -5.19 3.39 1.97
N ILE A 62 -5.36 2.32 2.74
CA ILE A 62 -4.61 1.09 2.53
C ILE A 62 -5.15 0.31 1.33
N ALA A 63 -4.26 -0.31 0.58
CA ALA A 63 -4.65 -1.09 -0.59
C ALA A 63 -3.65 -2.22 -0.85
N LYS A 64 -4.14 -3.30 -1.45
CA LYS A 64 -3.30 -4.45 -1.76
C LYS A 64 -3.44 -4.86 -3.23
N MET A 65 -2.36 -5.37 -3.80
CA MET A 65 -2.38 -5.79 -5.20
C MET A 65 -1.45 -6.99 -5.41
N ASP A 66 -1.84 -7.88 -6.31
CA ASP A 66 -1.05 -9.08 -6.61
C ASP A 66 -0.15 -8.83 -7.81
N SER A 67 1.14 -8.65 -7.55
CA SER A 67 2.11 -8.41 -8.62
C SER A 67 2.28 -9.65 -9.49
N THR A 68 2.06 -10.82 -8.90
CA THR A 68 2.18 -12.08 -9.61
C THR A 68 0.98 -12.31 -10.53
N ALA A 69 -0.11 -11.61 -10.26
CA ALA A 69 -1.32 -11.73 -11.05
C ALA A 69 -1.59 -10.45 -11.86
N ASN A 70 -0.91 -9.38 -11.47
CA ASN A 70 -1.08 -8.10 -12.14
C ASN A 70 0.25 -7.36 -12.25
N GLU A 71 0.56 -6.89 -13.46
CA GLU A 71 1.81 -6.16 -13.70
C GLU A 71 1.53 -4.74 -14.19
N VAL A 72 2.39 -3.81 -13.80
CA VAL A 72 2.24 -2.42 -14.21
C VAL A 72 3.60 -1.74 -14.37
N GLU A 73 3.71 -0.90 -15.40
CA GLU A 73 4.96 -0.19 -15.66
C GLU A 73 5.21 0.88 -14.60
N ALA A 74 4.13 1.36 -13.97
CA ALA A 74 4.23 2.37 -12.95
C ALA A 74 5.05 1.88 -11.75
N VAL A 75 5.08 0.56 -11.57
CA VAL A 75 5.82 -0.05 -10.48
C VAL A 75 6.25 -1.47 -10.82
N LYS A 76 7.56 -1.66 -10.98
CA LYS A 76 8.11 -2.96 -11.31
C LYS A 76 8.65 -3.66 -10.06
N VAL A 77 7.92 -4.65 -9.57
CA VAL A 77 8.32 -5.39 -8.38
C VAL A 77 8.99 -6.71 -8.76
N HIS A 78 10.19 -6.93 -8.22
CA HIS A 78 10.93 -8.16 -8.50
C HIS A 78 11.11 -8.99 -7.24
N SER A 79 10.68 -8.44 -6.11
CA SER A 79 10.79 -9.13 -4.83
C SER A 79 9.50 -9.03 -4.04
N PHE A 80 9.39 -9.81 -2.97
CA PHE A 80 8.21 -9.81 -2.13
C PHE A 80 8.50 -10.41 -0.76
N PRO A 81 7.75 -9.97 0.26
CA PRO A 81 6.69 -8.97 0.09
C PRO A 81 7.25 -7.59 -0.22
N THR A 82 6.55 -6.83 -1.06
CA THR A 82 6.98 -5.49 -1.43
C THR A 82 5.92 -4.46 -1.07
N LEU A 83 6.33 -3.41 -0.36
CA LEU A 83 5.41 -2.35 0.04
C LEU A 83 5.88 -1.00 -0.50
N LYS A 84 4.94 -0.23 -1.02
CA LYS A 84 5.25 1.08 -1.57
C LYS A 84 4.20 2.11 -1.14
N PHE A 85 4.67 3.20 -0.54
CA PHE A 85 3.78 4.27 -0.08
C PHE A 85 3.61 5.33 -1.15
N PHE A 86 2.36 5.68 -1.45
CA PHE A 86 2.06 6.69 -2.45
C PHE A 86 1.59 7.98 -1.79
N PRO A 87 2.44 9.02 -1.83
CA PRO A 87 2.13 10.32 -1.24
C PRO A 87 1.05 11.07 -2.02
N ALA A 88 0.56 12.15 -1.45
CA ALA A 88 -0.48 12.96 -2.10
C ALA A 88 0.11 13.80 -3.22
N SER A 89 0.89 13.17 -4.09
CA SER A 89 1.51 13.86 -5.21
C SER A 89 0.75 13.61 -6.50
N ALA A 90 1.02 14.43 -7.51
CA ALA A 90 0.36 14.29 -8.80
C ALA A 90 1.29 13.65 -9.83
N ASP A 91 2.53 13.41 -9.43
CA ASP A 91 3.52 12.80 -10.32
C ASP A 91 3.65 11.30 -10.03
N ARG A 92 2.53 10.65 -9.75
CA ARG A 92 2.52 9.23 -9.46
C ARG A 92 3.77 8.83 -8.67
N THR A 93 4.18 9.69 -7.75
CA THR A 93 5.36 9.43 -6.93
C THR A 93 5.17 8.19 -6.08
N VAL A 94 6.23 7.41 -5.93
CA VAL A 94 6.18 6.19 -5.12
C VAL A 94 7.33 6.14 -4.13
N ILE A 95 7.01 5.79 -2.88
CA ILE A 95 8.02 5.71 -1.83
C ILE A 95 8.29 4.26 -1.44
N ASP A 96 9.53 3.96 -1.09
CA ASP A 96 9.91 2.61 -0.70
C ASP A 96 9.79 2.43 0.81
N TYR A 97 9.13 1.36 1.22
CA TYR A 97 8.93 1.07 2.63
C TYR A 97 9.91 0.00 3.11
N ASN A 98 10.85 0.41 3.96
CA ASN A 98 11.85 -0.52 4.49
C ASN A 98 11.94 -0.41 6.01
N GLY A 99 10.93 -0.93 6.70
CA GLY A 99 10.91 -0.88 8.14
C GLY A 99 10.62 -2.23 8.77
N GLU A 100 10.07 -2.22 9.97
CA GLU A 100 9.75 -3.46 10.68
C GLU A 100 8.66 -4.24 9.94
N ARG A 101 7.94 -3.55 9.07
CA ARG A 101 6.86 -4.17 8.29
C ARG A 101 5.89 -4.91 9.22
N THR A 102 5.42 -4.21 10.25
CA THR A 102 4.50 -4.80 11.21
C THR A 102 3.25 -3.94 11.36
N LEU A 103 2.11 -4.59 11.60
CA LEU A 103 0.84 -3.88 11.77
C LEU A 103 1.07 -2.53 12.44
N ASP A 104 1.71 -2.55 13.60
CA ASP A 104 1.99 -1.33 14.34
C ASP A 104 3.02 -0.47 13.62
N GLY A 105 4.03 -1.13 13.04
CA GLY A 105 5.07 -0.41 12.33
C GLY A 105 4.52 0.42 11.19
N PHE A 106 3.59 -0.14 10.44
CA PHE A 106 2.99 0.55 9.30
C PHE A 106 2.44 1.91 9.74
N LYS A 107 1.78 1.94 10.88
CA LYS A 107 1.21 3.18 11.42
C LYS A 107 2.30 4.20 11.69
N LYS A 108 3.49 3.72 12.03
CA LYS A 108 4.62 4.59 12.32
C LYS A 108 5.06 5.35 11.07
N PHE A 109 5.12 4.63 9.96
CA PHE A 109 5.53 5.23 8.69
C PHE A 109 4.45 6.15 8.15
N LEU A 110 3.19 5.71 8.25
CA LEU A 110 2.07 6.50 7.77
C LEU A 110 1.88 7.75 8.62
N GLU A 111 1.58 7.55 9.91
CA GLU A 111 1.39 8.66 10.83
C GLU A 111 2.40 9.77 10.57
N SER A 112 3.63 9.38 10.27
CA SER A 112 4.70 10.35 10.02
C SER A 112 4.42 11.11 8.72
N GLY A 113 3.88 10.42 7.73
CA GLY A 113 3.58 11.06 6.46
C GLY A 113 4.45 10.52 5.33
N GLY A 114 4.91 9.28 5.47
CA GLY A 114 5.76 8.69 4.45
C GLY A 114 7.08 9.42 4.29
N GLN A 115 7.67 9.80 5.41
CA GLN A 115 8.95 10.51 5.39
C GLN A 115 10.09 9.57 5.04
N SER A 116 11.30 10.13 4.94
CA SER A 116 12.48 9.33 4.60
C SER A 116 13.74 10.17 4.72
N GLY A 117 14.74 9.65 5.43
CA GLY A 117 15.99 10.37 5.61
C GLY A 117 17.11 9.46 6.07
N PRO A 118 18.14 10.06 6.69
CA PRO A 118 19.30 9.32 7.19
C PRO A 118 18.96 8.44 8.39
N SER A 119 17.79 8.69 8.98
CA SER A 119 17.35 7.93 10.15
C SER A 119 16.68 6.63 9.72
N SER A 120 16.69 5.63 10.61
CA SER A 120 16.10 4.34 10.32
C SER A 120 14.62 4.32 10.70
N GLY A 121 14.34 4.62 11.97
CA GLY A 121 12.97 4.63 12.44
C GLY A 121 12.55 3.28 13.01
N GLY A 1 -14.30 8.09 -2.79
CA GLY A 1 -13.83 6.79 -3.21
C GLY A 1 -14.42 5.66 -2.37
N SER A 2 -13.73 4.53 -2.35
CA SER A 2 -14.19 3.37 -1.59
C SER A 2 -14.35 3.72 -0.12
N SER A 3 -15.59 4.02 0.28
CA SER A 3 -15.88 4.38 1.67
C SER A 3 -16.13 3.13 2.51
N GLY A 4 -15.05 2.52 2.98
CA GLY A 4 -15.18 1.33 3.80
C GLY A 4 -16.31 0.43 3.33
N SER A 5 -16.37 0.18 2.03
CA SER A 5 -17.41 -0.66 1.46
C SER A 5 -17.20 -2.13 1.83
N SER A 6 -17.65 -2.50 3.03
CA SER A 6 -17.49 -3.87 3.50
C SER A 6 -16.11 -4.42 3.15
N GLY A 7 -15.08 -3.60 3.37
CA GLY A 7 -13.73 -4.02 3.06
C GLY A 7 -12.69 -3.23 3.83
N PRO A 8 -11.84 -3.93 4.58
CA PRO A 8 -10.78 -3.30 5.38
C PRO A 8 -9.68 -2.70 4.51
N VAL A 9 -9.20 -3.47 3.54
CA VAL A 9 -8.15 -3.01 2.64
C VAL A 9 -8.62 -3.06 1.19
N LYS A 10 -8.35 -1.97 0.46
CA LYS A 10 -8.74 -1.89 -0.94
C LYS A 10 -7.99 -2.91 -1.78
N VAL A 11 -8.62 -3.39 -2.84
CA VAL A 11 -8.00 -4.37 -3.73
C VAL A 11 -7.76 -3.79 -5.12
N LEU A 12 -6.54 -3.34 -5.36
CA LEU A 12 -6.19 -2.75 -6.65
C LEU A 12 -5.83 -3.85 -7.66
N VAL A 13 -6.11 -3.58 -8.94
CA VAL A 13 -5.81 -4.53 -10.00
C VAL A 13 -5.00 -3.88 -11.12
N GLY A 14 -4.45 -4.71 -12.00
CA GLY A 14 -3.67 -4.20 -13.11
C GLY A 14 -4.51 -3.44 -14.12
N LYS A 15 -5.81 -3.34 -13.85
CA LYS A 15 -6.72 -2.64 -14.74
C LYS A 15 -7.00 -1.22 -14.24
N ASN A 16 -7.27 -1.10 -12.95
CA ASN A 16 -7.56 0.19 -12.34
C ASN A 16 -6.66 0.43 -11.14
N PHE A 17 -5.43 -0.07 -11.20
CA PHE A 17 -4.47 0.10 -10.12
C PHE A 17 -4.11 1.56 -9.92
N GLU A 18 -3.46 2.15 -10.93
CA GLU A 18 -3.06 3.54 -10.87
C GLU A 18 -4.27 4.45 -10.61
N ASP A 19 -5.45 3.98 -11.00
CA ASP A 19 -6.68 4.73 -10.82
C ASP A 19 -6.97 4.95 -9.34
N VAL A 20 -6.86 3.88 -8.55
CA VAL A 20 -7.11 3.96 -7.12
C VAL A 20 -5.82 4.24 -6.35
N ALA A 21 -4.80 3.43 -6.60
CA ALA A 21 -3.51 3.58 -5.93
C ALA A 21 -3.01 5.02 -6.05
N PHE A 22 -2.74 5.45 -7.27
CA PHE A 22 -2.25 6.81 -7.51
C PHE A 22 -3.40 7.81 -7.44
N ASP A 23 -3.61 8.38 -6.25
CA ASP A 23 -4.67 9.36 -6.05
C ASP A 23 -4.12 10.64 -5.41
N GLU A 24 -4.50 11.78 -5.98
CA GLU A 24 -4.04 13.06 -5.46
C GLU A 24 -4.72 13.40 -4.14
N LYS A 25 -4.04 14.16 -3.30
CA LYS A 25 -4.58 14.55 -2.00
C LYS A 25 -5.00 13.33 -1.19
N LYS A 26 -4.27 12.23 -1.37
CA LYS A 26 -4.56 10.99 -0.66
C LYS A 26 -3.33 10.10 -0.58
N ASN A 27 -2.93 9.74 0.63
CA ASN A 27 -1.77 8.90 0.84
C ASN A 27 -2.16 7.42 0.84
N VAL A 28 -2.09 6.80 -0.32
CA VAL A 28 -2.44 5.38 -0.45
C VAL A 28 -1.22 4.50 -0.30
N PHE A 29 -1.32 3.48 0.56
CA PHE A 29 -0.23 2.57 0.80
C PHE A 29 -0.52 1.19 0.21
N VAL A 30 0.06 0.93 -0.96
CA VAL A 30 -0.14 -0.34 -1.64
C VAL A 30 0.79 -1.42 -1.08
N GLU A 31 0.43 -2.67 -1.32
CA GLU A 31 1.23 -3.79 -0.83
C GLU A 31 1.30 -4.90 -1.88
N PHE A 32 2.45 -5.01 -2.53
CA PHE A 32 2.65 -6.03 -3.56
C PHE A 32 2.99 -7.38 -2.93
N TYR A 33 1.98 -8.22 -2.76
CA TYR A 33 2.17 -9.54 -2.16
C TYR A 33 2.16 -10.62 -3.24
N ALA A 34 2.53 -11.84 -2.84
CA ALA A 34 2.56 -12.97 -3.77
C ALA A 34 1.77 -14.15 -3.22
N PRO A 35 0.97 -14.79 -4.08
CA PRO A 35 0.15 -15.94 -3.70
C PRO A 35 1.00 -17.18 -3.43
N TRP A 36 2.29 -17.08 -3.68
CA TRP A 36 3.20 -18.20 -3.46
C TRP A 36 4.28 -17.83 -2.43
N CYS A 37 4.76 -16.60 -2.51
CA CYS A 37 5.79 -16.13 -1.59
C CYS A 37 5.38 -16.40 -0.14
N GLY A 38 6.17 -17.20 0.55
CA GLY A 38 5.88 -17.53 1.94
C GLY A 38 5.67 -16.30 2.79
N HIS A 39 6.74 -15.55 3.01
CA HIS A 39 6.67 -14.33 3.82
C HIS A 39 5.38 -13.56 3.53
N CYS A 40 5.03 -13.44 2.25
CA CYS A 40 3.83 -12.74 1.85
C CYS A 40 2.60 -13.36 2.50
N LYS A 41 2.54 -14.69 2.52
CA LYS A 41 1.42 -15.40 3.11
C LYS A 41 1.20 -14.97 4.56
N GLN A 42 2.25 -14.45 5.19
CA GLN A 42 2.17 -14.01 6.57
C GLN A 42 1.72 -12.56 6.64
N LEU A 43 1.91 -11.83 5.55
CA LEU A 43 1.51 -10.42 5.49
C LEU A 43 0.03 -10.28 5.16
N ALA A 44 -0.55 -11.35 4.63
CA ALA A 44 -1.96 -11.35 4.26
C ALA A 44 -2.82 -10.83 5.41
N PRO A 45 -2.67 -11.46 6.59
CA PRO A 45 -3.43 -11.08 7.78
C PRO A 45 -3.01 -9.72 8.33
N ILE A 46 -1.70 -9.55 8.52
CA ILE A 46 -1.16 -8.30 9.05
C ILE A 46 -1.60 -7.12 8.20
N TRP A 47 -1.66 -7.33 6.89
CA TRP A 47 -2.06 -6.28 5.96
C TRP A 47 -3.55 -5.99 6.07
N ASP A 48 -4.33 -7.04 6.31
CA ASP A 48 -5.78 -6.90 6.45
C ASP A 48 -6.14 -6.24 7.78
N LYS A 49 -5.28 -6.41 8.77
CA LYS A 49 -5.50 -5.82 10.08
C LYS A 49 -5.17 -4.33 10.09
N LEU A 50 -4.24 -3.93 9.24
CA LEU A 50 -3.84 -2.54 9.14
C LEU A 50 -4.80 -1.75 8.25
N GLY A 51 -5.28 -2.41 7.19
CA GLY A 51 -6.21 -1.76 6.29
C GLY A 51 -7.47 -1.29 6.98
N GLU A 52 -8.03 -2.15 7.83
CA GLU A 52 -9.25 -1.81 8.56
C GLU A 52 -9.03 -0.58 9.43
N THR A 53 -7.79 -0.39 9.89
CA THR A 53 -7.46 0.74 10.74
C THR A 53 -7.60 2.06 9.99
N TYR A 54 -7.15 2.07 8.73
CA TYR A 54 -7.24 3.26 7.90
C TYR A 54 -8.22 3.06 6.75
N LYS A 55 -9.28 2.31 7.01
CA LYS A 55 -10.29 2.05 5.99
C LYS A 55 -11.21 3.24 5.81
N ASP A 56 -11.42 3.98 6.90
CA ASP A 56 -12.29 5.16 6.86
C ASP A 56 -11.48 6.43 7.16
N HIS A 57 -10.20 6.39 6.86
CA HIS A 57 -9.31 7.53 7.10
C HIS A 57 -9.66 8.68 6.16
N GLU A 58 -8.86 9.74 6.21
CA GLU A 58 -9.07 10.91 5.35
C GLU A 58 -8.09 10.92 4.19
N ASN A 59 -6.82 10.72 4.50
CA ASN A 59 -5.77 10.71 3.47
C ASN A 59 -5.08 9.36 3.41
N ILE A 60 -5.09 8.65 4.53
CA ILE A 60 -4.47 7.33 4.61
C ILE A 60 -5.40 6.23 4.12
N VAL A 61 -5.06 5.63 2.99
CA VAL A 61 -5.87 4.58 2.40
C VAL A 61 -5.03 3.36 2.06
N ILE A 62 -5.26 2.27 2.78
CA ILE A 62 -4.51 1.03 2.56
C ILE A 62 -5.07 0.26 1.36
N ALA A 63 -4.19 -0.36 0.60
CA ALA A 63 -4.60 -1.14 -0.57
C ALA A 63 -3.61 -2.27 -0.86
N LYS A 64 -4.11 -3.34 -1.45
CA LYS A 64 -3.27 -4.49 -1.78
C LYS A 64 -3.36 -4.83 -3.27
N MET A 65 -2.28 -5.36 -3.81
CA MET A 65 -2.24 -5.72 -5.23
C MET A 65 -1.30 -6.90 -5.45
N ASP A 66 -1.81 -7.94 -6.11
CA ASP A 66 -1.01 -9.13 -6.40
C ASP A 66 -0.16 -8.92 -7.65
N SER A 67 1.10 -8.52 -7.44
CA SER A 67 2.01 -8.29 -8.55
C SER A 67 2.12 -9.52 -9.44
N THR A 68 1.97 -10.70 -8.83
CA THR A 68 2.06 -11.95 -9.56
C THR A 68 0.84 -12.15 -10.46
N ALA A 69 -0.21 -11.36 -10.21
CA ALA A 69 -1.43 -11.45 -11.00
C ALA A 69 -1.63 -10.19 -11.84
N ASN A 70 -0.97 -9.11 -11.44
CA ASN A 70 -1.08 -7.84 -12.15
C ASN A 70 0.29 -7.31 -12.55
N GLU A 71 0.39 -6.80 -13.77
CA GLU A 71 1.66 -6.27 -14.27
C GLU A 71 1.52 -4.80 -14.65
N VAL A 72 2.33 -3.95 -14.04
CA VAL A 72 2.29 -2.51 -14.31
C VAL A 72 3.69 -1.95 -14.47
N GLU A 73 3.85 -1.01 -15.40
CA GLU A 73 5.14 -0.38 -15.65
C GLU A 73 5.40 0.75 -14.67
N ALA A 74 4.33 1.26 -14.07
CA ALA A 74 4.43 2.36 -13.10
C ALA A 74 5.12 1.89 -11.83
N VAL A 75 5.23 0.57 -11.66
CA VAL A 75 5.87 0.01 -10.48
C VAL A 75 6.53 -1.33 -10.81
N LYS A 76 7.85 -1.40 -10.61
CA LYS A 76 8.60 -2.62 -10.88
C LYS A 76 8.95 -3.33 -9.58
N VAL A 77 8.38 -4.51 -9.38
CA VAL A 77 8.64 -5.30 -8.18
C VAL A 77 9.40 -6.57 -8.51
N HIS A 78 10.61 -6.69 -7.98
CA HIS A 78 11.45 -7.86 -8.22
C HIS A 78 11.65 -8.65 -6.93
N SER A 79 10.68 -8.56 -6.02
CA SER A 79 10.76 -9.26 -4.74
C SER A 79 9.45 -9.14 -3.99
N PHE A 80 9.32 -9.92 -2.92
CA PHE A 80 8.11 -9.90 -2.09
C PHE A 80 8.38 -10.53 -0.72
N PRO A 81 7.62 -10.08 0.28
CA PRO A 81 6.59 -9.05 0.10
C PRO A 81 7.17 -7.68 -0.18
N THR A 82 6.51 -6.92 -1.05
CA THR A 82 6.96 -5.59 -1.41
C THR A 82 5.93 -4.53 -1.06
N LEU A 83 6.37 -3.50 -0.35
CA LEU A 83 5.47 -2.41 0.06
C LEU A 83 5.93 -1.08 -0.53
N LYS A 84 4.98 -0.30 -1.03
CA LYS A 84 5.29 1.00 -1.60
C LYS A 84 4.27 2.04 -1.16
N PHE A 85 4.76 3.14 -0.60
CA PHE A 85 3.90 4.22 -0.15
C PHE A 85 3.70 5.27 -1.22
N PHE A 86 2.44 5.55 -1.55
CA PHE A 86 2.11 6.54 -2.58
C PHE A 86 1.57 7.82 -1.95
N PRO A 87 2.40 8.86 -1.91
CA PRO A 87 2.02 10.16 -1.34
C PRO A 87 0.99 10.89 -2.19
N ALA A 88 0.48 12.01 -1.68
CA ALA A 88 -0.51 12.79 -2.40
C ALA A 88 0.14 13.59 -3.52
N SER A 89 0.89 12.91 -4.37
CA SER A 89 1.57 13.56 -5.49
C SER A 89 1.07 13.02 -6.82
N ALA A 90 0.51 13.90 -7.65
CA ALA A 90 -0.01 13.52 -8.95
C ALA A 90 1.12 13.06 -9.87
N ASP A 91 2.36 13.21 -9.41
CA ASP A 91 3.51 12.81 -10.19
C ASP A 91 3.81 11.31 -10.02
N ARG A 92 2.76 10.52 -9.87
CA ARG A 92 2.89 9.09 -9.69
C ARG A 92 4.16 8.76 -8.89
N THR A 93 4.35 9.45 -7.77
CA THR A 93 5.51 9.24 -6.92
C THR A 93 5.36 7.97 -6.10
N VAL A 94 6.47 7.24 -5.94
CA VAL A 94 6.46 6.00 -5.17
C VAL A 94 7.59 5.99 -4.14
N ILE A 95 7.25 5.62 -2.91
CA ILE A 95 8.23 5.57 -1.83
C ILE A 95 8.49 4.13 -1.39
N ASP A 96 9.75 3.81 -1.15
CA ASP A 96 10.14 2.47 -0.72
C ASP A 96 9.97 2.31 0.79
N TYR A 97 9.32 1.23 1.20
CA TYR A 97 9.09 0.95 2.61
C TYR A 97 10.04 -0.13 3.13
N ASN A 98 10.99 0.28 3.95
CA ASN A 98 11.97 -0.66 4.51
C ASN A 98 12.06 -0.50 6.03
N GLY A 99 11.00 -0.94 6.72
CA GLY A 99 10.99 -0.84 8.17
C GLY A 99 10.75 -2.18 8.84
N GLU A 100 10.17 -2.15 10.03
CA GLU A 100 9.89 -3.38 10.77
C GLU A 100 8.86 -4.23 10.05
N ARG A 101 8.07 -3.59 9.19
CA ARG A 101 7.04 -4.29 8.44
C ARG A 101 6.06 -4.99 9.38
N THR A 102 5.52 -4.24 10.34
CA THR A 102 4.59 -4.79 11.30
C THR A 102 3.34 -3.92 11.41
N LEU A 103 2.21 -4.55 11.67
CA LEU A 103 0.94 -3.83 11.80
C LEU A 103 1.15 -2.49 12.51
N ASP A 104 1.84 -2.53 13.64
CA ASP A 104 2.12 -1.32 14.40
C ASP A 104 3.17 -0.46 13.71
N GLY A 105 4.10 -1.12 13.03
CA GLY A 105 5.16 -0.41 12.33
C GLY A 105 4.63 0.43 11.19
N PHE A 106 3.65 -0.10 10.47
CA PHE A 106 3.06 0.60 9.33
C PHE A 106 2.46 1.93 9.77
N LYS A 107 1.69 1.91 10.86
CA LYS A 107 1.06 3.11 11.38
C LYS A 107 2.10 4.21 11.59
N LYS A 108 3.25 3.85 12.14
CA LYS A 108 4.30 4.81 12.39
C LYS A 108 4.72 5.51 11.10
N PHE A 109 4.99 4.72 10.06
CA PHE A 109 5.40 5.26 8.78
C PHE A 109 4.32 6.20 8.21
N LEU A 110 3.09 5.72 8.20
CA LEU A 110 1.98 6.51 7.69
C LEU A 110 1.76 7.76 8.52
N GLU A 111 1.41 7.57 9.79
CA GLU A 111 1.18 8.69 10.70
C GLU A 111 2.18 9.81 10.44
N SER A 112 3.43 9.43 10.15
CA SER A 112 4.48 10.41 9.90
C SER A 112 4.25 11.12 8.57
N GLY A 113 3.83 10.36 7.56
CA GLY A 113 3.58 10.94 6.25
C GLY A 113 4.59 10.47 5.21
N GLY A 114 5.06 9.25 5.36
CA GLY A 114 6.03 8.71 4.41
C GLY A 114 7.34 9.48 4.42
N GLN A 115 7.87 9.73 5.62
CA GLN A 115 9.12 10.46 5.75
C GLN A 115 10.27 9.52 6.11
N SER A 116 10.98 9.05 5.09
CA SER A 116 12.10 8.14 5.29
C SER A 116 13.42 8.85 5.05
N GLY A 117 13.62 9.33 3.83
CA GLY A 117 14.84 10.02 3.49
C GLY A 117 14.69 10.92 2.27
N PRO A 118 15.55 11.95 2.17
CA PRO A 118 15.52 12.89 1.05
C PRO A 118 15.97 12.26 -0.26
N SER A 119 16.42 11.00 -0.18
CA SER A 119 16.88 10.29 -1.36
C SER A 119 16.14 8.97 -1.52
N SER A 120 16.18 8.14 -0.48
CA SER A 120 15.52 6.85 -0.51
C SER A 120 15.65 6.20 -1.88
N GLY A 121 16.84 6.29 -2.47
CA GLY A 121 17.08 5.71 -3.77
C GLY A 121 18.49 5.96 -4.27
N GLY A 1 -16.97 -2.77 -2.80
CA GLY A 1 -18.01 -1.91 -3.33
C GLY A 1 -17.60 -0.45 -3.35
N SER A 2 -18.23 0.32 -4.24
CA SER A 2 -17.91 1.74 -4.36
C SER A 2 -18.69 2.56 -3.34
N SER A 3 -20.02 2.43 -3.36
CA SER A 3 -20.87 3.15 -2.43
C SER A 3 -20.51 2.83 -0.99
N GLY A 4 -20.66 3.82 -0.10
CA GLY A 4 -20.35 3.62 1.30
C GLY A 4 -18.93 3.15 1.51
N SER A 5 -18.77 1.96 2.06
CA SER A 5 -17.44 1.39 2.32
C SER A 5 -17.54 -0.08 2.72
N SER A 6 -16.60 -0.88 2.24
CA SER A 6 -16.58 -2.30 2.54
C SER A 6 -15.16 -2.84 2.55
N GLY A 7 -14.97 -3.98 3.21
CA GLY A 7 -13.64 -4.58 3.28
C GLY A 7 -12.65 -3.69 4.02
N PRO A 8 -11.73 -4.32 4.77
CA PRO A 8 -10.71 -3.61 5.53
C PRO A 8 -9.67 -2.96 4.63
N VAL A 9 -9.12 -3.73 3.69
CA VAL A 9 -8.12 -3.24 2.77
C VAL A 9 -8.62 -3.27 1.33
N LYS A 10 -8.38 -2.19 0.59
CA LYS A 10 -8.81 -2.11 -0.80
C LYS A 10 -7.97 -3.03 -1.69
N VAL A 11 -8.59 -3.54 -2.75
CA VAL A 11 -7.90 -4.44 -3.67
C VAL A 11 -7.72 -3.77 -5.04
N LEU A 12 -6.47 -3.43 -5.36
CA LEU A 12 -6.16 -2.80 -6.64
C LEU A 12 -5.86 -3.85 -7.70
N VAL A 13 -6.14 -3.50 -8.96
CA VAL A 13 -5.90 -4.40 -10.07
C VAL A 13 -5.06 -3.73 -11.15
N GLY A 14 -4.49 -4.54 -12.05
CA GLY A 14 -3.67 -4.00 -13.12
C GLY A 14 -4.49 -3.22 -14.14
N LYS A 15 -5.79 -3.13 -13.90
CA LYS A 15 -6.69 -2.41 -14.80
C LYS A 15 -6.92 -0.99 -14.32
N ASN A 16 -7.14 -0.83 -13.02
CA ASN A 16 -7.37 0.48 -12.43
C ASN A 16 -6.44 0.72 -11.24
N PHE A 17 -5.30 0.05 -11.24
CA PHE A 17 -4.32 0.18 -10.17
C PHE A 17 -3.97 1.65 -9.94
N GLU A 18 -3.31 2.25 -10.92
CA GLU A 18 -2.91 3.64 -10.82
C GLU A 18 -4.12 4.55 -10.63
N ASP A 19 -5.26 4.11 -11.17
CA ASP A 19 -6.50 4.88 -11.06
C ASP A 19 -6.89 5.08 -9.60
N VAL A 20 -6.63 4.06 -8.78
CA VAL A 20 -6.96 4.13 -7.36
C VAL A 20 -5.73 4.47 -6.53
N ALA A 21 -4.69 3.65 -6.66
CA ALA A 21 -3.45 3.85 -5.91
C ALA A 21 -2.97 5.30 -6.05
N PHE A 22 -2.66 5.70 -7.27
CA PHE A 22 -2.19 7.06 -7.53
C PHE A 22 -3.35 8.05 -7.52
N ASP A 23 -3.58 8.66 -6.36
CA ASP A 23 -4.66 9.63 -6.21
C ASP A 23 -4.19 10.86 -5.43
N GLU A 24 -4.08 11.99 -6.13
CA GLU A 24 -3.63 13.23 -5.51
C GLU A 24 -4.46 13.54 -4.26
N LYS A 25 -3.83 14.18 -3.28
CA LYS A 25 -4.50 14.54 -2.04
C LYS A 25 -4.96 13.29 -1.30
N LYS A 26 -4.22 12.20 -1.45
CA LYS A 26 -4.55 10.94 -0.79
C LYS A 26 -3.31 10.06 -0.64
N ASN A 27 -2.99 9.70 0.59
CA ASN A 27 -1.83 8.86 0.87
C ASN A 27 -2.22 7.38 0.84
N VAL A 28 -2.12 6.77 -0.33
CA VAL A 28 -2.45 5.35 -0.48
C VAL A 28 -1.21 4.48 -0.31
N PHE A 29 -1.33 3.46 0.53
CA PHE A 29 -0.23 2.55 0.78
C PHE A 29 -0.51 1.17 0.20
N VAL A 30 0.05 0.91 -0.98
CA VAL A 30 -0.15 -0.37 -1.65
C VAL A 30 0.81 -1.43 -1.11
N GLU A 31 0.47 -2.70 -1.32
CA GLU A 31 1.29 -3.80 -0.86
C GLU A 31 1.39 -4.91 -1.91
N PHE A 32 2.53 -4.98 -2.58
CA PHE A 32 2.75 -5.98 -3.62
C PHE A 32 3.15 -7.32 -3.01
N TYR A 33 2.18 -8.22 -2.87
CA TYR A 33 2.44 -9.54 -2.31
C TYR A 33 2.41 -10.61 -3.38
N ALA A 34 2.71 -11.85 -2.99
CA ALA A 34 2.71 -12.97 -3.92
C ALA A 34 1.86 -14.12 -3.38
N PRO A 35 1.02 -14.69 -4.26
CA PRO A 35 0.14 -15.81 -3.90
C PRO A 35 0.92 -17.10 -3.66
N TRP A 36 2.21 -17.08 -3.96
CA TRP A 36 3.07 -18.24 -3.77
C TRP A 36 4.17 -17.95 -2.76
N CYS A 37 4.52 -16.68 -2.63
CA CYS A 37 5.56 -16.27 -1.69
C CYS A 37 5.13 -16.53 -0.24
N GLY A 38 5.85 -17.43 0.43
CA GLY A 38 5.53 -17.75 1.80
C GLY A 38 5.42 -16.53 2.67
N HIS A 39 6.39 -15.63 2.56
CA HIS A 39 6.40 -14.40 3.35
C HIS A 39 5.04 -13.70 3.28
N CYS A 40 4.45 -13.67 2.09
CA CYS A 40 3.17 -13.03 1.89
C CYS A 40 2.10 -13.68 2.77
N LYS A 41 2.03 -15.00 2.73
CA LYS A 41 1.06 -15.75 3.52
C LYS A 41 1.01 -15.22 4.95
N GLN A 42 2.10 -14.61 5.40
CA GLN A 42 2.18 -14.07 6.74
C GLN A 42 1.77 -12.60 6.76
N LEU A 43 1.94 -11.92 5.63
CA LEU A 43 1.59 -10.51 5.52
C LEU A 43 0.09 -10.36 5.23
N ALA A 44 -0.54 -11.43 4.80
CA ALA A 44 -1.96 -11.42 4.50
C ALA A 44 -2.76 -10.88 5.67
N PRO A 45 -2.58 -11.47 6.85
CA PRO A 45 -3.28 -11.07 8.08
C PRO A 45 -2.80 -9.70 8.58
N ILE A 46 -1.50 -9.52 8.65
CA ILE A 46 -0.91 -8.27 9.12
C ILE A 46 -1.38 -7.10 8.26
N TRP A 47 -1.45 -7.33 6.95
CA TRP A 47 -1.88 -6.29 6.02
C TRP A 47 -3.37 -6.02 6.17
N ASP A 48 -4.15 -7.07 6.42
CA ASP A 48 -5.59 -6.94 6.57
C ASP A 48 -5.93 -6.27 7.90
N LYS A 49 -5.07 -6.45 8.89
CA LYS A 49 -5.28 -5.85 10.21
C LYS A 49 -4.94 -4.36 10.19
N LEU A 50 -4.04 -3.98 9.28
CA LEU A 50 -3.63 -2.58 9.17
C LEU A 50 -4.59 -1.80 8.27
N GLY A 51 -5.12 -2.47 7.25
CA GLY A 51 -6.03 -1.83 6.33
C GLY A 51 -7.33 -1.41 7.01
N GLU A 52 -7.82 -2.26 7.90
CA GLU A 52 -9.07 -1.98 8.62
C GLU A 52 -8.89 -0.77 9.54
N THR A 53 -7.64 -0.49 9.91
CA THR A 53 -7.34 0.64 10.78
C THR A 53 -7.47 1.97 10.05
N TYR A 54 -7.10 1.97 8.77
CA TYR A 54 -7.17 3.17 7.96
C TYR A 54 -8.15 2.98 6.81
N LYS A 55 -9.12 2.10 6.99
CA LYS A 55 -10.13 1.83 5.98
C LYS A 55 -11.09 3.00 5.85
N ASP A 56 -11.33 3.70 6.95
CA ASP A 56 -12.23 4.85 6.95
C ASP A 56 -11.48 6.12 7.30
N HIS A 57 -10.18 6.15 6.99
CA HIS A 57 -9.35 7.32 7.27
C HIS A 57 -9.76 8.50 6.40
N GLU A 58 -9.00 9.58 6.48
CA GLU A 58 -9.27 10.78 5.70
C GLU A 58 -8.35 10.86 4.49
N ASN A 59 -7.05 10.71 4.74
CA ASN A 59 -6.05 10.77 3.67
C ASN A 59 -5.35 9.44 3.51
N ILE A 60 -5.28 8.66 4.59
CA ILE A 60 -4.64 7.36 4.57
C ILE A 60 -5.57 6.30 4.00
N VAL A 61 -5.12 5.62 2.95
CA VAL A 61 -5.91 4.58 2.32
C VAL A 61 -5.07 3.34 2.03
N ILE A 62 -5.31 2.27 2.78
CA ILE A 62 -4.56 1.03 2.60
C ILE A 62 -5.12 0.22 1.44
N ALA A 63 -4.23 -0.37 0.66
CA ALA A 63 -4.64 -1.19 -0.48
C ALA A 63 -3.62 -2.28 -0.77
N LYS A 64 -4.06 -3.36 -1.42
CA LYS A 64 -3.19 -4.47 -1.76
C LYS A 64 -3.33 -4.83 -3.23
N MET A 65 -2.24 -5.31 -3.82
CA MET A 65 -2.23 -5.70 -5.22
C MET A 65 -1.32 -6.90 -5.46
N ASP A 66 -1.77 -7.83 -6.29
CA ASP A 66 -1.00 -9.02 -6.59
C ASP A 66 -0.04 -8.78 -7.76
N SER A 67 1.21 -8.49 -7.45
CA SER A 67 2.22 -8.22 -8.47
C SER A 67 2.38 -9.43 -9.39
N THR A 68 2.00 -10.61 -8.90
CA THR A 68 2.11 -11.84 -9.68
C THR A 68 0.91 -12.00 -10.60
N ALA A 69 -0.10 -11.17 -10.41
CA ALA A 69 -1.31 -11.22 -11.23
C ALA A 69 -1.58 -9.88 -11.90
N ASN A 70 -0.89 -8.84 -11.44
CA ASN A 70 -1.06 -7.50 -12.00
C ASN A 70 0.29 -6.82 -12.17
N GLU A 71 0.72 -6.66 -13.41
CA GLU A 71 1.99 -6.00 -13.70
C GLU A 71 1.78 -4.59 -14.22
N VAL A 72 2.58 -3.66 -13.72
CA VAL A 72 2.48 -2.26 -14.13
C VAL A 72 3.85 -1.63 -14.27
N GLU A 73 3.97 -0.65 -15.17
CA GLU A 73 5.23 0.04 -15.40
C GLU A 73 5.44 1.15 -14.37
N ALA A 74 4.34 1.71 -13.89
CA ALA A 74 4.41 2.78 -12.90
C ALA A 74 5.07 2.30 -11.61
N VAL A 75 5.27 1.00 -11.51
CA VAL A 75 5.90 0.41 -10.33
C VAL A 75 6.54 -0.94 -10.66
N LYS A 76 7.86 -1.00 -10.54
CA LYS A 76 8.60 -2.23 -10.83
C LYS A 76 8.87 -3.00 -9.54
N VAL A 77 8.50 -4.28 -9.54
CA VAL A 77 8.70 -5.14 -8.38
C VAL A 77 9.47 -6.39 -8.76
N HIS A 78 10.71 -6.50 -8.27
CA HIS A 78 11.55 -7.65 -8.55
C HIS A 78 11.73 -8.51 -7.30
N SER A 79 10.80 -8.37 -6.35
CA SER A 79 10.85 -9.14 -5.11
C SER A 79 9.54 -9.03 -4.36
N PHE A 80 9.40 -9.83 -3.31
CA PHE A 80 8.19 -9.82 -2.49
C PHE A 80 8.44 -10.51 -1.15
N PRO A 81 7.68 -10.09 -0.12
CA PRO A 81 6.68 -9.03 -0.26
C PRO A 81 7.30 -7.66 -0.49
N THR A 82 6.61 -6.83 -1.27
CA THR A 82 7.10 -5.49 -1.56
C THR A 82 6.04 -4.44 -1.23
N LEU A 83 6.42 -3.47 -0.39
CA LEU A 83 5.51 -2.41 0.01
C LEU A 83 5.95 -1.07 -0.58
N LYS A 84 4.99 -0.28 -1.05
CA LYS A 84 5.27 1.02 -1.63
C LYS A 84 4.25 2.06 -1.16
N PHE A 85 4.74 3.15 -0.59
CA PHE A 85 3.86 4.22 -0.11
C PHE A 85 3.67 5.28 -1.18
N PHE A 86 2.41 5.65 -1.42
CA PHE A 86 2.10 6.66 -2.42
C PHE A 86 1.63 7.95 -1.76
N PRO A 87 2.52 8.96 -1.75
CA PRO A 87 2.23 10.26 -1.14
C PRO A 87 1.21 11.06 -1.95
N ALA A 88 0.45 11.90 -1.26
CA ALA A 88 -0.57 12.72 -1.92
C ALA A 88 0.08 13.75 -2.84
N SER A 89 0.39 13.34 -4.06
CA SER A 89 1.01 14.23 -5.03
C SER A 89 0.40 14.02 -6.42
N ALA A 90 0.00 15.11 -7.06
CA ALA A 90 -0.59 15.05 -8.39
C ALA A 90 0.26 14.21 -9.33
N ASP A 91 1.52 14.01 -8.96
CA ASP A 91 2.45 13.23 -9.77
C ASP A 91 2.48 11.78 -9.30
N ARG A 92 2.93 10.89 -10.18
CA ARG A 92 3.02 9.47 -9.87
C ARG A 92 4.28 9.17 -9.08
N THR A 93 4.34 9.63 -7.84
CA THR A 93 5.51 9.41 -6.99
C THR A 93 5.31 8.18 -6.11
N VAL A 94 6.38 7.42 -5.92
CA VAL A 94 6.32 6.22 -5.09
C VAL A 94 7.45 6.21 -4.06
N ILE A 95 7.12 5.82 -2.83
CA ILE A 95 8.10 5.77 -1.76
C ILE A 95 8.37 4.32 -1.33
N ASP A 96 9.65 3.98 -1.22
CA ASP A 96 10.04 2.63 -0.82
C ASP A 96 9.89 2.44 0.69
N TYR A 97 9.25 1.35 1.07
CA TYR A 97 9.02 1.05 2.48
C TYR A 97 9.98 -0.04 2.97
N ASN A 98 10.96 0.34 3.76
CA ASN A 98 11.95 -0.60 4.29
C ASN A 98 12.03 -0.50 5.81
N GLY A 99 10.91 -0.74 6.48
CA GLY A 99 10.87 -0.67 7.93
C GLY A 99 10.70 -2.03 8.57
N GLU A 100 10.07 -2.06 9.74
CA GLU A 100 9.83 -3.30 10.46
C GLU A 100 8.81 -4.17 9.73
N ARG A 101 8.01 -3.53 8.88
CA ARG A 101 6.98 -4.24 8.12
C ARG A 101 6.00 -4.94 9.05
N THR A 102 5.53 -4.20 10.06
CA THR A 102 4.58 -4.75 11.03
C THR A 102 3.34 -3.89 11.13
N LEU A 103 2.26 -4.47 11.64
CA LEU A 103 1.00 -3.75 11.79
C LEU A 103 1.21 -2.41 12.49
N ASP A 104 1.89 -2.46 13.64
CA ASP A 104 2.17 -1.24 14.41
C ASP A 104 3.23 -0.40 13.72
N GLY A 105 4.20 -1.07 13.08
CA GLY A 105 5.26 -0.35 12.40
C GLY A 105 4.76 0.45 11.21
N PHE A 106 3.73 -0.07 10.55
CA PHE A 106 3.16 0.61 9.39
C PHE A 106 2.49 1.91 9.79
N LYS A 107 1.78 1.87 10.92
CA LYS A 107 1.09 3.06 11.42
C LYS A 107 2.04 4.22 11.60
N LYS A 108 3.22 3.93 12.14
CA LYS A 108 4.24 4.96 12.37
C LYS A 108 4.66 5.60 11.06
N PHE A 109 4.91 4.78 10.05
CA PHE A 109 5.32 5.27 8.74
C PHE A 109 4.22 6.14 8.12
N LEU A 110 2.99 5.65 8.19
CA LEU A 110 1.85 6.39 7.63
C LEU A 110 1.57 7.65 8.44
N GLU A 111 1.21 7.48 9.70
CA GLU A 111 0.92 8.62 10.57
C GLU A 111 1.87 9.77 10.30
N SER A 112 3.12 9.44 9.96
CA SER A 112 4.12 10.46 9.67
C SER A 112 3.87 11.10 8.31
N GLY A 113 3.53 10.28 7.32
CA GLY A 113 3.27 10.78 5.99
C GLY A 113 4.31 10.34 4.99
N GLY A 114 4.83 9.13 5.17
CA GLY A 114 5.85 8.62 4.26
C GLY A 114 7.08 9.51 4.21
N GLN A 115 7.56 9.92 5.38
CA GLN A 115 8.74 10.79 5.45
C GLN A 115 10.02 9.95 5.48
N SER A 116 9.98 8.85 6.21
CA SER A 116 11.14 7.97 6.32
C SER A 116 11.76 7.69 4.95
N GLY A 117 13.09 7.67 4.90
CA GLY A 117 13.77 7.40 3.65
C GLY A 117 15.13 8.09 3.59
N PRO A 118 15.88 7.79 2.52
CA PRO A 118 17.22 8.37 2.31
C PRO A 118 17.16 9.86 2.00
N SER A 119 18.33 10.49 1.92
CA SER A 119 18.42 11.92 1.64
C SER A 119 19.58 12.20 0.68
N SER A 120 19.24 12.54 -0.56
CA SER A 120 20.25 12.83 -1.57
C SER A 120 20.38 14.34 -1.78
N GLY A 121 21.17 14.99 -0.94
CA GLY A 121 21.36 16.43 -1.05
C GLY A 121 22.82 16.82 -1.09
N GLY A 1 -23.70 4.18 0.32
CA GLY A 1 -23.17 3.08 1.10
C GLY A 1 -23.33 3.29 2.60
N SER A 2 -24.37 2.71 3.17
CA SER A 2 -24.63 2.84 4.60
C SER A 2 -23.68 1.97 5.40
N SER A 3 -22.55 2.55 5.80
CA SER A 3 -21.55 1.83 6.57
C SER A 3 -21.39 0.40 6.06
N GLY A 4 -21.42 0.24 4.75
CA GLY A 4 -21.28 -1.08 4.16
C GLY A 4 -19.99 -1.23 3.39
N SER A 5 -18.88 -0.89 4.02
CA SER A 5 -17.57 -0.98 3.39
C SER A 5 -17.41 -2.33 2.69
N SER A 6 -17.62 -3.41 3.44
CA SER A 6 -17.49 -4.76 2.91
C SER A 6 -16.06 -5.01 2.42
N GLY A 7 -15.09 -4.40 3.10
CA GLY A 7 -13.70 -4.58 2.72
C GLY A 7 -12.78 -3.68 3.52
N PRO A 8 -11.90 -4.30 4.32
CA PRO A 8 -10.94 -3.58 5.15
C PRO A 8 -9.85 -2.90 4.32
N VAL A 9 -9.26 -3.66 3.39
CA VAL A 9 -8.22 -3.13 2.54
C VAL A 9 -8.62 -3.19 1.07
N LYS A 10 -8.44 -2.08 0.36
CA LYS A 10 -8.78 -2.02 -1.06
C LYS A 10 -7.91 -2.95 -1.88
N VAL A 11 -8.46 -3.44 -2.99
CA VAL A 11 -7.73 -4.36 -3.86
C VAL A 11 -7.50 -3.73 -5.24
N LEU A 12 -6.28 -3.30 -5.50
CA LEU A 12 -5.93 -2.69 -6.77
C LEU A 12 -5.67 -3.76 -7.83
N VAL A 13 -6.03 -3.45 -9.08
CA VAL A 13 -5.83 -4.38 -10.19
C VAL A 13 -5.07 -3.71 -11.33
N GLY A 14 -4.44 -4.54 -12.17
CA GLY A 14 -3.69 -4.01 -13.29
C GLY A 14 -4.54 -3.24 -14.26
N LYS A 15 -5.86 -3.33 -14.08
CA LYS A 15 -6.80 -2.64 -14.95
C LYS A 15 -7.05 -1.22 -14.46
N ASN A 16 -7.24 -1.07 -13.15
CA ASN A 16 -7.48 0.24 -12.56
C ASN A 16 -6.61 0.45 -11.33
N PHE A 17 -5.39 -0.08 -11.38
CA PHE A 17 -4.46 0.06 -10.26
C PHE A 17 -4.15 1.52 -9.98
N GLU A 18 -3.47 2.17 -10.92
CA GLU A 18 -3.09 3.57 -10.78
C GLU A 18 -4.34 4.43 -10.58
N ASP A 19 -5.48 3.96 -11.07
CA ASP A 19 -6.73 4.68 -10.95
C ASP A 19 -7.16 4.78 -9.47
N VAL A 20 -7.00 3.68 -8.74
CA VAL A 20 -7.36 3.64 -7.33
C VAL A 20 -6.15 3.92 -6.44
N ALA A 21 -5.10 3.11 -6.63
CA ALA A 21 -3.88 3.26 -5.85
C ALA A 21 -3.37 4.71 -5.88
N PHE A 22 -3.00 5.16 -7.07
CA PHE A 22 -2.50 6.52 -7.24
C PHE A 22 -3.64 7.54 -7.22
N ASP A 23 -3.62 8.41 -6.23
CA ASP A 23 -4.66 9.44 -6.09
C ASP A 23 -4.10 10.70 -5.45
N GLU A 24 -4.47 11.85 -6.01
CA GLU A 24 -4.00 13.12 -5.49
C GLU A 24 -4.64 13.45 -4.14
N LYS A 25 -3.95 14.22 -3.32
CA LYS A 25 -4.45 14.60 -2.00
C LYS A 25 -4.87 13.36 -1.22
N LYS A 26 -4.17 12.27 -1.41
CA LYS A 26 -4.47 11.01 -0.72
C LYS A 26 -3.23 10.14 -0.61
N ASN A 27 -2.87 9.77 0.62
CA ASN A 27 -1.71 8.93 0.86
C ASN A 27 -2.09 7.45 0.85
N VAL A 28 -2.00 6.84 -0.32
CA VAL A 28 -2.34 5.43 -0.47
C VAL A 28 -1.10 4.55 -0.30
N PHE A 29 -1.24 3.51 0.52
CA PHE A 29 -0.12 2.60 0.77
C PHE A 29 -0.41 1.22 0.16
N VAL A 30 0.17 0.97 -1.00
CA VAL A 30 -0.02 -0.30 -1.70
C VAL A 30 0.93 -1.37 -1.16
N GLU A 31 0.55 -2.62 -1.32
CA GLU A 31 1.37 -3.73 -0.85
C GLU A 31 1.45 -4.83 -1.90
N PHE A 32 2.59 -4.92 -2.59
CA PHE A 32 2.79 -5.92 -3.62
C PHE A 32 3.17 -7.26 -2.99
N TYR A 33 2.19 -8.15 -2.89
CA TYR A 33 2.42 -9.48 -2.30
C TYR A 33 2.39 -10.55 -3.39
N ALA A 34 2.74 -11.78 -3.00
CA ALA A 34 2.75 -12.89 -3.94
C ALA A 34 1.97 -14.08 -3.39
N PRO A 35 1.15 -14.70 -4.26
CA PRO A 35 0.33 -15.85 -3.89
C PRO A 35 1.16 -17.09 -3.62
N TRP A 36 2.46 -17.00 -3.88
CA TRP A 36 3.37 -18.12 -3.66
C TRP A 36 4.42 -17.78 -2.62
N CYS A 37 4.73 -16.50 -2.50
CA CYS A 37 5.73 -16.04 -1.53
C CYS A 37 5.31 -16.41 -0.10
N GLY A 38 5.98 -17.41 0.47
CA GLY A 38 5.66 -17.84 1.81
C GLY A 38 5.55 -16.67 2.78
N HIS A 39 6.41 -15.69 2.63
CA HIS A 39 6.40 -14.52 3.50
C HIS A 39 5.08 -13.77 3.39
N CYS A 40 4.55 -13.69 2.18
CA CYS A 40 3.28 -13.00 1.95
C CYS A 40 2.16 -13.63 2.78
N LYS A 41 2.08 -14.95 2.74
CA LYS A 41 1.06 -15.68 3.50
C LYS A 41 0.95 -15.15 4.92
N GLN A 42 2.05 -14.60 5.43
CA GLN A 42 2.08 -14.06 6.78
C GLN A 42 1.66 -12.59 6.79
N LEU A 43 1.87 -11.91 5.66
CA LEU A 43 1.51 -10.50 5.54
C LEU A 43 0.02 -10.35 5.23
N ALA A 44 -0.60 -11.43 4.75
CA ALA A 44 -2.00 -11.42 4.42
C ALA A 44 -2.84 -10.87 5.58
N PRO A 45 -2.67 -11.46 6.76
CA PRO A 45 -3.40 -11.05 7.97
C PRO A 45 -2.94 -9.69 8.48
N ILE A 46 -1.63 -9.53 8.61
CA ILE A 46 -1.07 -8.27 9.09
C ILE A 46 -1.51 -7.10 8.23
N TRP A 47 -1.57 -7.32 6.91
CA TRP A 47 -1.98 -6.28 5.98
C TRP A 47 -3.48 -6.02 6.10
N ASP A 48 -4.25 -7.07 6.36
CA ASP A 48 -5.70 -6.95 6.49
C ASP A 48 -6.07 -6.26 7.80
N LYS A 49 -5.21 -6.43 8.80
CA LYS A 49 -5.45 -5.82 10.11
C LYS A 49 -5.09 -4.34 10.09
N LEU A 50 -4.16 -3.96 9.23
CA LEU A 50 -3.75 -2.57 9.12
C LEU A 50 -4.69 -1.80 8.20
N GLY A 51 -5.21 -2.47 7.18
CA GLY A 51 -6.12 -1.83 6.25
C GLY A 51 -7.39 -1.35 6.91
N GLU A 52 -7.96 -2.20 7.77
CA GLU A 52 -9.19 -1.86 8.47
C GLU A 52 -8.99 -0.64 9.37
N THR A 53 -7.76 -0.45 9.83
CA THR A 53 -7.42 0.68 10.70
C THR A 53 -7.55 2.00 9.94
N TYR A 54 -7.14 2.00 8.68
CA TYR A 54 -7.21 3.20 7.86
C TYR A 54 -8.19 3.02 6.70
N LYS A 55 -9.23 2.24 6.94
CA LYS A 55 -10.24 1.98 5.92
C LYS A 55 -11.20 3.16 5.80
N ASP A 56 -11.37 3.90 6.89
CA ASP A 56 -12.26 5.05 6.91
C ASP A 56 -11.48 6.33 7.19
N HIS A 57 -10.18 6.31 6.92
CA HIS A 57 -9.33 7.47 7.15
C HIS A 57 -9.69 8.61 6.21
N GLU A 58 -8.91 9.69 6.27
CA GLU A 58 -9.16 10.84 5.42
C GLU A 58 -8.18 10.89 4.25
N ASN A 59 -6.89 10.74 4.56
CA ASN A 59 -5.86 10.76 3.54
C ASN A 59 -5.14 9.41 3.46
N ILE A 60 -5.11 8.70 4.58
CA ILE A 60 -4.46 7.40 4.64
C ILE A 60 -5.37 6.31 4.11
N VAL A 61 -4.97 5.69 3.01
CA VAL A 61 -5.74 4.61 2.40
C VAL A 61 -4.87 3.40 2.12
N ILE A 62 -5.25 2.26 2.71
CA ILE A 62 -4.50 1.03 2.51
C ILE A 62 -5.06 0.22 1.34
N ALA A 63 -4.17 -0.35 0.54
CA ALA A 63 -4.57 -1.15 -0.62
C ALA A 63 -3.56 -2.25 -0.90
N LYS A 64 -4.04 -3.35 -1.47
CA LYS A 64 -3.18 -4.48 -1.80
C LYS A 64 -3.31 -4.86 -3.27
N MET A 65 -2.20 -5.23 -3.88
CA MET A 65 -2.18 -5.62 -5.29
C MET A 65 -1.26 -6.80 -5.51
N ASP A 66 -1.72 -7.77 -6.31
CA ASP A 66 -0.93 -8.95 -6.61
C ASP A 66 -0.01 -8.71 -7.79
N SER A 67 1.26 -8.40 -7.50
CA SER A 67 2.24 -8.13 -8.54
C SER A 67 2.41 -9.35 -9.45
N THR A 68 2.09 -10.52 -8.93
CA THR A 68 2.21 -11.76 -9.69
C THR A 68 1.01 -11.95 -10.62
N ALA A 69 -0.09 -11.27 -10.30
CA ALA A 69 -1.29 -11.36 -11.10
C ALA A 69 -1.53 -10.08 -11.89
N ASN A 70 -0.85 -9.01 -11.49
CA ASN A 70 -0.98 -7.72 -12.16
C ASN A 70 0.37 -7.04 -12.32
N GLU A 71 0.67 -6.59 -13.54
CA GLU A 71 1.94 -5.94 -13.82
C GLU A 71 1.71 -4.51 -14.31
N VAL A 72 2.46 -3.57 -13.77
CA VAL A 72 2.34 -2.17 -14.16
C VAL A 72 3.72 -1.51 -14.29
N GLU A 73 3.85 -0.63 -15.27
CA GLU A 73 5.11 0.06 -15.51
C GLU A 73 5.34 1.14 -14.46
N ALA A 74 4.25 1.67 -13.92
CA ALA A 74 4.34 2.72 -12.90
C ALA A 74 5.04 2.20 -11.65
N VAL A 75 5.20 0.89 -11.56
CA VAL A 75 5.86 0.28 -10.41
C VAL A 75 6.57 -1.02 -10.82
N LYS A 76 7.88 -1.06 -10.62
CA LYS A 76 8.67 -2.24 -10.96
C LYS A 76 9.06 -3.02 -9.71
N VAL A 77 8.41 -4.16 -9.50
CA VAL A 77 8.69 -4.99 -8.34
C VAL A 77 9.49 -6.23 -8.73
N HIS A 78 10.67 -6.38 -8.14
CA HIS A 78 11.53 -7.52 -8.43
C HIS A 78 11.71 -8.38 -7.18
N SER A 79 10.78 -8.27 -6.25
CA SER A 79 10.83 -9.05 -5.01
C SER A 79 9.53 -8.94 -4.24
N PHE A 80 9.40 -9.75 -3.19
CA PHE A 80 8.19 -9.75 -2.37
C PHE A 80 8.45 -10.43 -1.03
N PRO A 81 7.70 -10.01 0.00
CA PRO A 81 6.69 -8.97 -0.14
C PRO A 81 7.31 -7.60 -0.37
N THR A 82 6.63 -6.76 -1.17
CA THR A 82 7.11 -5.42 -1.47
C THR A 82 6.06 -4.37 -1.15
N LEU A 83 6.43 -3.39 -0.34
CA LEU A 83 5.52 -2.32 0.05
C LEU A 83 5.96 -0.99 -0.54
N LYS A 84 5.00 -0.20 -1.00
CA LYS A 84 5.29 1.10 -1.59
C LYS A 84 4.25 2.14 -1.16
N PHE A 85 4.72 3.23 -0.56
CA PHE A 85 3.83 4.30 -0.11
C PHE A 85 3.66 5.36 -1.18
N PHE A 86 2.42 5.74 -1.45
CA PHE A 86 2.12 6.75 -2.45
C PHE A 86 1.68 8.06 -1.79
N PRO A 87 2.56 9.07 -1.85
CA PRO A 87 2.29 10.39 -1.27
C PRO A 87 1.21 11.15 -2.04
N ALA A 88 0.70 12.22 -1.42
CA ALA A 88 -0.34 13.03 -2.04
C ALA A 88 0.24 13.92 -3.13
N SER A 89 0.79 13.29 -4.18
CA SER A 89 1.38 14.03 -5.28
C SER A 89 0.67 13.73 -6.59
N ALA A 90 0.64 14.71 -7.48
CA ALA A 90 -0.01 14.55 -8.78
C ALA A 90 0.91 13.86 -9.77
N ASP A 91 2.11 13.52 -9.32
CA ASP A 91 3.09 12.85 -10.18
C ASP A 91 3.19 11.38 -9.83
N ARG A 92 2.06 10.77 -9.47
CA ARG A 92 2.02 9.36 -9.11
C ARG A 92 3.36 8.92 -8.51
N THR A 93 3.87 9.71 -7.57
CA THR A 93 5.14 9.41 -6.92
C THR A 93 5.02 8.17 -6.05
N VAL A 94 6.16 7.51 -5.79
CA VAL A 94 6.19 6.31 -4.97
C VAL A 94 7.35 6.35 -3.99
N ILE A 95 7.10 5.87 -2.77
CA ILE A 95 8.14 5.84 -1.74
C ILE A 95 8.41 4.42 -1.28
N ASP A 96 9.69 4.10 -1.12
CA ASP A 96 10.09 2.76 -0.68
C ASP A 96 9.91 2.61 0.83
N TYR A 97 9.36 1.47 1.23
CA TYR A 97 9.13 1.20 2.65
C TYR A 97 10.15 0.21 3.19
N ASN A 98 11.10 0.70 3.96
CA ASN A 98 12.14 -0.14 4.55
C ASN A 98 12.13 -0.05 6.07
N GLY A 99 11.11 -0.61 6.69
CA GLY A 99 11.00 -0.57 8.13
C GLY A 99 10.85 -1.96 8.74
N GLU A 100 10.14 -2.03 9.86
CA GLU A 100 9.92 -3.30 10.53
C GLU A 100 8.97 -4.20 9.74
N ARG A 101 8.02 -3.57 9.05
CA ARG A 101 7.05 -4.29 8.25
C ARG A 101 6.03 -4.99 9.14
N THR A 102 5.55 -4.28 10.15
CA THR A 102 4.56 -4.83 11.08
C THR A 102 3.33 -3.96 11.16
N LEU A 103 2.23 -4.53 11.66
CA LEU A 103 0.97 -3.79 11.78
C LEU A 103 1.19 -2.46 12.50
N ASP A 104 1.94 -2.50 13.60
CA ASP A 104 2.22 -1.30 14.37
C ASP A 104 3.28 -0.44 13.68
N GLY A 105 4.22 -1.09 13.01
CA GLY A 105 5.27 -0.38 12.32
C GLY A 105 4.74 0.44 11.16
N PHE A 106 3.70 -0.06 10.51
CA PHE A 106 3.10 0.65 9.37
C PHE A 106 2.49 1.97 9.82
N LYS A 107 1.74 1.93 10.92
CA LYS A 107 1.10 3.13 11.45
C LYS A 107 2.12 4.24 11.67
N LYS A 108 3.28 3.88 12.21
CA LYS A 108 4.33 4.84 12.48
C LYS A 108 4.76 5.54 11.19
N PHE A 109 4.95 4.76 10.13
CA PHE A 109 5.37 5.30 8.84
C PHE A 109 4.27 6.18 8.25
N LEU A 110 3.04 5.67 8.27
CA LEU A 110 1.90 6.42 7.73
C LEU A 110 1.67 7.70 8.51
N GLU A 111 1.36 7.55 9.81
CA GLU A 111 1.12 8.71 10.66
C GLU A 111 2.15 9.80 10.41
N SER A 112 3.38 9.40 10.12
CA SER A 112 4.45 10.35 9.85
C SER A 112 4.22 11.09 8.54
N GLY A 113 3.81 10.34 7.53
CA GLY A 113 3.55 10.94 6.22
C GLY A 113 4.52 10.47 5.17
N GLY A 114 5.04 9.25 5.34
CA GLY A 114 5.98 8.71 4.39
C GLY A 114 7.33 9.39 4.44
N GLN A 115 7.87 9.53 5.65
CA GLN A 115 9.17 10.17 5.84
C GLN A 115 10.29 9.14 5.79
N SER A 116 10.64 8.71 4.59
CA SER A 116 11.70 7.72 4.41
C SER A 116 12.97 8.15 5.13
N GLY A 117 13.06 9.44 5.45
CA GLY A 117 14.22 9.96 6.15
C GLY A 117 15.11 10.79 5.25
N PRO A 118 15.96 11.63 5.86
CA PRO A 118 16.88 12.50 5.13
C PRO A 118 18.00 11.72 4.44
N SER A 119 18.53 12.29 3.37
CA SER A 119 19.61 11.64 2.62
C SER A 119 20.34 12.65 1.75
N SER A 120 21.67 12.63 1.82
CA SER A 120 22.49 13.55 1.04
C SER A 120 22.30 14.98 1.51
N GLY A 121 22.51 15.20 2.80
CA GLY A 121 22.34 16.54 3.36
C GLY A 121 23.54 16.97 4.18
N GLY A 1 -26.51 1.32 -8.02
CA GLY A 1 -26.61 2.70 -7.61
C GLY A 1 -26.14 2.91 -6.17
N SER A 2 -24.91 2.50 -5.89
CA SER A 2 -24.35 2.64 -4.55
C SER A 2 -22.82 2.57 -4.60
N SER A 3 -22.19 2.81 -3.45
CA SER A 3 -20.74 2.78 -3.36
C SER A 3 -20.26 1.44 -2.79
N GLY A 4 -20.76 1.11 -1.60
CA GLY A 4 -20.37 -0.14 -0.96
C GLY A 4 -19.02 -0.06 -0.30
N SER A 5 -18.72 -1.01 0.58
CA SER A 5 -17.45 -1.03 1.29
C SER A 5 -16.54 -2.12 0.72
N SER A 6 -15.29 -1.76 0.48
CA SER A 6 -14.31 -2.71 -0.06
C SER A 6 -13.56 -3.42 1.06
N GLY A 7 -14.29 -3.84 2.08
CA GLY A 7 -13.68 -4.52 3.21
C GLY A 7 -12.69 -3.65 3.95
N PRO A 8 -11.77 -4.28 4.70
CA PRO A 8 -10.76 -3.56 5.48
C PRO A 8 -9.72 -2.89 4.58
N VAL A 9 -9.15 -3.66 3.67
CA VAL A 9 -8.14 -3.14 2.75
C VAL A 9 -8.64 -3.17 1.31
N LYS A 10 -8.38 -2.08 0.58
CA LYS A 10 -8.81 -1.99 -0.82
C LYS A 10 -7.98 -2.92 -1.70
N VAL A 11 -8.61 -3.43 -2.75
CA VAL A 11 -7.95 -4.34 -3.68
C VAL A 11 -7.75 -3.69 -5.05
N LEU A 12 -6.50 -3.39 -5.38
CA LEU A 12 -6.18 -2.77 -6.66
C LEU A 12 -5.92 -3.82 -7.73
N VAL A 13 -6.21 -3.47 -8.98
CA VAL A 13 -6.02 -4.38 -10.10
C VAL A 13 -5.17 -3.74 -11.19
N GLY A 14 -4.64 -4.57 -12.09
CA GLY A 14 -3.83 -4.05 -13.17
C GLY A 14 -4.63 -3.28 -14.20
N LYS A 15 -5.93 -3.16 -13.96
CA LYS A 15 -6.82 -2.44 -14.86
C LYS A 15 -6.97 -0.99 -14.44
N ASN A 16 -7.21 -0.77 -13.16
CA ASN A 16 -7.37 0.58 -12.63
C ASN A 16 -6.46 0.81 -11.43
N PHE A 17 -5.34 0.08 -11.40
CA PHE A 17 -4.38 0.21 -10.31
C PHE A 17 -4.01 1.67 -10.07
N GLU A 18 -3.33 2.27 -11.03
CA GLU A 18 -2.92 3.67 -10.92
C GLU A 18 -4.14 4.58 -10.73
N ASP A 19 -5.25 4.19 -11.33
CA ASP A 19 -6.48 4.98 -11.23
C ASP A 19 -6.90 5.14 -9.77
N VAL A 20 -6.67 4.11 -8.97
CA VAL A 20 -7.02 4.14 -7.56
C VAL A 20 -5.80 4.43 -6.69
N ALA A 21 -4.80 3.56 -6.78
CA ALA A 21 -3.57 3.73 -6.02
C ALA A 21 -3.03 5.14 -6.14
N PHE A 22 -2.65 5.52 -7.35
CA PHE A 22 -2.11 6.86 -7.59
C PHE A 22 -3.22 7.91 -7.52
N ASP A 23 -3.53 8.33 -6.29
CA ASP A 23 -4.57 9.33 -6.08
C ASP A 23 -4.00 10.56 -5.38
N GLU A 24 -4.06 11.71 -6.05
CA GLU A 24 -3.55 12.94 -5.48
C GLU A 24 -4.34 13.34 -4.23
N LYS A 25 -3.68 14.08 -3.35
CA LYS A 25 -4.31 14.53 -2.11
C LYS A 25 -4.80 13.33 -1.29
N LYS A 26 -4.10 12.21 -1.41
CA LYS A 26 -4.46 10.99 -0.69
C LYS A 26 -3.25 10.08 -0.53
N ASN A 27 -2.95 9.71 0.71
CA ASN A 27 -1.82 8.83 1.00
C ASN A 27 -2.25 7.37 0.96
N VAL A 28 -2.06 6.74 -0.20
CA VAL A 28 -2.41 5.33 -0.38
C VAL A 28 -1.19 4.44 -0.25
N PHE A 29 -1.29 3.43 0.63
CA PHE A 29 -0.20 2.50 0.85
C PHE A 29 -0.50 1.14 0.24
N VAL A 30 0.07 0.90 -0.94
CA VAL A 30 -0.14 -0.36 -1.65
C VAL A 30 0.80 -1.44 -1.12
N GLU A 31 0.44 -2.70 -1.38
CA GLU A 31 1.25 -3.83 -0.94
C GLU A 31 1.32 -4.91 -2.02
N PHE A 32 2.46 -5.00 -2.68
CA PHE A 32 2.65 -5.99 -3.73
C PHE A 32 3.07 -7.34 -3.14
N TYR A 33 2.10 -8.22 -3.00
CA TYR A 33 2.35 -9.56 -2.45
C TYR A 33 2.31 -10.62 -3.53
N ALA A 34 2.67 -11.85 -3.18
CA ALA A 34 2.67 -12.94 -4.12
C ALA A 34 1.87 -14.13 -3.58
N PRO A 35 1.02 -14.72 -4.44
CA PRO A 35 0.20 -15.87 -4.07
C PRO A 35 1.01 -17.13 -3.86
N TRP A 36 2.32 -17.04 -4.12
CA TRP A 36 3.21 -18.19 -3.95
C TRP A 36 4.33 -17.86 -2.97
N CYS A 37 4.47 -16.58 -2.64
CA CYS A 37 5.50 -16.14 -1.71
C CYS A 37 5.15 -16.53 -0.28
N GLY A 38 6.11 -17.07 0.44
CA GLY A 38 5.88 -17.48 1.82
C GLY A 38 5.64 -16.30 2.74
N HIS A 39 6.68 -15.50 2.96
CA HIS A 39 6.57 -14.33 3.83
C HIS A 39 5.25 -13.61 3.61
N CYS A 40 4.70 -13.74 2.40
CA CYS A 40 3.44 -13.09 2.06
C CYS A 40 2.29 -13.69 2.87
N LYS A 41 2.19 -15.02 2.87
CA LYS A 41 1.15 -15.72 3.61
C LYS A 41 1.03 -15.18 5.02
N GLN A 42 2.11 -14.58 5.52
CA GLN A 42 2.13 -14.02 6.87
C GLN A 42 1.71 -12.55 6.85
N LEU A 43 1.92 -11.89 5.72
CA LEU A 43 1.57 -10.48 5.57
C LEU A 43 0.08 -10.32 5.27
N ALA A 44 -0.55 -11.41 4.84
CA ALA A 44 -1.98 -11.39 4.52
C ALA A 44 -2.79 -10.83 5.68
N PRO A 45 -2.62 -11.42 6.87
CA PRO A 45 -3.32 -11.00 8.08
C PRO A 45 -2.87 -9.64 8.58
N ILE A 46 -1.55 -9.45 8.63
CA ILE A 46 -0.97 -8.20 9.09
C ILE A 46 -1.42 -7.03 8.21
N TRP A 47 -1.48 -7.28 6.91
CA TRP A 47 -1.90 -6.25 5.96
C TRP A 47 -3.39 -5.98 6.07
N ASP A 48 -4.16 -7.02 6.35
CA ASP A 48 -5.61 -6.90 6.47
C ASP A 48 -5.98 -6.25 7.80
N LYS A 49 -5.12 -6.42 8.80
CA LYS A 49 -5.36 -5.85 10.12
C LYS A 49 -5.04 -4.36 10.12
N LEU A 50 -4.13 -3.94 9.26
CA LEU A 50 -3.74 -2.54 9.16
C LEU A 50 -4.71 -1.77 8.27
N GLY A 51 -5.22 -2.44 7.24
CA GLY A 51 -6.16 -1.79 6.34
C GLY A 51 -7.44 -1.38 7.03
N GLU A 52 -7.93 -2.21 7.94
CA GLU A 52 -9.15 -1.93 8.67
C GLU A 52 -8.96 -0.72 9.60
N THR A 53 -7.72 -0.46 9.97
CA THR A 53 -7.40 0.65 10.85
C THR A 53 -7.50 1.99 10.11
N TYR A 54 -7.15 1.96 8.82
CA TYR A 54 -7.20 3.17 8.00
C TYR A 54 -8.16 2.99 6.83
N LYS A 55 -9.18 2.16 7.02
CA LYS A 55 -10.17 1.90 5.98
C LYS A 55 -11.12 3.08 5.82
N ASP A 56 -11.34 3.81 6.91
CA ASP A 56 -12.23 4.97 6.88
C ASP A 56 -11.47 6.24 7.25
N HIS A 57 -10.15 6.22 7.03
CA HIS A 57 -9.31 7.36 7.34
C HIS A 57 -9.71 8.57 6.49
N GLU A 58 -8.94 9.64 6.59
CA GLU A 58 -9.21 10.86 5.84
C GLU A 58 -8.21 11.02 4.68
N ASN A 59 -6.95 10.72 4.95
CA ASN A 59 -5.91 10.83 3.93
C ASN A 59 -5.17 9.51 3.77
N ILE A 60 -5.34 8.61 4.74
CA ILE A 60 -4.69 7.32 4.71
C ILE A 60 -5.62 6.25 4.12
N VAL A 61 -5.14 5.56 3.10
CA VAL A 61 -5.93 4.52 2.45
C VAL A 61 -5.06 3.31 2.11
N ILE A 62 -5.30 2.20 2.82
CA ILE A 62 -4.54 0.98 2.59
C ILE A 62 -5.10 0.19 1.41
N ALA A 63 -4.21 -0.40 0.62
CA ALA A 63 -4.62 -1.18 -0.54
C ALA A 63 -3.61 -2.29 -0.83
N LYS A 64 -4.08 -3.36 -1.46
CA LYS A 64 -3.22 -4.49 -1.80
C LYS A 64 -3.38 -4.86 -3.28
N MET A 65 -2.30 -5.34 -3.88
CA MET A 65 -2.32 -5.74 -5.29
C MET A 65 -1.40 -6.94 -5.52
N ASP A 66 -1.83 -7.85 -6.39
CA ASP A 66 -1.04 -9.03 -6.71
C ASP A 66 -0.12 -8.76 -7.89
N SER A 67 1.14 -8.47 -7.59
CA SER A 67 2.12 -8.19 -8.64
C SER A 67 2.31 -9.40 -9.55
N THR A 68 1.94 -10.57 -9.05
CA THR A 68 2.06 -11.81 -9.81
C THR A 68 0.87 -12.00 -10.73
N ALA A 69 -0.25 -11.37 -10.39
CA ALA A 69 -1.45 -11.46 -11.21
C ALA A 69 -1.74 -10.16 -11.93
N ASN A 70 -1.05 -9.09 -11.53
CA ASN A 70 -1.24 -7.79 -12.13
C ASN A 70 0.11 -7.08 -12.32
N GLU A 71 0.43 -6.76 -13.57
CA GLU A 71 1.68 -6.08 -13.88
C GLU A 71 1.42 -4.64 -14.31
N VAL A 72 2.21 -3.72 -13.77
CA VAL A 72 2.07 -2.30 -14.10
C VAL A 72 3.44 -1.63 -14.28
N GLU A 73 3.53 -0.75 -15.26
CA GLU A 73 4.78 -0.05 -15.53
C GLU A 73 5.02 1.05 -14.50
N ALA A 74 3.94 1.63 -13.99
CA ALA A 74 4.03 2.70 -13.01
C ALA A 74 4.74 2.22 -11.74
N VAL A 75 4.97 0.90 -11.66
CA VAL A 75 5.63 0.32 -10.51
C VAL A 75 6.38 -0.96 -10.90
N LYS A 76 7.68 -0.98 -10.65
CA LYS A 76 8.49 -2.14 -10.97
C LYS A 76 8.84 -2.94 -9.71
N VAL A 77 8.28 -4.13 -9.60
CA VAL A 77 8.54 -4.99 -8.45
C VAL A 77 9.30 -6.25 -8.85
N HIS A 78 10.53 -6.35 -8.37
CA HIS A 78 11.39 -7.50 -8.68
C HIS A 78 11.57 -8.39 -7.44
N SER A 79 10.64 -8.28 -6.50
CA SER A 79 10.70 -9.06 -5.27
C SER A 79 9.39 -8.98 -4.50
N PHE A 80 9.23 -9.86 -3.52
CA PHE A 80 8.02 -9.89 -2.70
C PHE A 80 8.26 -10.63 -1.39
N PRO A 81 7.50 -10.25 -0.35
CA PRO A 81 6.50 -9.19 -0.45
C PRO A 81 7.13 -7.80 -0.62
N THR A 82 6.44 -6.92 -1.32
CA THR A 82 6.93 -5.57 -1.56
C THR A 82 5.88 -4.53 -1.17
N LEU A 83 6.31 -3.51 -0.45
CA LEU A 83 5.41 -2.45 -0.02
C LEU A 83 5.86 -1.09 -0.57
N LYS A 84 4.91 -0.31 -1.07
CA LYS A 84 5.21 1.00 -1.61
C LYS A 84 4.19 2.04 -1.15
N PHE A 85 4.67 3.11 -0.52
CA PHE A 85 3.80 4.16 -0.03
C PHE A 85 3.64 5.27 -1.07
N PHE A 86 2.40 5.64 -1.35
CA PHE A 86 2.10 6.68 -2.33
C PHE A 86 1.68 7.97 -1.63
N PRO A 87 2.57 8.97 -1.67
CA PRO A 87 2.31 10.28 -1.05
C PRO A 87 1.24 11.07 -1.78
N ALA A 88 0.76 12.14 -1.16
CA ALA A 88 -0.26 12.99 -1.76
C ALA A 88 0.32 13.87 -2.85
N SER A 89 0.97 13.25 -3.83
CA SER A 89 1.59 13.98 -4.93
C SER A 89 1.01 13.54 -6.26
N ALA A 90 0.59 14.50 -7.08
CA ALA A 90 0.02 14.22 -8.38
C ALA A 90 1.09 13.74 -9.36
N ASP A 91 2.32 13.62 -8.87
CA ASP A 91 3.43 13.18 -9.70
C ASP A 91 3.62 11.67 -9.59
N ARG A 92 2.50 10.96 -9.41
CA ARG A 92 2.54 9.50 -9.28
C ARG A 92 3.83 9.04 -8.60
N THR A 93 4.25 9.79 -7.58
CA THR A 93 5.46 9.46 -6.84
C THR A 93 5.26 8.22 -5.98
N VAL A 94 6.33 7.47 -5.77
CA VAL A 94 6.27 6.26 -4.96
C VAL A 94 7.41 6.22 -3.95
N ILE A 95 7.09 5.82 -2.72
CA ILE A 95 8.09 5.74 -1.65
C ILE A 95 8.37 4.29 -1.28
N ASP A 96 9.65 3.96 -1.14
CA ASP A 96 10.05 2.61 -0.78
C ASP A 96 9.91 2.39 0.73
N TYR A 97 9.29 1.27 1.10
CA TYR A 97 9.09 0.94 2.51
C TYR A 97 10.10 -0.10 2.97
N ASN A 98 11.00 0.31 3.86
CA ASN A 98 12.02 -0.58 4.39
C ASN A 98 12.13 -0.45 5.90
N GLY A 99 11.08 -0.89 6.60
CA GLY A 99 11.07 -0.81 8.05
C GLY A 99 10.88 -2.17 8.69
N GLU A 100 10.27 -2.18 9.87
CA GLU A 100 10.02 -3.42 10.60
C GLU A 100 9.01 -4.30 9.86
N ARG A 101 8.19 -3.66 9.04
CA ARG A 101 7.17 -4.37 8.27
C ARG A 101 6.18 -5.07 9.20
N THR A 102 5.66 -4.32 10.16
CA THR A 102 4.70 -4.86 11.11
C THR A 102 3.45 -3.99 11.20
N LEU A 103 2.33 -4.60 11.56
CA LEU A 103 1.07 -3.87 11.69
C LEU A 103 1.28 -2.54 12.40
N ASP A 104 1.98 -2.59 13.53
CA ASP A 104 2.25 -1.39 14.31
C ASP A 104 3.29 -0.52 13.62
N GLY A 105 4.26 -1.15 12.96
CA GLY A 105 5.30 -0.42 12.27
C GLY A 105 4.76 0.43 11.14
N PHE A 106 3.74 -0.09 10.46
CA PHE A 106 3.13 0.63 9.34
C PHE A 106 2.48 1.92 9.81
N LYS A 107 1.76 1.85 10.92
CA LYS A 107 1.09 3.01 11.49
C LYS A 107 2.06 4.16 11.68
N LYS A 108 3.26 3.84 12.17
CA LYS A 108 4.28 4.86 12.39
C LYS A 108 4.69 5.52 11.09
N PHE A 109 4.96 4.71 10.07
CA PHE A 109 5.36 5.23 8.77
C PHE A 109 4.25 6.08 8.16
N LEU A 110 3.02 5.61 8.28
CA LEU A 110 1.87 6.33 7.73
C LEU A 110 1.64 7.64 8.49
N GLU A 111 1.36 7.53 9.78
CA GLU A 111 1.11 8.70 10.62
C GLU A 111 2.07 9.84 10.24
N SER A 112 3.32 9.49 9.97
CA SER A 112 4.33 10.48 9.61
C SER A 112 4.00 11.11 8.26
N GLY A 113 3.55 10.29 7.32
CA GLY A 113 3.21 10.80 6.00
C GLY A 113 4.19 10.36 4.94
N GLY A 114 4.73 9.16 5.09
CA GLY A 114 5.70 8.65 4.12
C GLY A 114 7.10 9.19 4.36
N GLN A 115 7.51 9.24 5.63
CA GLN A 115 8.83 9.74 5.97
C GLN A 115 9.84 8.60 6.12
N SER A 116 10.68 8.44 5.10
CA SER A 116 11.68 7.38 5.12
C SER A 116 13.08 7.96 5.32
N GLY A 117 13.41 8.99 4.55
CA GLY A 117 14.71 9.61 4.67
C GLY A 117 14.79 10.92 3.90
N PRO A 118 15.63 11.85 4.39
CA PRO A 118 15.82 13.17 3.77
C PRO A 118 16.55 13.06 2.43
N SER A 119 17.39 12.04 2.29
CA SER A 119 18.15 11.84 1.07
C SER A 119 17.42 10.89 0.13
N SER A 120 17.65 11.05 -1.17
CA SER A 120 17.02 10.21 -2.18
C SER A 120 18.05 9.41 -2.95
N GLY A 121 19.05 8.89 -2.24
CA GLY A 121 20.10 8.11 -2.88
C GLY A 121 21.13 7.60 -1.88
N GLY A 1 -29.61 2.08 -0.99
CA GLY A 1 -28.73 1.39 -0.07
C GLY A 1 -27.45 2.16 0.21
N SER A 2 -27.39 2.79 1.37
CA SER A 2 -26.23 3.58 1.76
C SER A 2 -25.02 2.67 1.99
N SER A 3 -25.13 1.77 2.95
CA SER A 3 -24.05 0.85 3.26
C SER A 3 -23.80 -0.12 2.10
N GLY A 4 -22.68 0.07 1.41
CA GLY A 4 -22.36 -0.79 0.29
C GLY A 4 -21.59 -2.03 0.71
N SER A 5 -20.39 -2.20 0.17
CA SER A 5 -19.56 -3.35 0.50
C SER A 5 -18.70 -3.06 1.72
N SER A 6 -18.25 -4.13 2.38
CA SER A 6 -17.42 -4.00 3.58
C SER A 6 -16.06 -4.69 3.38
N GLY A 7 -15.00 -3.95 3.64
CA GLY A 7 -13.66 -4.51 3.48
C GLY A 7 -12.60 -3.68 4.19
N PRO A 8 -11.67 -4.36 4.88
CA PRO A 8 -10.59 -3.70 5.61
C PRO A 8 -9.57 -3.05 4.68
N VAL A 9 -9.10 -3.82 3.70
CA VAL A 9 -8.12 -3.32 2.74
C VAL A 9 -8.67 -3.37 1.32
N LYS A 10 -8.46 -2.29 0.57
CA LYS A 10 -8.93 -2.21 -0.81
C LYS A 10 -8.07 -3.06 -1.73
N VAL A 11 -8.70 -3.65 -2.74
CA VAL A 11 -7.99 -4.50 -3.69
C VAL A 11 -7.79 -3.77 -5.01
N LEU A 12 -6.53 -3.59 -5.39
CA LEU A 12 -6.19 -2.92 -6.64
C LEU A 12 -5.94 -3.93 -7.76
N VAL A 13 -6.25 -3.52 -8.99
CA VAL A 13 -6.07 -4.38 -10.15
C VAL A 13 -5.23 -3.69 -11.23
N GLY A 14 -4.74 -4.47 -12.17
CA GLY A 14 -3.93 -3.91 -13.25
C GLY A 14 -4.75 -3.06 -14.20
N LYS A 15 -6.04 -2.94 -13.91
CA LYS A 15 -6.93 -2.14 -14.74
C LYS A 15 -7.12 -0.74 -14.17
N ASN A 16 -7.29 -0.66 -12.86
CA ASN A 16 -7.47 0.62 -12.19
C ASN A 16 -6.49 0.77 -11.02
N PHE A 17 -5.34 0.11 -11.13
CA PHE A 17 -4.33 0.17 -10.09
C PHE A 17 -3.89 1.60 -9.83
N GLU A 18 -3.34 2.24 -10.86
CA GLU A 18 -2.89 3.62 -10.74
C GLU A 18 -4.03 4.55 -10.38
N ASP A 19 -5.22 4.26 -10.91
CA ASP A 19 -6.41 5.07 -10.65
C ASP A 19 -6.61 5.26 -9.14
N VAL A 20 -6.36 4.19 -8.39
CA VAL A 20 -6.51 4.24 -6.93
C VAL A 20 -5.20 4.58 -6.25
N ALA A 21 -4.15 3.81 -6.59
CA ALA A 21 -2.83 4.01 -6.00
C ALA A 21 -2.40 5.47 -6.16
N PHE A 22 -2.22 5.90 -7.40
CA PHE A 22 -1.79 7.26 -7.70
C PHE A 22 -2.97 8.23 -7.63
N ASP A 23 -3.27 8.71 -6.43
CA ASP A 23 -4.37 9.64 -6.23
C ASP A 23 -3.90 10.90 -5.50
N GLU A 24 -4.46 12.04 -5.88
CA GLU A 24 -4.10 13.31 -5.26
C GLU A 24 -4.91 13.55 -3.99
N LYS A 25 -4.31 14.24 -3.03
CA LYS A 25 -4.98 14.55 -1.77
C LYS A 25 -5.38 13.26 -1.05
N LYS A 26 -4.61 12.20 -1.26
CA LYS A 26 -4.88 10.92 -0.63
C LYS A 26 -3.60 10.07 -0.57
N ASN A 27 -3.22 9.68 0.65
CA ASN A 27 -2.03 8.87 0.84
C ASN A 27 -2.37 7.38 0.84
N VAL A 28 -2.31 6.76 -0.33
CA VAL A 28 -2.62 5.35 -0.48
C VAL A 28 -1.37 4.49 -0.29
N PHE A 29 -1.50 3.42 0.47
CA PHE A 29 -0.38 2.52 0.72
C PHE A 29 -0.65 1.14 0.13
N VAL A 30 -0.08 0.88 -1.04
CA VAL A 30 -0.25 -0.39 -1.71
C VAL A 30 0.73 -1.44 -1.19
N GLU A 31 0.40 -2.70 -1.40
CA GLU A 31 1.26 -3.80 -0.93
C GLU A 31 1.32 -4.91 -1.97
N PHE A 32 2.46 -4.98 -2.67
CA PHE A 32 2.66 -6.00 -3.70
C PHE A 32 3.05 -7.34 -3.08
N TYR A 33 2.09 -8.25 -3.00
CA TYR A 33 2.33 -9.56 -2.42
C TYR A 33 2.34 -10.64 -3.51
N ALA A 34 2.71 -11.86 -3.12
CA ALA A 34 2.75 -12.97 -4.05
C ALA A 34 1.97 -14.18 -3.52
N PRO A 35 1.18 -14.81 -4.40
CA PRO A 35 0.38 -15.98 -4.02
C PRO A 35 1.22 -17.21 -3.74
N TRP A 36 2.53 -17.07 -3.93
CA TRP A 36 3.46 -18.17 -3.69
C TRP A 36 4.50 -17.80 -2.65
N CYS A 37 4.74 -16.50 -2.50
CA CYS A 37 5.72 -16.01 -1.53
C CYS A 37 5.33 -16.43 -0.11
N GLY A 38 6.23 -17.14 0.55
CA GLY A 38 5.98 -17.59 1.91
C GLY A 38 5.75 -16.44 2.86
N HIS A 39 6.58 -15.41 2.76
CA HIS A 39 6.48 -14.24 3.63
C HIS A 39 5.11 -13.58 3.46
N CYS A 40 4.56 -13.65 2.26
CA CYS A 40 3.26 -13.05 1.97
C CYS A 40 2.17 -13.70 2.83
N LYS A 41 2.11 -15.02 2.80
CA LYS A 41 1.12 -15.76 3.56
C LYS A 41 1.03 -15.25 4.99
N GLN A 42 2.11 -14.62 5.45
CA GLN A 42 2.15 -14.09 6.80
C GLN A 42 1.73 -12.62 6.82
N LEU A 43 1.91 -11.95 5.69
CA LEU A 43 1.54 -10.54 5.57
C LEU A 43 0.05 -10.39 5.27
N ALA A 44 -0.57 -11.47 4.82
CA ALA A 44 -1.99 -11.46 4.52
C ALA A 44 -2.80 -10.90 5.67
N PRO A 45 -2.62 -11.48 6.87
CA PRO A 45 -3.32 -11.06 8.08
C PRO A 45 -2.86 -9.68 8.57
N ILE A 46 -1.54 -9.51 8.67
CA ILE A 46 -0.98 -8.25 9.13
C ILE A 46 -1.44 -7.09 8.25
N TRP A 47 -1.50 -7.33 6.95
CA TRP A 47 -1.94 -6.31 6.01
C TRP A 47 -3.43 -6.04 6.13
N ASP A 48 -4.19 -7.10 6.38
CA ASP A 48 -5.64 -6.98 6.53
C ASP A 48 -6.00 -6.30 7.86
N LYS A 49 -5.14 -6.48 8.86
CA LYS A 49 -5.36 -5.88 10.17
C LYS A 49 -5.06 -4.39 10.15
N LEU A 50 -4.12 -3.99 9.30
CA LEU A 50 -3.73 -2.59 9.19
C LEU A 50 -4.69 -1.84 8.27
N GLY A 51 -5.17 -2.53 7.24
CA GLY A 51 -6.10 -1.91 6.30
C GLY A 51 -7.39 -1.47 6.95
N GLU A 52 -7.88 -2.29 7.88
CA GLU A 52 -9.12 -1.99 8.59
C GLU A 52 -8.95 -0.78 9.49
N THR A 53 -7.71 -0.50 9.88
CA THR A 53 -7.41 0.63 10.75
C THR A 53 -7.54 1.94 10.00
N TYR A 54 -7.23 1.91 8.70
CA TYR A 54 -7.32 3.11 7.87
C TYR A 54 -8.29 2.90 6.72
N LYS A 55 -9.30 2.08 6.94
CA LYS A 55 -10.31 1.79 5.93
C LYS A 55 -11.30 2.95 5.80
N ASP A 56 -11.51 3.64 6.91
CA ASP A 56 -12.44 4.78 6.92
C ASP A 56 -11.69 6.08 7.18
N HIS A 57 -10.40 6.09 6.88
CA HIS A 57 -9.56 7.27 7.08
C HIS A 57 -9.97 8.39 6.12
N GLU A 58 -9.23 9.49 6.15
CA GLU A 58 -9.51 10.62 5.29
C GLU A 58 -8.54 10.66 4.11
N ASN A 59 -7.24 10.54 4.42
CA ASN A 59 -6.22 10.57 3.39
C ASN A 59 -5.47 9.24 3.33
N ILE A 60 -5.40 8.56 4.47
CA ILE A 60 -4.73 7.27 4.55
C ILE A 60 -5.63 6.14 4.06
N VAL A 61 -5.27 5.57 2.91
CA VAL A 61 -6.04 4.48 2.33
C VAL A 61 -5.16 3.27 2.05
N ILE A 62 -5.45 2.16 2.72
CA ILE A 62 -4.68 0.94 2.54
C ILE A 62 -5.25 0.10 1.39
N ALA A 63 -4.34 -0.44 0.57
CA ALA A 63 -4.75 -1.26 -0.56
C ALA A 63 -3.72 -2.35 -0.85
N LYS A 64 -4.17 -3.43 -1.47
CA LYS A 64 -3.28 -4.55 -1.80
C LYS A 64 -3.42 -4.93 -3.27
N MET A 65 -2.32 -5.36 -3.88
CA MET A 65 -2.33 -5.76 -5.27
C MET A 65 -1.43 -6.99 -5.49
N ASP A 66 -1.77 -7.78 -6.50
CA ASP A 66 -0.99 -8.98 -6.81
C ASP A 66 -0.04 -8.72 -7.97
N SER A 67 1.24 -8.54 -7.65
CA SER A 67 2.25 -8.28 -8.67
C SER A 67 2.44 -9.50 -9.57
N THR A 68 2.10 -10.67 -9.05
CA THR A 68 2.23 -11.92 -9.80
C THR A 68 1.02 -12.14 -10.70
N ALA A 69 -0.02 -11.34 -10.50
CA ALA A 69 -1.24 -11.45 -11.29
C ALA A 69 -1.54 -10.16 -12.01
N ASN A 70 -0.87 -9.09 -11.62
CA ASN A 70 -1.07 -7.78 -12.23
C ASN A 70 0.26 -7.04 -12.39
N GLU A 71 0.63 -6.77 -13.64
CA GLU A 71 1.88 -6.07 -13.92
C GLU A 71 1.61 -4.64 -14.39
N VAL A 72 2.44 -3.71 -13.94
CA VAL A 72 2.28 -2.31 -14.31
C VAL A 72 3.65 -1.63 -14.45
N GLU A 73 3.77 -0.75 -15.45
CA GLU A 73 5.01 -0.04 -15.70
C GLU A 73 5.25 1.02 -14.62
N ALA A 74 4.17 1.54 -14.05
CA ALA A 74 4.26 2.56 -13.02
C ALA A 74 4.97 2.01 -11.78
N VAL A 75 5.07 0.69 -11.70
CA VAL A 75 5.71 0.05 -10.56
C VAL A 75 6.24 -1.33 -10.95
N LYS A 76 7.56 -1.45 -11.01
CA LYS A 76 8.20 -2.72 -11.36
C LYS A 76 8.70 -3.45 -10.12
N VAL A 77 7.98 -4.49 -9.71
CA VAL A 77 8.36 -5.26 -8.54
C VAL A 77 9.07 -6.55 -8.94
N HIS A 78 10.26 -6.76 -8.39
CA HIS A 78 11.04 -7.96 -8.68
C HIS A 78 11.17 -8.84 -7.45
N SER A 79 10.71 -8.31 -6.30
CA SER A 79 10.80 -9.06 -5.05
C SER A 79 9.47 -8.97 -4.29
N PHE A 80 9.31 -9.84 -3.29
CA PHE A 80 8.10 -9.85 -2.49
C PHE A 80 8.34 -10.56 -1.16
N PRO A 81 7.56 -10.17 -0.13
CA PRO A 81 6.55 -9.12 -0.26
C PRO A 81 7.16 -7.74 -0.45
N THR A 82 6.48 -6.91 -1.24
CA THR A 82 6.97 -5.55 -1.51
C THR A 82 5.93 -4.51 -1.12
N LEU A 83 6.37 -3.47 -0.44
CA LEU A 83 5.48 -2.40 0.00
C LEU A 83 5.91 -1.05 -0.58
N LYS A 84 4.95 -0.30 -1.11
CA LYS A 84 5.23 1.01 -1.68
C LYS A 84 4.21 2.04 -1.22
N PHE A 85 4.71 3.15 -0.66
CA PHE A 85 3.83 4.21 -0.18
C PHE A 85 3.62 5.28 -1.25
N PHE A 86 2.36 5.61 -1.49
CA PHE A 86 2.01 6.61 -2.49
C PHE A 86 1.45 7.87 -1.84
N PRO A 87 2.21 8.97 -1.93
CA PRO A 87 1.82 10.26 -1.35
C PRO A 87 0.64 10.89 -2.09
N ALA A 88 0.05 11.92 -1.49
CA ALA A 88 -1.08 12.61 -2.09
C ALA A 88 -0.62 13.58 -3.18
N SER A 89 0.24 13.09 -4.07
CA SER A 89 0.77 13.92 -5.14
C SER A 89 -0.02 13.71 -6.43
N ALA A 90 -0.07 14.73 -7.27
CA ALA A 90 -0.80 14.65 -8.53
C ALA A 90 0.08 14.08 -9.64
N ASP A 91 1.00 13.20 -9.26
CA ASP A 91 1.91 12.58 -10.22
C ASP A 91 2.23 11.15 -9.81
N ARG A 92 2.79 10.38 -10.74
CA ARG A 92 3.15 9.00 -10.47
C ARG A 92 4.35 8.91 -9.53
N THR A 93 4.11 9.16 -8.24
CA THR A 93 5.17 9.12 -7.24
C THR A 93 5.10 7.83 -6.44
N VAL A 94 6.28 7.30 -6.10
CA VAL A 94 6.35 6.07 -5.32
C VAL A 94 7.46 6.15 -4.26
N ILE A 95 7.14 5.71 -3.05
CA ILE A 95 8.11 5.73 -1.96
C ILE A 95 8.44 4.32 -1.49
N ASP A 96 9.72 4.07 -1.26
CA ASP A 96 10.18 2.76 -0.81
C ASP A 96 9.94 2.59 0.70
N TYR A 97 9.14 1.60 1.06
CA TYR A 97 8.84 1.35 2.46
C TYR A 97 9.96 0.55 3.13
N ASN A 98 10.73 1.23 3.98
CA ASN A 98 11.84 0.60 4.68
C ASN A 98 11.57 0.56 6.19
N GLY A 99 10.35 0.19 6.55
CA GLY A 99 9.99 0.12 7.96
C GLY A 99 10.32 -1.23 8.58
N GLU A 100 9.46 -1.69 9.47
CA GLU A 100 9.65 -2.98 10.13
C GLU A 100 8.69 -4.04 9.57
N ARG A 101 7.77 -3.59 8.72
CA ARG A 101 6.80 -4.50 8.11
C ARG A 101 5.89 -5.11 9.18
N THR A 102 5.50 -4.28 10.15
CA THR A 102 4.63 -4.74 11.23
C THR A 102 3.36 -3.89 11.32
N LEU A 103 2.26 -4.52 11.71
CA LEU A 103 0.99 -3.82 11.83
C LEU A 103 1.17 -2.45 12.48
N ASP A 104 1.85 -2.44 13.63
CA ASP A 104 2.10 -1.19 14.35
C ASP A 104 3.18 -0.36 13.64
N GLY A 105 4.16 -1.05 13.05
CA GLY A 105 5.23 -0.36 12.36
C GLY A 105 4.73 0.44 11.17
N PHE A 106 3.68 -0.07 10.52
CA PHE A 106 3.11 0.59 9.36
C PHE A 106 2.48 1.93 9.75
N LYS A 107 1.74 1.93 10.85
CA LYS A 107 1.08 3.13 11.33
C LYS A 107 2.08 4.25 11.54
N LYS A 108 3.27 3.90 12.01
CA LYS A 108 4.33 4.88 12.26
C LYS A 108 4.73 5.57 10.96
N PHE A 109 5.01 4.77 9.93
CA PHE A 109 5.42 5.31 8.64
C PHE A 109 4.31 6.18 8.04
N LEU A 110 3.07 5.72 8.16
CA LEU A 110 1.93 6.46 7.64
C LEU A 110 1.71 7.74 8.43
N GLU A 111 1.38 7.59 9.70
CA GLU A 111 1.14 8.74 10.56
C GLU A 111 2.15 9.85 10.30
N SER A 112 3.41 9.45 10.09
CA SER A 112 4.47 10.41 9.82
C SER A 112 4.18 11.22 8.58
N GLY A 113 3.71 10.55 7.53
CA GLY A 113 3.39 11.23 6.29
C GLY A 113 4.14 10.66 5.10
N GLY A 114 4.78 9.50 5.31
CA GLY A 114 5.52 8.86 4.24
C GLY A 114 6.96 9.34 4.18
N GLN A 115 7.49 9.76 5.32
CA GLN A 115 8.87 10.24 5.39
C GLN A 115 9.84 9.18 4.88
N SER A 116 10.66 9.56 3.90
CA SER A 116 11.63 8.64 3.32
C SER A 116 12.92 8.62 4.14
N GLY A 117 13.47 9.80 4.40
CA GLY A 117 14.69 9.90 5.18
C GLY A 117 15.23 11.31 5.25
N PRO A 118 16.37 11.55 4.59
CA PRO A 118 17.02 12.87 4.56
C PRO A 118 16.23 13.88 3.75
N SER A 119 16.71 15.11 3.73
CA SER A 119 16.03 16.18 3.00
C SER A 119 15.68 15.72 1.58
N SER A 120 14.67 16.37 1.00
CA SER A 120 14.22 16.03 -0.35
C SER A 120 14.24 17.25 -1.25
N GLY A 121 14.23 18.43 -0.65
CA GLY A 121 14.25 19.67 -1.42
C GLY A 121 15.26 20.66 -0.89
N GLY A 1 -24.47 8.38 2.93
CA GLY A 1 -24.26 7.43 1.84
C GLY A 1 -25.32 6.35 1.82
N SER A 2 -25.67 5.82 2.99
CA SER A 2 -26.67 4.77 3.09
C SER A 2 -26.35 3.63 2.12
N SER A 3 -25.09 3.24 2.06
CA SER A 3 -24.65 2.17 1.18
C SER A 3 -24.22 0.94 1.98
N GLY A 4 -23.40 1.18 3.01
CA GLY A 4 -22.92 0.09 3.84
C GLY A 4 -21.91 -0.78 3.13
N SER A 5 -20.69 -0.28 2.97
CA SER A 5 -19.64 -1.02 2.30
C SER A 5 -19.02 -2.06 3.23
N SER A 6 -18.07 -2.82 2.70
CA SER A 6 -17.41 -3.87 3.49
C SER A 6 -16.02 -4.17 2.93
N GLY A 7 -15.03 -4.15 3.80
CA GLY A 7 -13.66 -4.42 3.38
C GLY A 7 -12.64 -3.57 4.11
N PRO A 8 -11.71 -4.23 4.82
CA PRO A 8 -10.67 -3.54 5.59
C PRO A 8 -9.64 -2.87 4.68
N VAL A 9 -9.12 -3.62 3.71
CA VAL A 9 -8.13 -3.10 2.78
C VAL A 9 -8.64 -3.16 1.35
N LYS A 10 -8.41 -2.09 0.59
CA LYS A 10 -8.85 -2.01 -0.79
C LYS A 10 -8.04 -2.97 -1.67
N VAL A 11 -8.67 -3.48 -2.71
CA VAL A 11 -8.02 -4.40 -3.64
C VAL A 11 -7.77 -3.74 -4.99
N LEU A 12 -6.53 -3.31 -5.21
CA LEU A 12 -6.16 -2.67 -6.46
C LEU A 12 -5.93 -3.70 -7.56
N VAL A 13 -6.22 -3.31 -8.79
CA VAL A 13 -6.05 -4.21 -9.93
C VAL A 13 -5.22 -3.56 -11.03
N GLY A 14 -4.60 -4.38 -11.87
CA GLY A 14 -3.78 -3.87 -12.94
C GLY A 14 -4.58 -3.09 -13.97
N LYS A 15 -5.89 -3.05 -13.78
CA LYS A 15 -6.78 -2.33 -14.69
C LYS A 15 -7.01 -0.89 -14.22
N ASN A 16 -7.29 -0.75 -12.92
CA ASN A 16 -7.53 0.57 -12.34
C ASN A 16 -6.57 0.83 -11.18
N PHE A 17 -5.43 0.15 -11.20
CA PHE A 17 -4.43 0.32 -10.16
C PHE A 17 -4.07 1.80 -9.97
N GLU A 18 -3.46 2.37 -11.00
CA GLU A 18 -3.06 3.77 -10.96
C GLU A 18 -4.26 4.67 -10.68
N ASP A 19 -5.43 4.28 -11.17
CA ASP A 19 -6.65 5.04 -10.98
C ASP A 19 -6.92 5.26 -9.50
N VAL A 20 -6.70 4.21 -8.70
CA VAL A 20 -6.93 4.29 -7.26
C VAL A 20 -5.62 4.48 -6.50
N ALA A 21 -4.69 3.54 -6.68
CA ALA A 21 -3.40 3.62 -6.02
C ALA A 21 -2.82 5.03 -6.12
N PHE A 22 -2.68 5.53 -7.33
CA PHE A 22 -2.13 6.86 -7.55
C PHE A 22 -3.24 7.92 -7.48
N ASP A 23 -3.45 8.46 -6.28
CA ASP A 23 -4.47 9.48 -6.07
C ASP A 23 -3.87 10.72 -5.43
N GLU A 24 -4.15 11.88 -6.01
CA GLU A 24 -3.64 13.14 -5.51
C GLU A 24 -4.33 13.53 -4.20
N LYS A 25 -3.60 14.20 -3.33
CA LYS A 25 -4.14 14.63 -2.05
C LYS A 25 -4.62 13.44 -1.23
N LYS A 26 -3.99 12.29 -1.45
CA LYS A 26 -4.35 11.06 -0.74
C LYS A 26 -3.16 10.12 -0.64
N ASN A 27 -2.83 9.72 0.58
CA ASN A 27 -1.71 8.82 0.82
C ASN A 27 -2.17 7.36 0.81
N VAL A 28 -1.96 6.69 -0.32
CA VAL A 28 -2.35 5.29 -0.46
C VAL A 28 -1.15 4.36 -0.31
N PHE A 29 -1.25 3.41 0.61
CA PHE A 29 -0.17 2.47 0.85
C PHE A 29 -0.48 1.12 0.21
N VAL A 30 0.10 0.87 -0.96
CA VAL A 30 -0.11 -0.38 -1.67
C VAL A 30 0.80 -1.48 -1.14
N GLU A 31 0.45 -2.73 -1.43
CA GLU A 31 1.24 -3.87 -0.99
C GLU A 31 1.27 -4.96 -2.05
N PHE A 32 2.41 -5.08 -2.73
CA PHE A 32 2.57 -6.07 -3.78
C PHE A 32 2.94 -7.43 -3.18
N TYR A 33 1.95 -8.32 -3.12
CA TYR A 33 2.17 -9.65 -2.56
C TYR A 33 2.16 -10.71 -3.68
N ALA A 34 2.53 -11.93 -3.32
CA ALA A 34 2.56 -13.03 -4.27
C ALA A 34 1.79 -14.24 -3.75
N PRO A 35 0.98 -14.86 -4.62
CA PRO A 35 0.18 -16.03 -4.27
C PRO A 35 1.04 -17.27 -4.04
N TRP A 36 2.34 -17.13 -4.27
CA TRP A 36 3.26 -18.25 -4.10
C TRP A 36 4.38 -17.88 -3.11
N CYS A 37 4.40 -16.62 -2.70
CA CYS A 37 5.41 -16.13 -1.77
C CYS A 37 5.02 -16.47 -0.34
N GLY A 38 5.85 -17.26 0.33
CA GLY A 38 5.57 -17.63 1.71
C GLY A 38 5.54 -16.45 2.65
N HIS A 39 6.67 -15.75 2.76
CA HIS A 39 6.76 -14.58 3.63
C HIS A 39 5.49 -13.74 3.54
N CYS A 40 4.88 -13.72 2.35
CA CYS A 40 3.67 -12.95 2.13
C CYS A 40 2.51 -13.49 2.96
N LYS A 41 2.37 -14.82 2.96
CA LYS A 41 1.31 -15.48 3.71
C LYS A 41 1.19 -14.88 5.12
N GLN A 42 2.31 -14.45 5.67
CA GLN A 42 2.33 -13.86 7.00
C GLN A 42 1.86 -12.42 6.97
N LEU A 43 2.09 -11.76 5.83
CA LEU A 43 1.68 -10.36 5.67
C LEU A 43 0.19 -10.25 5.41
N ALA A 44 -0.38 -11.29 4.80
CA ALA A 44 -1.81 -11.31 4.49
C ALA A 44 -2.62 -10.73 5.65
N PRO A 45 -2.44 -11.29 6.85
CA PRO A 45 -3.15 -10.85 8.05
C PRO A 45 -2.68 -9.47 8.52
N ILE A 46 -1.36 -9.32 8.67
CA ILE A 46 -0.80 -8.06 9.12
C ILE A 46 -1.22 -6.91 8.20
N TRP A 47 -1.52 -7.24 6.95
CA TRP A 47 -1.95 -6.24 5.98
C TRP A 47 -3.46 -6.03 6.03
N ASP A 48 -4.18 -7.09 6.38
CA ASP A 48 -5.63 -7.02 6.47
C ASP A 48 -6.07 -6.40 7.78
N LYS A 49 -5.16 -6.40 8.77
CA LYS A 49 -5.46 -5.82 10.08
C LYS A 49 -5.15 -4.34 10.10
N LEU A 50 -4.23 -3.90 9.24
CA LEU A 50 -3.85 -2.50 9.16
C LEU A 50 -4.79 -1.73 8.24
N GLY A 51 -5.27 -2.40 7.20
CA GLY A 51 -6.17 -1.76 6.26
C GLY A 51 -7.47 -1.31 6.92
N GLU A 52 -7.94 -2.08 7.88
CA GLU A 52 -9.17 -1.76 8.58
C GLU A 52 -8.97 -0.54 9.50
N THR A 53 -7.73 -0.33 9.94
CA THR A 53 -7.41 0.77 10.81
C THR A 53 -7.46 2.10 10.06
N TYR A 54 -7.18 2.06 8.76
CA TYR A 54 -7.20 3.26 7.94
C TYR A 54 -8.13 3.08 6.74
N LYS A 55 -9.17 2.27 6.93
CA LYS A 55 -10.15 2.01 5.87
C LYS A 55 -11.08 3.21 5.69
N ASP A 56 -11.34 3.92 6.77
CA ASP A 56 -12.22 5.09 6.74
C ASP A 56 -11.44 6.36 7.03
N HIS A 57 -10.12 6.31 6.81
CA HIS A 57 -9.26 7.46 7.06
C HIS A 57 -9.61 8.61 6.11
N GLU A 58 -8.84 9.68 6.17
CA GLU A 58 -9.06 10.84 5.32
C GLU A 58 -8.08 10.87 4.15
N ASN A 59 -6.79 10.70 4.47
CA ASN A 59 -5.75 10.71 3.45
C ASN A 59 -5.05 9.36 3.38
N ILE A 60 -5.14 8.59 4.47
CA ILE A 60 -4.51 7.27 4.53
C ILE A 60 -5.45 6.19 4.01
N VAL A 61 -5.11 5.64 2.84
CA VAL A 61 -5.92 4.59 2.23
C VAL A 61 -5.09 3.35 1.93
N ILE A 62 -5.31 2.29 2.70
CA ILE A 62 -4.58 1.05 2.52
C ILE A 62 -5.16 0.23 1.35
N ALA A 63 -4.27 -0.34 0.55
CA ALA A 63 -4.69 -1.15 -0.59
C ALA A 63 -3.68 -2.25 -0.88
N LYS A 64 -4.16 -3.33 -1.49
CA LYS A 64 -3.29 -4.46 -1.83
C LYS A 64 -3.46 -4.86 -3.29
N MET A 65 -2.36 -5.29 -3.91
CA MET A 65 -2.38 -5.69 -5.30
C MET A 65 -1.48 -6.91 -5.54
N ASP A 66 -1.88 -7.77 -6.46
CA ASP A 66 -1.12 -8.96 -6.77
C ASP A 66 -0.19 -8.72 -7.95
N SER A 67 1.09 -8.50 -7.67
CA SER A 67 2.09 -8.25 -8.71
C SER A 67 2.18 -9.44 -9.66
N THR A 68 1.86 -10.62 -9.16
CA THR A 68 1.91 -11.83 -9.97
C THR A 68 0.66 -11.98 -10.82
N ALA A 69 -0.43 -11.36 -10.37
CA ALA A 69 -1.69 -11.43 -11.09
C ALA A 69 -1.92 -10.17 -11.92
N ASN A 70 -1.16 -9.12 -11.61
CA ASN A 70 -1.29 -7.85 -12.33
C ASN A 70 0.08 -7.20 -12.49
N GLU A 71 0.32 -6.62 -13.67
CA GLU A 71 1.59 -5.95 -13.96
C GLU A 71 1.35 -4.51 -14.41
N VAL A 72 2.24 -3.62 -13.99
CA VAL A 72 2.13 -2.21 -14.36
C VAL A 72 3.52 -1.59 -14.56
N GLU A 73 3.60 -0.64 -15.48
CA GLU A 73 4.85 0.03 -15.77
C GLU A 73 5.17 1.08 -14.71
N ALA A 74 4.13 1.60 -14.07
CA ALA A 74 4.29 2.62 -13.03
C ALA A 74 5.04 2.05 -11.83
N VAL A 75 5.06 0.72 -11.72
CA VAL A 75 5.74 0.05 -10.62
C VAL A 75 6.19 -1.35 -11.02
N LYS A 76 7.50 -1.55 -11.05
CA LYS A 76 8.07 -2.84 -11.42
C LYS A 76 8.55 -3.60 -10.18
N VAL A 77 7.78 -4.60 -9.77
CA VAL A 77 8.14 -5.40 -8.60
C VAL A 77 8.78 -6.72 -9.01
N HIS A 78 9.99 -6.95 -8.51
CA HIS A 78 10.72 -8.17 -8.82
C HIS A 78 10.88 -9.05 -7.57
N SER A 79 10.60 -8.46 -6.41
CA SER A 79 10.71 -9.18 -5.15
C SER A 79 9.43 -9.08 -4.34
N PHE A 80 9.32 -9.90 -3.30
CA PHE A 80 8.13 -9.90 -2.44
C PHE A 80 8.44 -10.54 -1.09
N PRO A 81 7.70 -10.10 -0.05
CA PRO A 81 6.66 -9.08 -0.19
C PRO A 81 7.24 -7.69 -0.49
N THR A 82 6.54 -6.93 -1.32
CA THR A 82 6.99 -5.59 -1.68
C THR A 82 5.96 -4.54 -1.28
N LEU A 83 6.39 -3.57 -0.47
CA LEU A 83 5.52 -2.51 0.00
C LEU A 83 5.97 -1.16 -0.53
N LYS A 84 5.02 -0.39 -1.07
CA LYS A 84 5.32 0.93 -1.61
C LYS A 84 4.27 1.94 -1.18
N PHE A 85 4.74 3.03 -0.57
CA PHE A 85 3.83 4.08 -0.10
C PHE A 85 3.67 5.16 -1.16
N PHE A 86 2.43 5.44 -1.53
CA PHE A 86 2.12 6.45 -2.54
C PHE A 86 1.69 7.75 -1.88
N PRO A 87 2.59 8.75 -1.87
CA PRO A 87 2.32 10.06 -1.28
C PRO A 87 1.30 10.86 -2.08
N ALA A 88 0.82 11.96 -1.50
CA ALA A 88 -0.16 12.81 -2.16
C ALA A 88 0.50 13.67 -3.23
N SER A 89 1.13 13.02 -4.21
CA SER A 89 1.80 13.73 -5.29
C SER A 89 1.17 13.38 -6.64
N ALA A 90 1.16 14.35 -7.54
CA ALA A 90 0.59 14.15 -8.87
C ALA A 90 1.66 13.75 -9.87
N ASP A 91 2.76 13.21 -9.37
CA ASP A 91 3.87 12.78 -10.22
C ASP A 91 4.13 11.29 -10.04
N ARG A 92 3.06 10.50 -10.00
CA ARG A 92 3.18 9.06 -9.83
C ARG A 92 4.35 8.71 -8.93
N THR A 93 4.58 9.54 -7.91
CA THR A 93 5.67 9.33 -6.97
C THR A 93 5.41 8.09 -6.11
N VAL A 94 6.47 7.35 -5.81
CA VAL A 94 6.36 6.15 -4.99
C VAL A 94 7.49 6.07 -3.97
N ILE A 95 7.13 5.72 -2.74
CA ILE A 95 8.11 5.62 -1.67
C ILE A 95 8.35 4.16 -1.27
N ASP A 96 9.60 3.79 -1.05
CA ASP A 96 9.95 2.43 -0.67
C ASP A 96 9.87 2.26 0.85
N TYR A 97 9.19 1.20 1.27
CA TYR A 97 9.03 0.92 2.69
C TYR A 97 10.09 -0.07 3.18
N ASN A 98 11.01 0.42 4.00
CA ASN A 98 12.09 -0.40 4.53
C ASN A 98 12.15 -0.30 6.05
N GLY A 99 11.15 -0.83 6.73
CA GLY A 99 11.12 -0.78 8.18
C GLY A 99 10.86 -2.14 8.80
N GLU A 100 10.23 -2.13 9.97
CA GLU A 100 9.92 -3.38 10.67
C GLU A 100 8.97 -4.24 9.86
N ARG A 101 8.12 -3.59 9.06
CA ARG A 101 7.15 -4.30 8.24
C ARG A 101 6.11 -5.01 9.10
N THR A 102 5.64 -4.32 10.14
CA THR A 102 4.64 -4.88 11.03
C THR A 102 3.40 -4.00 11.09
N LEU A 103 2.33 -4.54 11.66
CA LEU A 103 1.07 -3.81 11.79
C LEU A 103 1.28 -2.48 12.50
N ASP A 104 1.92 -2.53 13.66
CA ASP A 104 2.20 -1.33 14.43
C ASP A 104 3.25 -0.46 13.75
N GLY A 105 4.16 -1.11 13.04
CA GLY A 105 5.21 -0.39 12.35
C GLY A 105 4.68 0.46 11.21
N PHE A 106 3.72 -0.09 10.47
CA PHE A 106 3.13 0.62 9.34
C PHE A 106 2.45 1.91 9.80
N LYS A 107 1.72 1.82 10.90
CA LYS A 107 1.02 2.98 11.45
C LYS A 107 1.98 4.15 11.65
N LYS A 108 3.15 3.85 12.21
CA LYS A 108 4.15 4.88 12.45
C LYS A 108 4.61 5.52 11.13
N PHE A 109 4.77 4.68 10.11
CA PHE A 109 5.21 5.16 8.80
C PHE A 109 4.15 6.06 8.17
N LEU A 110 2.89 5.63 8.27
CA LEU A 110 1.78 6.38 7.70
C LEU A 110 1.53 7.66 8.50
N GLU A 111 1.21 7.50 9.78
CA GLU A 111 0.96 8.64 10.66
C GLU A 111 1.96 9.76 10.41
N SER A 112 3.21 9.38 10.17
CA SER A 112 4.27 10.36 9.92
C SER A 112 4.05 11.06 8.60
N GLY A 113 3.65 10.30 7.58
CA GLY A 113 3.41 10.87 6.27
C GLY A 113 4.38 10.35 5.23
N GLY A 114 4.71 9.06 5.32
CA GLY A 114 5.63 8.45 4.38
C GLY A 114 7.04 8.97 4.53
N GLN A 115 7.49 9.11 5.78
CA GLN A 115 8.84 9.61 6.06
C GLN A 115 9.82 8.45 6.14
N SER A 116 10.85 8.48 5.30
CA SER A 116 11.86 7.44 5.28
C SER A 116 13.19 7.96 5.81
N GLY A 117 14.07 7.04 6.19
CA GLY A 117 15.37 7.43 6.71
C GLY A 117 16.52 6.93 5.85
N PRO A 118 17.54 7.78 5.67
CA PRO A 118 18.72 7.44 4.87
C PRO A 118 19.59 6.38 5.53
N SER A 119 20.54 5.84 4.78
CA SER A 119 21.43 4.81 5.29
C SER A 119 22.78 5.41 5.67
N SER A 120 23.43 4.83 6.68
CA SER A 120 24.73 5.30 7.14
C SER A 120 25.79 4.24 6.93
N GLY A 121 27.06 4.67 6.94
CA GLY A 121 28.15 3.76 6.74
C GLY A 121 29.34 4.06 7.65
N GLY A 1 -24.15 9.11 -3.31
CA GLY A 1 -23.43 8.88 -4.55
C GLY A 1 -22.10 8.18 -4.33
N SER A 2 -22.15 6.95 -3.84
CA SER A 2 -20.94 6.17 -3.57
C SER A 2 -21.21 4.67 -3.71
N SER A 3 -20.31 3.98 -4.39
CA SER A 3 -20.45 2.55 -4.60
C SER A 3 -20.57 1.81 -3.27
N GLY A 4 -19.75 2.22 -2.31
CA GLY A 4 -19.78 1.60 -0.99
C GLY A 4 -18.62 0.63 -0.80
N SER A 5 -17.57 1.10 -0.13
CA SER A 5 -16.40 0.27 0.12
C SER A 5 -16.72 -0.81 1.16
N SER A 6 -16.70 -2.07 0.71
CA SER A 6 -16.98 -3.19 1.60
C SER A 6 -15.74 -4.05 1.79
N GLY A 7 -14.90 -3.66 2.75
CA GLY A 7 -13.68 -4.41 3.02
C GLY A 7 -12.67 -3.60 3.81
N PRO A 8 -11.78 -4.29 4.54
CA PRO A 8 -10.74 -3.65 5.34
C PRO A 8 -9.66 -3.00 4.48
N VAL A 9 -9.15 -3.75 3.52
CA VAL A 9 -8.11 -3.24 2.62
C VAL A 9 -8.57 -3.28 1.17
N LYS A 10 -8.44 -2.15 0.48
CA LYS A 10 -8.84 -2.05 -0.92
C LYS A 10 -7.98 -2.96 -1.79
N VAL A 11 -8.59 -3.55 -2.81
CA VAL A 11 -7.89 -4.43 -3.73
C VAL A 11 -7.67 -3.77 -5.08
N LEU A 12 -6.43 -3.38 -5.35
CA LEU A 12 -6.09 -2.73 -6.62
C LEU A 12 -5.83 -3.77 -7.70
N VAL A 13 -6.12 -3.40 -8.95
CA VAL A 13 -5.91 -4.30 -10.08
C VAL A 13 -5.08 -3.62 -11.16
N GLY A 14 -4.53 -4.43 -12.07
CA GLY A 14 -3.72 -3.89 -13.15
C GLY A 14 -4.53 -3.08 -14.14
N LYS A 15 -5.83 -3.00 -13.90
CA LYS A 15 -6.73 -2.26 -14.78
C LYS A 15 -6.92 -0.83 -14.28
N ASN A 16 -7.16 -0.70 -12.98
CA ASN A 16 -7.36 0.61 -12.37
C ASN A 16 -6.44 0.80 -11.16
N PHE A 17 -5.29 0.15 -11.21
CA PHE A 17 -4.32 0.24 -10.11
C PHE A 17 -3.94 1.70 -9.85
N GLU A 18 -3.37 2.35 -10.86
CA GLU A 18 -2.95 3.74 -10.73
C GLU A 18 -4.16 4.64 -10.52
N ASP A 19 -5.28 4.27 -11.12
CA ASP A 19 -6.52 5.06 -11.00
C ASP A 19 -6.88 5.26 -9.53
N VAL A 20 -6.73 4.20 -8.74
CA VAL A 20 -7.05 4.26 -7.32
C VAL A 20 -5.80 4.50 -6.48
N ALA A 21 -4.81 3.64 -6.64
CA ALA A 21 -3.56 3.76 -5.90
C ALA A 21 -3.00 5.18 -6.00
N PHE A 22 -2.74 5.63 -7.22
CA PHE A 22 -2.22 6.97 -7.46
C PHE A 22 -3.33 8.01 -7.42
N ASP A 23 -3.66 8.45 -6.20
CA ASP A 23 -4.71 9.45 -6.02
C ASP A 23 -4.15 10.71 -5.35
N GLU A 24 -4.44 11.86 -5.96
CA GLU A 24 -3.97 13.13 -5.41
C GLU A 24 -4.66 13.45 -4.09
N LYS A 25 -3.95 14.18 -3.23
CA LYS A 25 -4.50 14.56 -1.93
C LYS A 25 -4.95 13.33 -1.15
N LYS A 26 -4.26 12.22 -1.37
CA LYS A 26 -4.58 10.96 -0.67
C LYS A 26 -3.35 10.06 -0.58
N ASN A 27 -2.98 9.70 0.64
CA ASN A 27 -1.83 8.84 0.86
C ASN A 27 -2.23 7.38 0.86
N VAL A 28 -2.04 6.71 -0.28
CA VAL A 28 -2.39 5.31 -0.41
C VAL A 28 -1.15 4.42 -0.26
N PHE A 29 -1.27 3.39 0.58
CA PHE A 29 -0.17 2.47 0.82
C PHE A 29 -0.45 1.11 0.20
N VAL A 30 0.11 0.87 -0.98
CA VAL A 30 -0.08 -0.39 -1.67
C VAL A 30 0.89 -1.46 -1.16
N GLU A 31 0.49 -2.72 -1.30
CA GLU A 31 1.32 -3.84 -0.85
C GLU A 31 1.38 -4.93 -1.90
N PHE A 32 2.47 -4.98 -2.64
CA PHE A 32 2.65 -5.98 -3.68
C PHE A 32 3.06 -7.33 -3.09
N TYR A 33 2.08 -8.22 -2.94
CA TYR A 33 2.33 -9.55 -2.36
C TYR A 33 2.33 -10.60 -3.45
N ALA A 34 2.68 -11.83 -3.07
CA ALA A 34 2.71 -12.95 -4.01
C ALA A 34 1.92 -14.14 -3.50
N PRO A 35 1.10 -14.73 -4.39
CA PRO A 35 0.27 -15.89 -4.05
C PRO A 35 1.10 -17.15 -3.80
N TRP A 36 2.40 -17.05 -4.05
CA TRP A 36 3.29 -18.19 -3.86
C TRP A 36 4.41 -17.84 -2.88
N CYS A 37 4.51 -16.55 -2.54
CA CYS A 37 5.54 -16.09 -1.61
C CYS A 37 5.17 -16.46 -0.17
N GLY A 38 5.97 -17.34 0.43
CA GLY A 38 5.72 -17.76 1.79
C GLY A 38 5.57 -16.58 2.74
N HIS A 39 6.43 -15.59 2.59
CA HIS A 39 6.40 -14.40 3.44
C HIS A 39 5.04 -13.72 3.37
N CYS A 40 4.47 -13.67 2.16
CA CYS A 40 3.17 -13.03 1.96
C CYS A 40 2.11 -13.69 2.84
N LYS A 41 2.06 -15.01 2.82
CA LYS A 41 1.09 -15.76 3.61
C LYS A 41 1.03 -15.23 5.04
N GLN A 42 2.14 -14.64 5.49
CA GLN A 42 2.21 -14.08 6.85
C GLN A 42 1.78 -12.62 6.85
N LEU A 43 1.95 -11.94 5.72
CA LEU A 43 1.57 -10.54 5.60
C LEU A 43 0.09 -10.40 5.31
N ALA A 44 -0.53 -11.48 4.86
CA ALA A 44 -1.95 -11.49 4.55
C ALA A 44 -2.77 -10.94 5.72
N PRO A 45 -2.57 -11.54 6.90
CA PRO A 45 -3.29 -11.13 8.12
C PRO A 45 -2.84 -9.76 8.63
N ILE A 46 -1.53 -9.58 8.72
CA ILE A 46 -0.98 -8.32 9.19
C ILE A 46 -1.45 -7.15 8.31
N TRP A 47 -1.50 -7.38 7.01
CA TRP A 47 -1.93 -6.35 6.08
C TRP A 47 -3.43 -6.09 6.20
N ASP A 48 -4.19 -7.17 6.40
CA ASP A 48 -5.64 -7.06 6.55
C ASP A 48 -6.01 -6.38 7.86
N LYS A 49 -5.15 -6.52 8.87
CA LYS A 49 -5.38 -5.93 10.18
C LYS A 49 -5.05 -4.44 10.16
N LEU A 50 -4.18 -4.05 9.24
CA LEU A 50 -3.77 -2.65 9.13
C LEU A 50 -4.71 -1.89 8.19
N GLY A 51 -5.20 -2.57 7.16
CA GLY A 51 -6.10 -1.94 6.22
C GLY A 51 -7.39 -1.49 6.87
N GLU A 52 -7.94 -2.31 7.76
CA GLU A 52 -9.18 -1.99 8.45
C GLU A 52 -8.99 -0.77 9.34
N THR A 53 -7.75 -0.55 9.79
CA THR A 53 -7.44 0.59 10.65
C THR A 53 -7.57 1.90 9.90
N TYR A 54 -7.22 1.89 8.62
CA TYR A 54 -7.30 3.08 7.78
C TYR A 54 -8.27 2.88 6.63
N LYS A 55 -9.32 2.12 6.88
CA LYS A 55 -10.34 1.84 5.87
C LYS A 55 -11.27 3.04 5.69
N ASP A 56 -11.51 3.76 6.78
CA ASP A 56 -12.38 4.93 6.75
C ASP A 56 -11.59 6.21 7.06
N HIS A 57 -10.28 6.17 6.82
CA HIS A 57 -9.42 7.31 7.08
C HIS A 57 -9.80 8.49 6.18
N GLU A 58 -9.02 9.56 6.26
CA GLU A 58 -9.27 10.75 5.46
C GLU A 58 -8.28 10.85 4.31
N ASN A 59 -7.01 10.57 4.60
CA ASN A 59 -5.96 10.63 3.59
C ASN A 59 -5.24 9.29 3.47
N ILE A 60 -5.21 8.54 4.57
CA ILE A 60 -4.55 7.24 4.60
C ILE A 60 -5.47 6.15 4.08
N VAL A 61 -5.14 5.59 2.92
CA VAL A 61 -5.94 4.53 2.32
C VAL A 61 -5.08 3.31 2.00
N ILE A 62 -5.31 2.23 2.75
CA ILE A 62 -4.57 1.00 2.56
C ILE A 62 -5.11 0.20 1.37
N ALA A 63 -4.22 -0.40 0.61
CA ALA A 63 -4.61 -1.19 -0.55
C ALA A 63 -3.60 -2.31 -0.83
N LYS A 64 -4.08 -3.40 -1.39
CA LYS A 64 -3.22 -4.54 -1.71
C LYS A 64 -3.36 -4.94 -3.18
N MET A 65 -2.24 -5.31 -3.80
CA MET A 65 -2.24 -5.70 -5.19
C MET A 65 -1.32 -6.91 -5.42
N ASP A 66 -1.69 -7.77 -6.36
CA ASP A 66 -0.90 -8.95 -6.66
C ASP A 66 0.01 -8.70 -7.85
N SER A 67 1.30 -8.53 -7.57
CA SER A 67 2.29 -8.28 -8.61
C SER A 67 2.43 -9.49 -9.53
N THR A 68 2.12 -10.66 -9.00
CA THR A 68 2.21 -11.90 -9.77
C THR A 68 0.97 -12.10 -10.65
N ALA A 69 -0.09 -11.35 -10.35
CA ALA A 69 -1.32 -11.44 -11.11
C ALA A 69 -1.60 -10.15 -11.87
N ASN A 70 -0.89 -9.09 -11.49
CA ASN A 70 -1.06 -7.79 -12.13
C ASN A 70 0.28 -7.06 -12.26
N GLU A 71 0.61 -6.67 -13.47
CA GLU A 71 1.87 -5.96 -13.74
C GLU A 71 1.61 -4.56 -14.25
N VAL A 72 2.26 -3.57 -13.63
CA VAL A 72 2.10 -2.18 -14.03
C VAL A 72 3.46 -1.50 -14.22
N GLU A 73 3.54 -0.65 -15.23
CA GLU A 73 4.78 0.06 -15.52
C GLU A 73 5.07 1.12 -14.45
N ALA A 74 4.00 1.69 -13.90
CA ALA A 74 4.14 2.71 -12.87
C ALA A 74 4.94 2.18 -11.67
N VAL A 75 4.95 0.86 -11.52
CA VAL A 75 5.68 0.23 -10.43
C VAL A 75 6.12 -1.18 -10.80
N LYS A 76 7.42 -1.35 -11.04
CA LYS A 76 7.97 -2.64 -11.40
C LYS A 76 8.55 -3.35 -10.18
N VAL A 77 7.87 -4.42 -9.75
CA VAL A 77 8.31 -5.18 -8.59
C VAL A 77 8.98 -6.49 -9.02
N HIS A 78 10.11 -6.80 -8.40
CA HIS A 78 10.84 -8.02 -8.71
C HIS A 78 10.93 -8.94 -7.50
N SER A 79 10.76 -8.35 -6.31
CA SER A 79 10.81 -9.12 -5.07
C SER A 79 9.49 -9.03 -4.31
N PHE A 80 9.34 -9.86 -3.29
CA PHE A 80 8.13 -9.88 -2.49
C PHE A 80 8.37 -10.57 -1.16
N PRO A 81 7.61 -10.17 -0.13
CA PRO A 81 6.59 -9.11 -0.27
C PRO A 81 7.21 -7.74 -0.49
N THR A 82 6.51 -6.89 -1.23
CA THR A 82 6.98 -5.54 -1.51
C THR A 82 5.95 -4.49 -1.13
N LEU A 83 6.40 -3.42 -0.51
CA LEU A 83 5.51 -2.34 -0.09
C LEU A 83 5.96 -1.00 -0.67
N LYS A 84 4.99 -0.18 -1.08
CA LYS A 84 5.28 1.12 -1.65
C LYS A 84 4.26 2.16 -1.19
N PHE A 85 4.75 3.25 -0.60
CA PHE A 85 3.88 4.32 -0.11
C PHE A 85 3.69 5.39 -1.19
N PHE A 86 2.44 5.65 -1.54
CA PHE A 86 2.12 6.66 -2.55
C PHE A 86 1.63 7.94 -1.90
N PRO A 87 2.53 8.95 -1.83
CA PRO A 87 2.20 10.25 -1.23
C PRO A 87 1.22 11.05 -2.07
N ALA A 88 0.47 11.92 -1.42
CA ALA A 88 -0.52 12.75 -2.12
C ALA A 88 0.17 13.68 -3.13
N SER A 89 0.49 13.12 -4.29
CA SER A 89 1.15 13.89 -5.35
C SER A 89 0.55 13.55 -6.72
N ALA A 90 0.52 14.53 -7.60
CA ALA A 90 -0.01 14.35 -8.95
C ALA A 90 1.10 14.04 -9.94
N ASP A 91 2.20 13.49 -9.44
CA ASP A 91 3.34 13.15 -10.29
C ASP A 91 3.73 11.69 -10.12
N ARG A 92 2.72 10.82 -10.01
CA ARG A 92 2.95 9.39 -9.84
C ARG A 92 4.20 9.14 -9.00
N THR A 93 4.22 9.73 -7.81
CA THR A 93 5.36 9.57 -6.90
C THR A 93 5.23 8.29 -6.07
N VAL A 94 6.34 7.59 -5.90
CA VAL A 94 6.34 6.36 -5.13
C VAL A 94 7.49 6.34 -4.11
N ILE A 95 7.19 5.88 -2.90
CA ILE A 95 8.20 5.83 -1.84
C ILE A 95 8.42 4.38 -1.40
N ASP A 96 9.67 4.06 -1.10
CA ASP A 96 10.03 2.71 -0.65
C ASP A 96 9.88 2.59 0.87
N TYR A 97 9.10 1.61 1.30
CA TYR A 97 8.87 1.39 2.72
C TYR A 97 10.02 0.61 3.34
N ASN A 98 10.78 1.26 4.20
CA ASN A 98 11.91 0.63 4.87
C ASN A 98 11.72 0.62 6.38
N GLY A 99 10.56 0.13 6.82
CA GLY A 99 10.27 0.08 8.24
C GLY A 99 10.47 -1.32 8.82
N GLU A 100 9.61 -1.70 9.75
CA GLU A 100 9.71 -3.01 10.39
C GLU A 100 8.76 -4.01 9.73
N ARG A 101 7.94 -3.51 8.80
CA ARG A 101 6.98 -4.35 8.10
C ARG A 101 6.03 -5.03 9.08
N THR A 102 5.56 -4.26 10.06
CA THR A 102 4.63 -4.78 11.06
C THR A 102 3.36 -3.95 11.13
N LEU A 103 2.34 -4.50 11.77
CA LEU A 103 1.06 -3.81 11.89
C LEU A 103 1.24 -2.45 12.57
N ASP A 104 1.92 -2.45 13.70
CA ASP A 104 2.17 -1.21 14.45
C ASP A 104 3.23 -0.36 13.76
N GLY A 105 4.13 -1.03 13.05
CA GLY A 105 5.19 -0.32 12.35
C GLY A 105 4.67 0.48 11.17
N PHE A 106 3.66 -0.05 10.50
CA PHE A 106 3.07 0.62 9.34
C PHE A 106 2.45 1.95 9.74
N LYS A 107 1.70 1.94 10.84
CA LYS A 107 1.05 3.16 11.33
C LYS A 107 2.07 4.27 11.56
N LYS A 108 3.24 3.89 12.08
CA LYS A 108 4.30 4.85 12.33
C LYS A 108 4.73 5.56 11.05
N PHE A 109 4.96 4.77 10.00
CA PHE A 109 5.37 5.31 8.72
C PHE A 109 4.27 6.17 8.10
N LEU A 110 3.04 5.67 8.18
CA LEU A 110 1.89 6.38 7.64
C LEU A 110 1.65 7.68 8.39
N GLU A 111 1.33 7.56 9.68
CA GLU A 111 1.07 8.73 10.51
C GLU A 111 2.02 9.87 10.16
N SER A 112 3.27 9.53 9.88
CA SER A 112 4.27 10.52 9.54
C SER A 112 3.95 11.18 8.20
N GLY A 113 3.56 10.38 7.22
CA GLY A 113 3.22 10.90 5.91
C GLY A 113 4.21 10.46 4.85
N GLY A 114 4.78 9.28 5.02
CA GLY A 114 5.73 8.76 4.05
C GLY A 114 7.11 9.37 4.23
N GLN A 115 7.60 9.39 5.47
CA GLN A 115 8.90 9.94 5.76
C GLN A 115 9.96 8.85 5.85
N SER A 116 10.67 8.63 4.76
CA SER A 116 11.71 7.60 4.71
C SER A 116 13.09 8.23 4.71
N GLY A 117 13.98 7.69 5.55
CA GLY A 117 15.33 8.22 5.65
C GLY A 117 16.11 8.05 4.35
N PRO A 118 17.22 8.79 4.22
CA PRO A 118 18.07 8.74 3.03
C PRO A 118 18.82 7.41 2.90
N SER A 119 18.29 6.51 2.09
CA SER A 119 18.90 5.21 1.89
C SER A 119 19.21 4.98 0.41
N SER A 120 20.20 4.11 0.15
CA SER A 120 20.60 3.81 -1.22
C SER A 120 21.28 2.46 -1.30
N GLY A 121 21.19 1.81 -2.45
CA GLY A 121 21.82 0.51 -2.64
C GLY A 121 20.93 -0.46 -3.40
N GLY A 1 -14.21 11.34 -7.80
CA GLY A 1 -13.40 10.32 -7.17
C GLY A 1 -14.23 9.14 -6.68
N SER A 2 -13.75 7.93 -6.96
CA SER A 2 -14.44 6.72 -6.56
C SER A 2 -14.37 6.53 -5.05
N SER A 3 -15.52 6.27 -4.43
CA SER A 3 -15.58 6.08 -2.99
C SER A 3 -16.44 4.87 -2.63
N GLY A 4 -15.97 4.07 -1.68
CA GLY A 4 -16.71 2.88 -1.28
C GLY A 4 -15.82 1.68 -1.10
N SER A 5 -14.98 1.71 -0.07
CA SER A 5 -14.06 0.62 0.21
C SER A 5 -14.76 -0.50 0.98
N SER A 6 -15.29 -1.47 0.24
CA SER A 6 -15.99 -2.60 0.85
C SER A 6 -15.02 -3.57 1.49
N GLY A 7 -14.65 -3.30 2.74
CA GLY A 7 -13.72 -4.16 3.45
C GLY A 7 -12.64 -3.38 4.17
N PRO A 8 -11.73 -4.09 4.85
CA PRO A 8 -10.64 -3.48 5.61
C PRO A 8 -9.60 -2.86 4.68
N VAL A 9 -9.15 -3.63 3.69
CA VAL A 9 -8.14 -3.15 2.74
C VAL A 9 -8.67 -3.21 1.31
N LYS A 10 -8.46 -2.14 0.57
CA LYS A 10 -8.90 -2.07 -0.82
C LYS A 10 -8.09 -3.01 -1.71
N VAL A 11 -8.71 -3.47 -2.79
CA VAL A 11 -8.04 -4.38 -3.72
C VAL A 11 -7.80 -3.71 -5.06
N LEU A 12 -6.54 -3.42 -5.35
CA LEU A 12 -6.17 -2.77 -6.61
C LEU A 12 -5.90 -3.82 -7.70
N VAL A 13 -6.22 -3.46 -8.94
CA VAL A 13 -6.00 -4.35 -10.07
C VAL A 13 -5.19 -3.68 -11.17
N GLY A 14 -4.65 -4.48 -12.08
CA GLY A 14 -3.86 -3.94 -13.17
C GLY A 14 -4.68 -3.09 -14.12
N LYS A 15 -6.00 -3.16 -13.97
CA LYS A 15 -6.91 -2.39 -14.82
C LYS A 15 -7.03 -0.95 -14.33
N ASN A 16 -7.25 -0.80 -13.03
CA ASN A 16 -7.39 0.52 -12.42
C ASN A 16 -6.50 0.66 -11.18
N PHE A 17 -5.30 0.10 -11.26
CA PHE A 17 -4.36 0.15 -10.15
C PHE A 17 -3.95 1.59 -9.86
N GLU A 18 -3.24 2.21 -10.81
CA GLU A 18 -2.79 3.58 -10.64
C GLU A 18 -3.96 4.51 -10.35
N ASP A 19 -5.04 4.35 -11.10
CA ASP A 19 -6.23 5.18 -10.91
C ASP A 19 -6.65 5.21 -9.44
N VAL A 20 -6.49 4.08 -8.76
CA VAL A 20 -6.85 3.99 -7.35
C VAL A 20 -5.62 4.10 -6.47
N ALA A 21 -4.44 3.93 -7.07
CA ALA A 21 -3.18 4.01 -6.34
C ALA A 21 -2.63 5.43 -6.36
N PHE A 22 -2.28 5.90 -7.55
CA PHE A 22 -1.74 7.25 -7.71
C PHE A 22 -2.85 8.29 -7.70
N ASP A 23 -3.31 8.64 -6.49
CA ASP A 23 -4.36 9.63 -6.34
C ASP A 23 -3.84 10.91 -5.67
N GLU A 24 -4.53 12.02 -5.89
CA GLU A 24 -4.13 13.30 -5.32
C GLU A 24 -4.77 13.50 -3.95
N LYS A 25 -4.12 14.30 -3.11
CA LYS A 25 -4.62 14.58 -1.78
C LYS A 25 -5.08 13.31 -1.09
N LYS A 26 -4.36 12.22 -1.31
CA LYS A 26 -4.69 10.93 -0.70
C LYS A 26 -3.44 10.05 -0.59
N ASN A 27 -3.09 9.70 0.63
CA ASN A 27 -1.92 8.86 0.88
C ASN A 27 -2.30 7.38 0.87
N VAL A 28 -2.16 6.74 -0.29
CA VAL A 28 -2.49 5.32 -0.42
C VAL A 28 -1.25 4.46 -0.28
N PHE A 29 -1.35 3.43 0.56
CA PHE A 29 -0.25 2.52 0.79
C PHE A 29 -0.53 1.14 0.19
N VAL A 30 0.04 0.89 -0.98
CA VAL A 30 -0.15 -0.39 -1.66
C VAL A 30 0.80 -1.45 -1.11
N GLU A 31 0.40 -2.72 -1.25
CA GLU A 31 1.22 -3.83 -0.78
C GLU A 31 1.30 -4.93 -1.82
N PHE A 32 2.44 -5.02 -2.50
CA PHE A 32 2.63 -6.03 -3.53
C PHE A 32 2.99 -7.38 -2.90
N TYR A 33 1.99 -8.24 -2.77
CA TYR A 33 2.20 -9.55 -2.18
C TYR A 33 2.12 -10.65 -3.25
N ALA A 34 2.36 -11.88 -2.84
CA ALA A 34 2.32 -13.02 -3.75
C ALA A 34 1.43 -14.13 -3.22
N PRO A 35 0.62 -14.72 -4.10
CA PRO A 35 -0.30 -15.81 -3.73
C PRO A 35 0.44 -17.09 -3.40
N TRP A 36 1.76 -17.09 -3.59
CA TRP A 36 2.58 -18.27 -3.31
C TRP A 36 3.67 -17.93 -2.31
N CYS A 37 4.29 -16.77 -2.48
CA CYS A 37 5.37 -16.34 -1.59
C CYS A 37 5.03 -16.67 -0.13
N GLY A 38 5.93 -17.40 0.51
CA GLY A 38 5.71 -17.78 1.90
C GLY A 38 5.65 -16.58 2.83
N HIS A 39 6.67 -15.72 2.75
CA HIS A 39 6.73 -14.54 3.59
C HIS A 39 5.47 -13.70 3.43
N CYS A 40 4.94 -13.64 2.22
CA CYS A 40 3.74 -12.88 1.94
C CYS A 40 2.53 -13.48 2.66
N LYS A 41 2.42 -14.79 2.63
CA LYS A 41 1.31 -15.49 3.27
C LYS A 41 1.15 -15.01 4.71
N GLN A 42 2.24 -14.52 5.30
CA GLN A 42 2.21 -14.03 6.67
C GLN A 42 1.76 -12.58 6.72
N LEU A 43 1.96 -11.86 5.62
CA LEU A 43 1.57 -10.45 5.55
C LEU A 43 0.08 -10.31 5.24
N ALA A 44 -0.52 -11.39 4.75
CA ALA A 44 -1.94 -11.39 4.41
C ALA A 44 -2.77 -10.86 5.58
N PRO A 45 -2.58 -11.48 6.76
CA PRO A 45 -3.32 -11.09 7.97
C PRO A 45 -2.88 -9.72 8.50
N ILE A 46 -1.57 -9.55 8.65
CA ILE A 46 -1.02 -8.29 9.15
C ILE A 46 -1.48 -7.11 8.30
N TRP A 47 -1.55 -7.34 6.99
CA TRP A 47 -1.98 -6.30 6.06
C TRP A 47 -3.48 -6.04 6.18
N ASP A 48 -4.25 -7.11 6.43
CA ASP A 48 -5.69 -7.00 6.58
C ASP A 48 -6.05 -6.33 7.90
N LYS A 49 -5.18 -6.46 8.88
CA LYS A 49 -5.41 -5.86 10.20
C LYS A 49 -5.10 -4.37 10.18
N LEU A 50 -4.19 -3.97 9.30
CA LEU A 50 -3.81 -2.57 9.18
C LEU A 50 -4.77 -1.81 8.28
N GLY A 51 -5.23 -2.48 7.22
CA GLY A 51 -6.17 -1.84 6.30
C GLY A 51 -7.44 -1.39 6.98
N GLU A 52 -7.97 -2.24 7.86
CA GLU A 52 -9.21 -1.92 8.58
C GLU A 52 -9.01 -0.70 9.46
N THR A 53 -7.77 -0.47 9.91
CA THR A 53 -7.47 0.66 10.76
C THR A 53 -7.61 1.98 10.00
N TYR A 54 -7.19 1.99 8.74
CA TYR A 54 -7.29 3.18 7.91
C TYR A 54 -8.27 2.97 6.77
N LYS A 55 -9.31 2.18 7.03
CA LYS A 55 -10.33 1.90 6.02
C LYS A 55 -11.27 3.08 5.86
N ASP A 56 -11.50 3.81 6.96
CA ASP A 56 -12.39 4.97 6.94
C ASP A 56 -11.60 6.24 7.24
N HIS A 57 -10.31 6.22 6.98
CA HIS A 57 -9.45 7.38 7.23
C HIS A 57 -9.85 8.54 6.34
N GLU A 58 -9.08 9.63 6.41
CA GLU A 58 -9.37 10.82 5.62
C GLU A 58 -8.42 10.90 4.42
N ASN A 59 -7.14 10.66 4.66
CA ASN A 59 -6.14 10.71 3.61
C ASN A 59 -5.42 9.38 3.48
N ILE A 60 -5.37 8.63 4.57
CA ILE A 60 -4.70 7.33 4.57
C ILE A 60 -5.64 6.24 4.05
N VAL A 61 -5.26 5.63 2.94
CA VAL A 61 -6.06 4.57 2.33
C VAL A 61 -5.21 3.36 2.00
N ILE A 62 -5.39 2.28 2.77
CA ILE A 62 -4.64 1.05 2.55
C ILE A 62 -5.20 0.25 1.39
N ALA A 63 -4.31 -0.36 0.62
CA ALA A 63 -4.71 -1.16 -0.54
C ALA A 63 -3.72 -2.28 -0.81
N LYS A 64 -4.21 -3.38 -1.38
CA LYS A 64 -3.35 -4.52 -1.69
C LYS A 64 -3.49 -4.91 -3.16
N MET A 65 -2.39 -5.32 -3.77
CA MET A 65 -2.39 -5.74 -5.17
C MET A 65 -1.46 -6.92 -5.39
N ASP A 66 -1.90 -7.87 -6.20
CA ASP A 66 -1.11 -9.06 -6.49
C ASP A 66 -0.17 -8.81 -7.67
N SER A 67 1.10 -8.60 -7.37
CA SER A 67 2.10 -8.33 -8.40
C SER A 67 2.28 -9.55 -9.30
N THR A 68 2.08 -10.74 -8.72
CA THR A 68 2.23 -11.99 -9.47
C THR A 68 1.02 -12.23 -10.36
N ALA A 69 -0.06 -11.51 -10.09
CA ALA A 69 -1.29 -11.64 -10.88
C ALA A 69 -1.58 -10.37 -11.66
N ASN A 70 -0.90 -9.30 -11.31
CA ASN A 70 -1.09 -8.02 -11.98
C ASN A 70 0.25 -7.30 -12.19
N GLU A 71 0.50 -6.86 -13.42
CA GLU A 71 1.74 -6.16 -13.74
C GLU A 71 1.46 -4.75 -14.23
N VAL A 72 2.30 -3.81 -13.82
CA VAL A 72 2.15 -2.41 -14.21
C VAL A 72 3.50 -1.73 -14.39
N GLU A 73 3.58 -0.87 -15.39
CA GLU A 73 4.82 -0.16 -15.68
C GLU A 73 5.06 0.95 -14.66
N ALA A 74 3.98 1.43 -14.04
CA ALA A 74 4.07 2.48 -13.04
C ALA A 74 4.81 2.00 -11.80
N VAL A 75 4.96 0.68 -11.68
CA VAL A 75 5.65 0.09 -10.54
C VAL A 75 6.24 -1.27 -10.89
N LYS A 76 7.56 -1.37 -10.84
CA LYS A 76 8.25 -2.62 -11.16
C LYS A 76 8.68 -3.34 -9.88
N VAL A 77 8.06 -4.48 -9.61
CA VAL A 77 8.38 -5.27 -8.42
C VAL A 77 9.15 -6.53 -8.80
N HIS A 78 10.33 -6.70 -8.21
CA HIS A 78 11.16 -7.87 -8.48
C HIS A 78 11.38 -8.67 -7.21
N SER A 79 10.49 -8.52 -6.24
CA SER A 79 10.59 -9.22 -4.97
C SER A 79 9.31 -9.10 -4.17
N PHE A 80 9.16 -9.92 -3.14
CA PHE A 80 7.98 -9.91 -2.29
C PHE A 80 8.26 -10.59 -0.95
N PRO A 81 7.53 -10.15 0.09
CA PRO A 81 6.52 -9.09 -0.04
C PRO A 81 7.15 -7.72 -0.29
N THR A 82 6.50 -6.93 -1.15
CA THR A 82 6.99 -5.61 -1.48
C THR A 82 5.96 -4.54 -1.15
N LEU A 83 6.36 -3.55 -0.36
CA LEU A 83 5.46 -2.46 0.03
C LEU A 83 5.92 -1.14 -0.57
N LYS A 84 4.97 -0.35 -1.04
CA LYS A 84 5.27 0.95 -1.64
C LYS A 84 4.25 1.99 -1.20
N PHE A 85 4.75 3.10 -0.65
CA PHE A 85 3.88 4.18 -0.19
C PHE A 85 3.70 5.23 -1.28
N PHE A 86 2.43 5.54 -1.58
CA PHE A 86 2.12 6.53 -2.60
C PHE A 86 1.63 7.84 -1.98
N PRO A 87 2.48 8.87 -2.05
CA PRO A 87 2.16 10.20 -1.49
C PRO A 87 1.06 10.91 -2.28
N ALA A 88 0.42 11.88 -1.64
CA ALA A 88 -0.65 12.63 -2.28
C ALA A 88 -0.09 13.63 -3.29
N SER A 89 0.24 13.14 -4.48
CA SER A 89 0.80 13.99 -5.53
C SER A 89 0.12 13.71 -6.86
N ALA A 90 0.13 14.70 -7.74
CA ALA A 90 -0.49 14.56 -9.06
C ALA A 90 0.48 13.92 -10.05
N ASP A 91 1.39 13.09 -9.54
CA ASP A 91 2.36 12.42 -10.38
C ASP A 91 2.42 10.93 -10.08
N ARG A 92 3.34 10.22 -10.72
CA ARG A 92 3.48 8.79 -10.51
C ARG A 92 4.62 8.50 -9.54
N THR A 93 4.73 9.31 -8.50
CA THR A 93 5.78 9.14 -7.50
C THR A 93 5.49 7.95 -6.59
N VAL A 94 6.54 7.22 -6.24
CA VAL A 94 6.40 6.05 -5.37
C VAL A 94 7.49 6.01 -4.32
N ILE A 95 7.10 5.87 -3.06
CA ILE A 95 8.04 5.83 -1.96
C ILE A 95 8.26 4.40 -1.48
N ASP A 96 9.51 4.02 -1.29
CA ASP A 96 9.84 2.67 -0.82
C ASP A 96 9.63 2.54 0.68
N TYR A 97 9.26 1.36 1.13
CA TYR A 97 9.02 1.12 2.55
C TYR A 97 10.05 0.13 3.11
N ASN A 98 10.96 0.64 3.92
CA ASN A 98 12.00 -0.20 4.52
C ASN A 98 11.99 -0.05 6.04
N GLY A 99 11.00 -0.67 6.68
CA GLY A 99 10.89 -0.61 8.12
C GLY A 99 10.73 -1.98 8.75
N GLU A 100 10.06 -2.03 9.90
CA GLU A 100 9.83 -3.28 10.60
C GLU A 100 8.80 -4.14 9.87
N ARG A 101 8.02 -3.50 9.01
CA ARG A 101 6.99 -4.20 8.25
C ARG A 101 6.01 -4.91 9.18
N THR A 102 5.58 -4.21 10.23
CA THR A 102 4.65 -4.77 11.19
C THR A 102 3.41 -3.90 11.33
N LEU A 103 2.27 -4.53 11.59
CA LEU A 103 1.01 -3.81 11.74
C LEU A 103 1.24 -2.47 12.43
N ASP A 104 1.94 -2.49 13.55
CA ASP A 104 2.23 -1.28 14.30
C ASP A 104 3.27 -0.42 13.59
N GLY A 105 4.23 -1.09 12.96
CA GLY A 105 5.28 -0.38 12.24
C GLY A 105 4.73 0.44 11.09
N PHE A 106 3.69 -0.07 10.45
CA PHE A 106 3.07 0.63 9.31
C PHE A 106 2.43 1.94 9.77
N LYS A 107 1.72 1.88 10.88
CA LYS A 107 1.05 3.06 11.42
C LYS A 107 2.05 4.20 11.63
N LYS A 108 3.26 3.86 12.06
CA LYS A 108 4.30 4.85 12.31
C LYS A 108 4.70 5.54 11.00
N PHE A 109 5.01 4.75 9.99
CA PHE A 109 5.40 5.28 8.69
C PHE A 109 4.30 6.18 8.12
N LEU A 110 3.07 5.72 8.22
CA LEU A 110 1.93 6.48 7.72
C LEU A 110 1.70 7.75 8.54
N GLU A 111 1.37 7.55 9.81
CA GLU A 111 1.13 8.68 10.71
C GLU A 111 2.12 9.81 10.45
N SER A 112 3.37 9.45 10.21
CA SER A 112 4.41 10.44 9.94
C SER A 112 4.13 11.18 8.64
N GLY A 113 3.79 10.43 7.59
CA GLY A 113 3.50 11.04 6.31
C GLY A 113 4.34 10.45 5.19
N GLY A 114 4.83 9.24 5.40
CA GLY A 114 5.65 8.58 4.40
C GLY A 114 7.04 9.19 4.30
N GLN A 115 7.53 9.70 5.42
CA GLN A 115 8.86 10.32 5.47
C GLN A 115 9.90 9.36 4.89
N SER A 116 10.41 9.70 3.71
CA SER A 116 11.42 8.87 3.05
C SER A 116 12.83 9.28 3.49
N GLY A 117 13.03 9.36 4.80
CA GLY A 117 14.33 9.74 5.33
C GLY A 117 14.98 8.63 6.12
N PRO A 118 16.32 8.52 6.00
CA PRO A 118 17.09 7.50 6.70
C PRO A 118 17.14 7.74 8.21
N SER A 119 16.84 8.97 8.62
CA SER A 119 16.86 9.33 10.02
C SER A 119 15.56 8.92 10.71
N SER A 120 15.65 7.90 11.56
CA SER A 120 14.47 7.40 12.27
C SER A 120 14.63 7.62 13.77
N GLY A 121 14.19 8.78 14.25
CA GLY A 121 14.28 9.09 15.66
C GLY A 121 13.36 8.24 16.51
N GLY A 1 -26.79 5.79 6.65
CA GLY A 1 -25.53 5.47 6.00
C GLY A 1 -25.66 4.33 5.01
N SER A 2 -24.64 4.16 4.18
CA SER A 2 -24.64 3.10 3.18
C SER A 2 -25.05 1.77 3.79
N SER A 3 -24.38 1.39 4.87
CA SER A 3 -24.67 0.14 5.55
C SER A 3 -24.51 -1.05 4.61
N GLY A 4 -23.42 -1.05 3.85
CA GLY A 4 -23.16 -2.12 2.92
C GLY A 4 -21.93 -2.94 3.29
N SER A 5 -21.16 -3.35 2.28
CA SER A 5 -19.97 -4.14 2.52
C SER A 5 -18.71 -3.28 2.47
N SER A 6 -18.12 -3.04 3.63
CA SER A 6 -16.91 -2.22 3.72
C SER A 6 -15.70 -3.07 4.06
N GLY A 7 -14.78 -3.19 3.11
CA GLY A 7 -13.58 -3.98 3.34
C GLY A 7 -12.48 -3.19 4.03
N PRO A 8 -11.62 -3.89 4.77
CA PRO A 8 -10.51 -3.28 5.49
C PRO A 8 -9.43 -2.75 4.55
N VAL A 9 -8.99 -3.60 3.63
CA VAL A 9 -7.95 -3.22 2.68
C VAL A 9 -8.47 -3.29 1.25
N LYS A 10 -8.36 -2.19 0.52
CA LYS A 10 -8.82 -2.13 -0.86
C LYS A 10 -7.93 -2.99 -1.77
N VAL A 11 -8.53 -3.57 -2.80
CA VAL A 11 -7.80 -4.41 -3.74
C VAL A 11 -7.54 -3.67 -5.04
N LEU A 12 -6.27 -3.35 -5.30
CA LEU A 12 -5.89 -2.66 -6.52
C LEU A 12 -5.70 -3.63 -7.68
N VAL A 13 -6.04 -3.19 -8.88
CA VAL A 13 -5.91 -4.02 -10.07
C VAL A 13 -5.12 -3.30 -11.16
N GLY A 14 -4.55 -4.08 -12.08
CA GLY A 14 -3.77 -3.49 -13.17
C GLY A 14 -4.62 -2.62 -14.07
N LYS A 15 -5.92 -2.59 -13.82
CA LYS A 15 -6.83 -1.79 -14.62
C LYS A 15 -6.96 -0.37 -14.05
N ASN A 16 -7.24 -0.28 -12.76
CA ASN A 16 -7.37 1.01 -12.10
C ASN A 16 -6.38 1.14 -10.95
N PHE A 17 -5.31 0.37 -11.01
CA PHE A 17 -4.28 0.40 -9.96
C PHE A 17 -3.81 1.82 -9.71
N GLU A 18 -3.10 2.38 -10.69
CA GLU A 18 -2.58 3.74 -10.57
C GLU A 18 -3.69 4.72 -10.18
N ASP A 19 -4.88 4.50 -10.73
CA ASP A 19 -6.02 5.36 -10.45
C ASP A 19 -6.23 5.50 -8.95
N VAL A 20 -6.05 4.39 -8.22
CA VAL A 20 -6.23 4.39 -6.78
C VAL A 20 -4.89 4.57 -6.06
N ALA A 21 -3.81 4.25 -6.76
CA ALA A 21 -2.47 4.37 -6.20
C ALA A 21 -2.00 5.82 -6.24
N PHE A 22 -1.86 6.35 -7.45
CA PHE A 22 -1.41 7.73 -7.64
C PHE A 22 -2.56 8.70 -7.45
N ASP A 23 -3.30 8.54 -6.36
CA ASP A 23 -4.44 9.41 -6.07
C ASP A 23 -3.99 10.66 -5.32
N GLU A 24 -4.17 11.81 -5.95
CA GLU A 24 -3.78 13.08 -5.33
C GLU A 24 -4.59 13.35 -4.07
N LYS A 25 -4.06 14.22 -3.22
CA LYS A 25 -4.75 14.57 -1.97
C LYS A 25 -5.19 13.32 -1.22
N LYS A 26 -4.46 12.23 -1.42
CA LYS A 26 -4.77 10.96 -0.76
C LYS A 26 -3.53 10.07 -0.68
N ASN A 27 -3.23 9.62 0.53
CA ASN A 27 -2.07 8.76 0.76
C ASN A 27 -2.47 7.29 0.72
N VAL A 28 -2.22 6.64 -0.40
CA VAL A 28 -2.54 5.22 -0.57
C VAL A 28 -1.31 4.34 -0.41
N PHE A 29 -1.41 3.37 0.48
CA PHE A 29 -0.29 2.46 0.73
C PHE A 29 -0.58 1.08 0.16
N VAL A 30 -0.03 0.80 -1.02
CA VAL A 30 -0.24 -0.48 -1.68
C VAL A 30 0.74 -1.53 -1.15
N GLU A 31 0.40 -2.80 -1.34
CA GLU A 31 1.25 -3.89 -0.88
C GLU A 31 1.31 -5.00 -1.92
N PHE A 32 2.42 -5.09 -2.63
CA PHE A 32 2.61 -6.12 -3.65
C PHE A 32 3.01 -7.45 -3.03
N TYR A 33 2.05 -8.37 -2.95
CA TYR A 33 2.29 -9.68 -2.37
C TYR A 33 2.29 -10.76 -3.45
N ALA A 34 2.65 -11.98 -3.06
CA ALA A 34 2.69 -13.10 -3.99
C ALA A 34 1.92 -14.30 -3.44
N PRO A 35 1.11 -14.92 -4.30
CA PRO A 35 0.30 -16.09 -3.92
C PRO A 35 1.15 -17.33 -3.67
N TRP A 36 2.45 -17.21 -3.92
CA TRP A 36 3.37 -18.31 -3.72
C TRP A 36 4.47 -17.94 -2.73
N CYS A 37 4.59 -16.64 -2.46
CA CYS A 37 5.61 -16.16 -1.52
C CYS A 37 5.23 -16.49 -0.09
N GLY A 38 5.98 -17.42 0.52
CA GLY A 38 5.71 -17.81 1.88
C GLY A 38 5.58 -16.63 2.81
N HIS A 39 6.45 -15.64 2.64
CA HIS A 39 6.44 -14.45 3.47
C HIS A 39 5.08 -13.75 3.41
N CYS A 40 4.50 -13.71 2.22
CA CYS A 40 3.20 -13.08 2.02
C CYS A 40 2.14 -13.74 2.91
N LYS A 41 2.08 -15.06 2.87
CA LYS A 41 1.12 -15.81 3.66
C LYS A 41 1.05 -15.27 5.09
N GLN A 42 2.14 -14.65 5.54
CA GLN A 42 2.20 -14.09 6.88
C GLN A 42 1.77 -12.63 6.88
N LEU A 43 1.96 -11.97 5.75
CA LEU A 43 1.59 -10.56 5.62
C LEU A 43 0.09 -10.41 5.34
N ALA A 44 -0.53 -11.49 4.91
CA ALA A 44 -1.96 -11.48 4.61
C ALA A 44 -2.76 -10.92 5.78
N PRO A 45 -2.54 -11.50 6.97
CA PRO A 45 -3.23 -11.08 8.20
C PRO A 45 -2.77 -9.70 8.67
N ILE A 46 -1.46 -9.52 8.76
CA ILE A 46 -0.88 -8.26 9.20
C ILE A 46 -1.37 -7.10 8.33
N TRP A 47 -1.44 -7.35 7.02
CA TRP A 47 -1.89 -6.32 6.09
C TRP A 47 -3.40 -6.07 6.24
N ASP A 48 -4.15 -7.13 6.47
CA ASP A 48 -5.60 -7.01 6.64
C ASP A 48 -5.94 -6.34 7.96
N LYS A 49 -5.07 -6.51 8.95
CA LYS A 49 -5.26 -5.92 10.27
C LYS A 49 -4.96 -4.43 10.25
N LEU A 50 -4.10 -4.02 9.33
CA LEU A 50 -3.72 -2.62 9.21
C LEU A 50 -4.70 -1.87 8.31
N GLY A 51 -5.17 -2.55 7.27
CA GLY A 51 -6.11 -1.93 6.34
C GLY A 51 -7.39 -1.48 7.03
N GLU A 52 -7.92 -2.32 7.91
CA GLU A 52 -9.14 -2.00 8.63
C GLU A 52 -8.94 -0.76 9.51
N THR A 53 -7.71 -0.53 9.93
CA THR A 53 -7.39 0.62 10.78
C THR A 53 -7.55 1.93 10.00
N TYR A 54 -7.16 1.90 8.74
CA TYR A 54 -7.25 3.09 7.89
C TYR A 54 -8.21 2.85 6.72
N LYS A 55 -9.24 2.05 6.97
CA LYS A 55 -10.23 1.74 5.95
C LYS A 55 -11.20 2.89 5.77
N ASP A 56 -11.46 3.62 6.85
CA ASP A 56 -12.37 4.75 6.81
C ASP A 56 -11.63 6.06 7.10
N HIS A 57 -10.32 6.06 6.87
CA HIS A 57 -9.50 7.23 7.11
C HIS A 57 -9.91 8.38 6.19
N GLU A 58 -9.17 9.48 6.26
CA GLU A 58 -9.47 10.64 5.44
C GLU A 58 -8.46 10.77 4.29
N ASN A 59 -7.20 10.52 4.60
CA ASN A 59 -6.14 10.60 3.60
C ASN A 59 -5.41 9.26 3.46
N ILE A 60 -5.37 8.50 4.55
CA ILE A 60 -4.70 7.21 4.56
C ILE A 60 -5.63 6.11 4.03
N VAL A 61 -5.25 5.54 2.89
CA VAL A 61 -6.05 4.48 2.29
C VAL A 61 -5.18 3.26 1.98
N ILE A 62 -5.37 2.19 2.76
CA ILE A 62 -4.60 0.97 2.56
C ILE A 62 -5.16 0.15 1.40
N ALA A 63 -4.25 -0.45 0.63
CA ALA A 63 -4.65 -1.26 -0.52
C ALA A 63 -3.64 -2.37 -0.78
N LYS A 64 -4.07 -3.43 -1.46
CA LYS A 64 -3.21 -4.55 -1.78
C LYS A 64 -3.34 -4.95 -3.25
N MET A 65 -2.23 -5.35 -3.85
CA MET A 65 -2.23 -5.76 -5.26
C MET A 65 -1.36 -6.99 -5.47
N ASP A 66 -1.75 -7.83 -6.42
CA ASP A 66 -1.00 -9.05 -6.71
C ASP A 66 -0.04 -8.83 -7.88
N SER A 67 1.23 -8.62 -7.57
CA SER A 67 2.25 -8.39 -8.59
C SER A 67 2.40 -9.61 -9.49
N THR A 68 1.94 -10.76 -8.99
CA THR A 68 2.03 -12.00 -9.76
C THR A 68 0.83 -12.17 -10.67
N ALA A 69 -0.23 -11.40 -10.41
CA ALA A 69 -1.44 -11.48 -11.22
C ALA A 69 -1.64 -10.19 -12.01
N ASN A 70 -0.97 -9.12 -11.58
CA ASN A 70 -1.08 -7.83 -12.26
C ASN A 70 0.28 -7.16 -12.37
N GLU A 71 0.56 -6.60 -13.54
CA GLU A 71 1.83 -5.92 -13.79
C GLU A 71 1.61 -4.51 -14.32
N VAL A 72 2.45 -3.57 -13.89
CA VAL A 72 2.35 -2.19 -14.31
C VAL A 72 3.73 -1.54 -14.44
N GLU A 73 3.89 -0.71 -15.47
CA GLU A 73 5.16 -0.04 -15.70
C GLU A 73 5.41 1.04 -14.64
N ALA A 74 4.34 1.67 -14.19
CA ALA A 74 4.44 2.71 -13.17
C ALA A 74 5.06 2.17 -11.89
N VAL A 75 5.09 0.84 -11.76
CA VAL A 75 5.67 0.20 -10.59
C VAL A 75 6.30 -1.14 -10.95
N LYS A 76 7.62 -1.22 -10.83
CA LYS A 76 8.35 -2.44 -11.13
C LYS A 76 8.76 -3.16 -9.86
N VAL A 77 8.09 -4.26 -9.56
CA VAL A 77 8.39 -5.04 -8.36
C VAL A 77 9.16 -6.31 -8.71
N HIS A 78 10.41 -6.37 -8.29
CA HIS A 78 11.26 -7.53 -8.56
C HIS A 78 11.52 -8.32 -7.28
N SER A 79 10.59 -8.22 -6.34
CA SER A 79 10.73 -8.93 -5.06
C SER A 79 9.42 -8.88 -4.28
N PHE A 80 9.31 -9.74 -3.27
CA PHE A 80 8.11 -9.79 -2.45
C PHE A 80 8.41 -10.49 -1.11
N PRO A 81 7.65 -10.11 -0.08
CA PRO A 81 6.59 -9.09 -0.18
C PRO A 81 7.16 -7.69 -0.41
N THR A 82 6.45 -6.89 -1.19
CA THR A 82 6.89 -5.53 -1.48
C THR A 82 5.80 -4.52 -1.14
N LEU A 83 6.18 -3.44 -0.47
CA LEU A 83 5.24 -2.39 -0.10
C LEU A 83 5.61 -1.06 -0.74
N LYS A 84 4.61 -0.37 -1.28
CA LYS A 84 4.84 0.92 -1.92
C LYS A 84 3.84 1.96 -1.40
N PHE A 85 4.37 3.09 -0.95
CA PHE A 85 3.53 4.16 -0.42
C PHE A 85 3.36 5.27 -1.45
N PHE A 86 2.11 5.53 -1.82
CA PHE A 86 1.81 6.57 -2.80
C PHE A 86 1.32 7.85 -2.12
N PRO A 87 2.17 8.88 -2.13
CA PRO A 87 1.85 10.18 -1.52
C PRO A 87 0.77 10.93 -2.28
N ALA A 88 0.30 12.03 -1.70
CA ALA A 88 -0.74 12.84 -2.33
C ALA A 88 -0.14 13.79 -3.36
N SER A 89 0.81 13.27 -4.15
CA SER A 89 1.46 14.08 -5.18
C SER A 89 0.94 13.72 -6.56
N ALA A 90 0.70 14.74 -7.38
CA ALA A 90 0.20 14.53 -8.73
C ALA A 90 1.35 14.27 -9.70
N ASP A 91 2.47 13.80 -9.18
CA ASP A 91 3.64 13.50 -9.99
C ASP A 91 3.90 12.01 -10.05
N ARG A 92 2.83 11.22 -10.00
CA ARG A 92 2.94 9.77 -10.05
C ARG A 92 4.19 9.30 -9.33
N THR A 93 4.38 9.77 -8.09
CA THR A 93 5.54 9.40 -7.30
C THR A 93 5.23 8.22 -6.38
N VAL A 94 6.21 7.35 -6.17
CA VAL A 94 6.03 6.20 -5.31
C VAL A 94 7.17 6.07 -4.31
N ILE A 95 6.83 6.06 -3.02
CA ILE A 95 7.82 5.96 -1.97
C ILE A 95 8.10 4.49 -1.62
N ASP A 96 9.36 4.19 -1.34
CA ASP A 96 9.76 2.83 -0.99
C ASP A 96 9.71 2.61 0.52
N TYR A 97 8.90 1.64 0.95
CA TYR A 97 8.76 1.34 2.36
C TYR A 97 9.88 0.41 2.84
N ASN A 98 10.66 0.89 3.80
CA ASN A 98 11.77 0.11 4.34
C ASN A 98 11.78 0.16 5.86
N GLY A 99 10.71 -0.34 6.48
CA GLY A 99 10.61 -0.34 7.92
C GLY A 99 10.58 -1.74 8.49
N GLU A 100 9.92 -1.89 9.65
CA GLU A 100 9.82 -3.18 10.31
C GLU A 100 8.83 -4.08 9.58
N ARG A 101 8.01 -3.48 8.73
CA ARG A 101 7.01 -4.22 7.97
C ARG A 101 6.02 -4.91 8.91
N THR A 102 5.66 -4.23 9.98
CA THR A 102 4.73 -4.78 10.97
C THR A 102 3.45 -3.94 11.05
N LEU A 103 2.40 -4.51 11.62
CA LEU A 103 1.14 -3.81 11.76
C LEU A 103 1.32 -2.46 12.44
N ASP A 104 2.05 -2.47 13.56
CA ASP A 104 2.31 -1.24 14.30
C ASP A 104 3.35 -0.37 13.58
N GLY A 105 4.32 -1.02 12.96
CA GLY A 105 5.35 -0.31 12.24
C GLY A 105 4.81 0.49 11.08
N PHE A 106 3.76 -0.03 10.44
CA PHE A 106 3.14 0.63 9.30
C PHE A 106 2.48 1.94 9.73
N LYS A 107 1.75 1.88 10.84
CA LYS A 107 1.06 3.07 11.36
C LYS A 107 2.04 4.22 11.55
N LYS A 108 3.22 3.90 12.05
CA LYS A 108 4.26 4.92 12.29
C LYS A 108 4.66 5.59 10.98
N PHE A 109 4.83 4.79 9.94
CA PHE A 109 5.22 5.32 8.64
C PHE A 109 4.12 6.20 8.05
N LEU A 110 2.88 5.72 8.13
CA LEU A 110 1.74 6.47 7.61
C LEU A 110 1.50 7.73 8.43
N GLU A 111 1.22 7.56 9.71
CA GLU A 111 0.97 8.69 10.60
C GLU A 111 1.92 9.85 10.29
N SER A 112 3.17 9.51 10.02
CA SER A 112 4.19 10.51 9.70
C SER A 112 3.89 11.20 8.37
N GLY A 113 3.39 10.42 7.42
CA GLY A 113 3.06 10.96 6.12
C GLY A 113 4.01 10.48 5.03
N GLY A 114 4.57 9.28 5.23
CA GLY A 114 5.50 8.72 4.26
C GLY A 114 6.94 9.11 4.55
N GLN A 115 7.34 8.97 5.80
CA GLN A 115 8.71 9.30 6.20
C GLN A 115 9.49 8.05 6.58
N SER A 116 10.60 7.82 5.88
CA SER A 116 11.42 6.65 6.15
C SER A 116 12.79 7.06 6.70
N GLY A 117 13.47 7.94 5.97
CA GLY A 117 14.78 8.41 6.40
C GLY A 117 15.27 9.59 5.59
N PRO A 118 16.58 9.89 5.69
CA PRO A 118 17.19 11.00 4.97
C PRO A 118 17.28 10.74 3.48
N SER A 119 16.17 10.97 2.77
CA SER A 119 16.13 10.76 1.33
C SER A 119 16.73 11.94 0.58
N SER A 120 18.01 11.83 0.25
CA SER A 120 18.71 12.90 -0.46
C SER A 120 18.25 14.27 0.03
N GLY A 121 18.07 14.39 1.34
CA GLY A 121 17.63 15.66 1.91
C GLY A 121 16.84 15.46 3.19
#